data_9FH8
#
_entry.id   9FH8
#
_cell.length_a   183.300
_cell.length_b   183.300
_cell.length_c   190.044
_cell.angle_alpha   90.00
_cell.angle_beta   90.00
_cell.angle_gamma   90.00
#
_symmetry.space_group_name_H-M   'I 41'
#
_entity_poly.entity_id   1
_entity_poly.type   'polypeptide(L)'
_entity_poly.pdbx_seq_one_letter_code
;GPSGRNSSLSSVSGSTVAGDKIPIKTTHAALSWNSLKIGKSEIKEFTIRNTSNNKIKIQATISDSEKNFRFLRERETIGT
TIVLALQGSESRTLSVVFSPHHIGAASGKIIFRHYQSKKEDSESLPSRQIFLYGYGGYSKVEISEVFKDTNGK(MSE)WL
SFG(MSE)LNSENSLNAKIKLQNTGDLCSYVKIKLTPKAVYPT(MSE)ISSWQVNPTELLLNPKEVQWVTLEFHPRKEDL
ALLQKSDVSHVGTLLITHGDEPTRLRIRRLYKK(MSE)KETGELNGNENETFRNIVHPICKVFSGEQLVSDVIPIRDSVQ
NFGDLCREIRQHEI(MSE)LT(MSE)EVCADETLTVLHDNPDESQ
;
_entity_poly.pdbx_strand_id   A,B,C,D,E,F,G,H
#
# COMPACT_ATOMS: atom_id res chain seq x y z
N ILE A 22 39.05 -6.69 -41.09
CA ILE A 22 39.39 -7.89 -40.33
C ILE A 22 38.34 -8.16 -39.27
N PRO A 23 37.42 -9.08 -39.56
CA PRO A 23 36.39 -9.43 -38.57
C PRO A 23 36.97 -10.20 -37.39
N ILE A 24 37.09 -9.54 -36.24
CA ILE A 24 37.76 -10.13 -35.10
C ILE A 24 37.29 -9.39 -33.86
N LYS A 25 37.30 -10.09 -32.72
CA LYS A 25 36.89 -9.48 -31.45
C LYS A 25 37.64 -10.19 -30.33
N THR A 26 38.67 -9.53 -29.81
CA THR A 26 39.45 -10.06 -28.70
C THR A 26 38.70 -9.86 -27.39
N THR A 27 39.16 -10.55 -26.35
CA THR A 27 38.60 -10.38 -25.02
C THR A 27 39.31 -9.26 -24.27
N HIS A 28 40.64 -9.32 -24.23
CA HIS A 28 41.44 -8.27 -23.60
C HIS A 28 41.78 -7.20 -24.62
N ALA A 29 41.39 -5.95 -24.34
CA ALA A 29 41.80 -4.87 -25.23
C ALA A 29 43.30 -4.66 -25.17
N ALA A 30 43.89 -4.96 -24.02
CA ALA A 30 45.34 -4.91 -23.83
C ALA A 30 45.71 -5.92 -22.75
N LEU A 31 46.98 -6.29 -22.72
CA LEU A 31 47.51 -7.20 -21.73
C LEU A 31 48.62 -6.50 -20.97
N SER A 32 48.49 -6.44 -19.64
CA SER A 32 49.47 -5.81 -18.78
C SER A 32 49.93 -6.79 -17.72
N TRP A 33 51.24 -6.92 -17.58
CA TRP A 33 51.89 -7.76 -16.58
C TRP A 33 52.30 -6.97 -15.36
N ASN A 34 52.52 -7.70 -14.27
CA ASN A 34 53.01 -7.15 -13.01
C ASN A 34 54.51 -6.88 -13.14
N SER A 35 55.22 -6.91 -12.01
CA SER A 35 56.66 -6.67 -12.02
C SER A 35 57.37 -8.00 -11.83
N LEU A 36 58.31 -8.30 -12.72
CA LEU A 36 58.96 -9.60 -12.79
C LEU A 36 60.46 -9.47 -12.70
N LYS A 37 61.07 -10.41 -11.99
CA LYS A 37 62.53 -10.46 -11.88
C LYS A 37 63.14 -10.75 -13.24
N ILE A 38 64.37 -10.24 -13.44
CA ILE A 38 65.11 -10.55 -14.65
C ILE A 38 65.37 -12.05 -14.69
N GLY A 39 65.14 -12.66 -15.85
CA GLY A 39 65.30 -14.08 -15.98
C GLY A 39 64.12 -14.89 -15.49
N LYS A 40 62.94 -14.29 -15.45
CA LYS A 40 61.70 -14.96 -15.10
C LYS A 40 60.64 -14.58 -16.12
N SER A 41 59.77 -15.53 -16.45
CA SER A 41 58.81 -15.36 -17.54
C SER A 41 57.41 -15.62 -17.02
N GLU A 42 56.49 -14.73 -17.35
CA GLU A 42 55.07 -14.92 -17.02
C GLU A 42 54.27 -15.04 -18.31
N ILE A 43 53.30 -15.94 -18.30
CA ILE A 43 52.46 -16.21 -19.45
C ILE A 43 51.10 -15.59 -19.20
N LYS A 44 50.49 -15.04 -20.26
CA LYS A 44 49.10 -14.63 -20.17
C LYS A 44 48.43 -14.91 -21.50
N GLU A 45 47.21 -15.41 -21.45
CA GLU A 45 46.47 -15.81 -22.63
C GLU A 45 45.25 -14.92 -22.82
N PHE A 46 44.80 -14.86 -24.07
CA PHE A 46 43.61 -14.11 -24.44
C PHE A 46 42.90 -14.85 -25.57
N THR A 47 41.58 -14.81 -25.55
CA THR A 47 40.75 -15.57 -26.47
C THR A 47 40.39 -14.67 -27.66
N ILE A 48 40.89 -15.02 -28.84
CA ILE A 48 40.61 -14.30 -30.06
C ILE A 48 39.49 -15.02 -30.81
N ARG A 49 38.50 -14.25 -31.27
CA ARG A 49 37.29 -14.81 -31.86
C ARG A 49 36.98 -14.15 -33.19
N ASN A 50 36.70 -14.98 -34.20
CA ASN A 50 36.15 -14.51 -35.46
C ASN A 50 34.66 -14.22 -35.29
N THR A 51 34.20 -13.13 -35.89
CA THR A 51 32.80 -12.76 -35.87
C THR A 51 32.06 -13.15 -37.15
N SER A 52 32.73 -13.07 -38.30
CA SER A 52 32.11 -13.43 -39.57
C SER A 52 32.01 -14.94 -39.71
N ASN A 53 30.92 -15.38 -40.35
CA ASN A 53 30.72 -16.80 -40.65
C ASN A 53 31.51 -17.27 -41.86
N ASN A 54 32.44 -16.46 -42.36
CA ASN A 54 33.28 -16.83 -43.47
C ASN A 54 34.57 -17.49 -42.96
N LYS A 55 35.54 -17.65 -43.86
CA LYS A 55 36.85 -18.22 -43.53
C LYS A 55 37.88 -17.09 -43.60
N ILE A 56 38.44 -16.73 -42.45
CA ILE A 56 39.48 -15.72 -42.39
C ILE A 56 40.80 -16.40 -42.07
N LYS A 57 41.89 -15.74 -42.44
CA LYS A 57 43.23 -16.26 -42.16
C LYS A 57 44.13 -15.07 -41.86
N ILE A 58 44.55 -14.94 -40.61
CA ILE A 58 45.22 -13.74 -40.13
C ILE A 58 46.61 -14.08 -39.63
N GLN A 59 47.50 -13.08 -39.74
CA GLN A 59 48.87 -13.14 -39.27
C GLN A 59 49.03 -12.26 -38.05
N ALA A 60 49.63 -12.80 -36.99
CA ALA A 60 49.86 -12.09 -35.74
C ALA A 60 51.36 -11.86 -35.58
N THR A 61 51.79 -10.60 -35.64
CA THR A 61 53.19 -10.26 -35.50
C THR A 61 53.38 -9.35 -34.29
N ILE A 62 54.33 -9.70 -33.43
CA ILE A 62 54.67 -8.88 -32.27
C ILE A 62 55.83 -7.96 -32.62
N SER A 63 55.54 -6.66 -32.70
CA SER A 63 56.56 -5.66 -33.00
C SER A 63 57.21 -5.23 -31.68
N ASP A 64 58.21 -6.00 -31.23
CA ASP A 64 58.86 -5.77 -29.95
C ASP A 64 60.28 -5.27 -30.19
N SER A 65 60.61 -4.13 -29.58
CA SER A 65 61.91 -3.50 -29.76
C SER A 65 62.95 -3.99 -28.76
N GLU A 66 62.55 -4.34 -27.54
CA GLU A 66 63.49 -4.72 -26.49
C GLU A 66 63.48 -6.22 -26.23
N LYS A 67 62.83 -7.00 -27.09
CA LYS A 67 62.76 -8.46 -26.97
C LYS A 67 62.15 -8.87 -25.63
N ASN A 68 61.13 -8.15 -25.18
CA ASN A 68 60.46 -8.46 -23.92
C ASN A 68 59.31 -9.43 -24.06
N PHE A 69 58.60 -9.43 -25.19
CA PHE A 69 57.41 -10.24 -25.33
C PHE A 69 57.61 -11.24 -26.46
N ARG A 70 57.20 -12.48 -26.24
CA ARG A 70 57.29 -13.55 -27.24
C ARG A 70 55.99 -14.33 -27.26
N PHE A 71 55.90 -15.29 -28.18
CA PHE A 71 54.73 -16.15 -28.27
C PHE A 71 55.03 -17.55 -27.72
N LEU A 72 54.05 -18.43 -27.83
CA LEU A 72 54.16 -19.79 -27.35
C LEU A 72 53.89 -20.77 -28.50
N ILE A 78 57.16 -20.17 -29.59
CA ILE A 78 57.68 -20.36 -30.93
C ILE A 78 58.66 -19.24 -31.28
N GLY A 79 58.12 -18.05 -31.53
CA GLY A 79 58.94 -16.93 -31.93
C GLY A 79 58.23 -15.59 -31.91
N THR A 80 58.49 -14.76 -32.92
CA THR A 80 57.99 -13.39 -32.97
C THR A 80 56.89 -13.21 -34.00
N THR A 81 56.43 -14.28 -34.65
CA THR A 81 55.40 -14.18 -35.67
C THR A 81 54.73 -15.53 -35.86
N ILE A 82 53.40 -15.53 -35.87
CA ILE A 82 52.60 -16.72 -36.12
C ILE A 82 51.51 -16.38 -37.13
N VAL A 83 50.69 -17.38 -37.45
CA VAL A 83 49.60 -17.21 -38.40
C VAL A 83 48.56 -18.30 -38.13
N LEU A 84 47.29 -17.90 -38.15
CA LEU A 84 46.22 -18.84 -37.84
C LEU A 84 44.97 -18.52 -38.66
N ALA A 85 44.18 -19.55 -38.91
CA ALA A 85 42.94 -19.42 -39.69
C ALA A 85 41.74 -19.71 -38.80
N LEU A 86 40.65 -18.99 -39.06
CA LEU A 86 39.42 -19.07 -38.27
C LEU A 86 38.24 -19.26 -39.23
N GLN A 87 37.46 -20.31 -39.00
CA GLN A 87 36.42 -20.75 -39.92
C GLN A 87 35.03 -20.53 -39.32
N GLY A 88 34.46 -19.36 -39.61
CA GLY A 88 33.09 -19.08 -39.22
C GLY A 88 32.84 -19.14 -37.73
N SER A 89 33.43 -18.20 -36.99
CA SER A 89 33.39 -18.09 -35.54
C SER A 89 34.20 -19.20 -34.85
N GLU A 90 34.75 -20.15 -35.61
CA GLU A 90 35.74 -21.07 -35.08
C GLU A 90 36.96 -20.27 -34.65
N SER A 91 37.22 -20.23 -33.35
CA SER A 91 38.11 -19.24 -32.76
C SER A 91 39.15 -19.95 -31.90
N ARG A 92 40.08 -19.17 -31.33
CA ARG A 92 41.21 -19.79 -30.64
C ARG A 92 41.59 -18.94 -29.44
N THR A 93 42.60 -19.40 -28.70
CA THR A 93 43.15 -18.68 -27.56
C THR A 93 44.66 -18.64 -27.68
N LEU A 94 45.21 -17.44 -27.79
CA LEU A 94 46.64 -17.23 -27.94
C LEU A 94 47.26 -16.90 -26.59
N SER A 95 48.53 -17.26 -26.44
CA SER A 95 49.25 -17.06 -25.19
C SER A 95 50.57 -16.36 -25.48
N VAL A 96 50.86 -15.32 -24.72
CA VAL A 96 52.06 -14.51 -24.89
C VAL A 96 52.87 -14.55 -23.59
N VAL A 97 54.19 -14.63 -23.75
CA VAL A 97 55.11 -14.73 -22.62
C VAL A 97 55.89 -13.43 -22.50
N PHE A 98 56.28 -13.11 -21.26
CA PHE A 98 56.99 -11.89 -20.93
C PHE A 98 58.19 -12.21 -20.05
N SER A 99 59.36 -11.76 -20.49
CA SER A 99 60.62 -11.94 -19.76
C SER A 99 61.39 -10.62 -19.80
N PRO A 100 61.34 -9.83 -18.73
CA PRO A 100 62.07 -8.55 -18.74
C PRO A 100 63.58 -8.73 -18.63
N HIS A 101 64.30 -8.42 -19.70
CA HIS A 101 65.75 -8.59 -19.66
C HIS A 101 66.44 -7.46 -18.91
N HIS A 102 65.99 -6.22 -19.08
CA HIS A 102 66.52 -5.07 -18.37
C HIS A 102 65.50 -4.56 -17.37
N ILE A 103 65.99 -4.16 -16.19
CA ILE A 103 65.12 -3.46 -15.24
C ILE A 103 64.58 -2.20 -15.88
N GLY A 104 63.26 -2.05 -15.87
CA GLY A 104 62.64 -0.95 -16.58
C GLY A 104 61.40 -1.32 -17.36
N ALA A 105 60.75 -0.33 -17.96
CA ALA A 105 59.48 -0.56 -18.62
C ALA A 105 59.67 -1.36 -19.92
N ALA A 106 58.56 -1.93 -20.38
CA ALA A 106 58.55 -2.72 -21.60
C ALA A 106 57.20 -2.54 -22.25
N SER A 107 57.19 -2.01 -23.47
CA SER A 107 55.97 -1.77 -24.21
C SER A 107 56.09 -2.37 -25.59
N GLY A 108 55.09 -3.16 -25.99
CA GLY A 108 55.07 -3.75 -27.30
C GLY A 108 53.67 -3.70 -27.88
N LYS A 109 53.53 -4.24 -29.08
CA LYS A 109 52.20 -4.31 -29.70
C LYS A 109 52.15 -5.47 -30.67
N ILE A 110 51.11 -6.29 -30.52
CA ILE A 110 50.77 -7.34 -31.47
C ILE A 110 49.83 -6.77 -32.52
N ILE A 111 50.17 -7.01 -33.78
CA ILE A 111 49.39 -6.53 -34.92
C ILE A 111 48.84 -7.75 -35.65
N PHE A 112 47.53 -7.75 -35.86
CA PHE A 112 46.84 -8.76 -36.64
C PHE A 112 46.57 -8.18 -38.03
N ARG A 113 47.31 -8.65 -39.02
CA ARG A 113 47.08 -8.34 -40.43
C ARG A 113 46.44 -9.54 -41.12
N HIS A 114 46.09 -9.36 -42.38
CA HIS A 114 45.59 -10.47 -43.18
C HIS A 114 46.72 -11.10 -43.96
N TYR A 115 46.62 -12.41 -44.17
CA TYR A 115 47.68 -13.16 -44.85
C TYR A 115 47.25 -13.59 -46.25
N PRO A 126 44.29 -2.01 -43.89
CA PRO A 126 43.53 -2.79 -42.91
C PRO A 126 44.43 -3.38 -41.83
N SER A 127 44.05 -3.20 -40.56
CA SER A 127 44.88 -3.67 -39.46
C SER A 127 44.02 -3.85 -38.22
N ARG A 128 44.46 -4.76 -37.35
CA ARG A 128 43.96 -4.87 -35.99
C ARG A 128 45.13 -4.75 -35.04
N GLN A 129 44.93 -4.07 -33.91
CA GLN A 129 46.04 -3.75 -33.02
C GLN A 129 45.66 -4.06 -31.59
N ILE A 130 46.55 -4.77 -30.88
CA ILE A 130 46.47 -4.89 -29.43
C ILE A 130 47.84 -4.54 -28.87
N PHE A 131 47.87 -3.79 -27.78
CA PHE A 131 49.11 -3.30 -27.20
C PHE A 131 49.37 -3.97 -25.85
N LEU A 132 50.66 -4.15 -25.53
CA LEU A 132 51.09 -4.93 -24.38
C LEU A 132 52.05 -4.13 -23.52
N TYR A 133 51.91 -4.27 -22.20
CA TYR A 133 52.69 -3.50 -21.24
C TYR A 133 53.21 -4.41 -20.12
N GLY A 134 54.45 -4.15 -19.71
CA GLY A 134 55.10 -4.90 -18.64
C GLY A 134 56.19 -4.02 -18.08
N TYR A 135 56.71 -4.43 -16.92
CA TYR A 135 57.74 -3.63 -16.27
C TYR A 135 58.58 -4.53 -15.38
N GLY A 136 59.91 -4.46 -15.54
CA GLY A 136 60.81 -5.44 -14.97
C GLY A 136 61.64 -4.90 -13.83
N GLY A 137 62.05 -5.80 -12.95
CA GLY A 137 62.57 -5.48 -11.64
C GLY A 137 61.66 -6.04 -10.54
N TYR A 138 62.17 -5.95 -9.31
CA TYR A 138 61.41 -6.47 -8.18
C TYR A 138 61.86 -5.74 -6.92
N SER A 139 61.17 -6.04 -5.82
CA SER A 139 61.51 -5.51 -4.51
C SER A 139 61.20 -6.56 -3.45
N LYS A 140 62.14 -6.78 -2.53
CA LYS A 140 61.98 -7.75 -1.46
C LYS A 140 62.31 -7.05 -0.14
N VAL A 141 61.28 -6.49 0.49
CA VAL A 141 61.43 -5.87 1.80
C VAL A 141 61.54 -6.96 2.85
N GLU A 142 62.69 -7.03 3.51
CA GLU A 142 62.98 -8.02 4.53
C GLU A 142 62.84 -7.36 5.90
N ILE A 143 61.98 -7.93 6.73
CA ILE A 143 61.83 -7.50 8.12
C ILE A 143 62.84 -8.27 8.96
N SER A 144 63.54 -7.56 9.84
CA SER A 144 64.61 -8.13 10.64
C SER A 144 64.50 -7.57 12.06
N GLU A 145 65.20 -8.24 12.98
CA GLU A 145 65.13 -7.98 14.41
C GLU A 145 63.77 -8.33 14.99
N VAL A 146 62.99 -9.11 14.26
CA VAL A 146 61.74 -9.69 14.73
C VAL A 146 61.92 -11.19 14.77
N PHE A 147 61.09 -11.87 15.55
CA PHE A 147 61.16 -13.31 15.68
C PHE A 147 60.15 -13.97 14.75
N LYS A 148 60.58 -15.05 14.10
CA LYS A 148 59.75 -15.80 13.17
C LYS A 148 59.62 -17.22 13.68
N ASP A 149 58.39 -17.72 13.75
CA ASP A 149 58.13 -19.06 14.23
C ASP A 149 58.00 -20.04 13.07
N THR A 150 58.12 -21.33 13.39
CA THR A 150 57.88 -22.38 12.42
C THR A 150 56.47 -22.31 11.85
N ASN A 151 55.50 -21.86 12.65
CA ASN A 151 54.13 -21.74 12.15
C ASN A 151 54.03 -20.73 11.01
N GLY A 152 54.68 -19.58 11.15
CA GLY A 152 54.67 -18.60 10.09
C GLY A 152 54.57 -17.17 10.59
N LYS A 153 54.06 -17.01 11.81
CA LYS A 153 53.84 -15.69 12.38
C LYS A 153 55.16 -14.97 12.64
N TRP A 155 56.88 -12.23 15.50
CA TRP A 155 56.66 -11.89 16.90
C TRP A 155 57.66 -10.85 17.36
N LEU A 156 57.15 -9.78 17.98
CA LEU A 156 58.00 -8.73 18.55
C LEU A 156 57.58 -8.49 19.99
N SER A 157 58.52 -8.63 20.92
CA SER A 157 58.26 -8.44 22.34
C SER A 157 58.86 -7.12 22.81
N PHE A 158 58.07 -6.38 23.61
CA PHE A 158 58.58 -5.14 24.19
C PHE A 158 59.42 -5.40 25.44
N GLY A 159 59.14 -6.47 26.18
CA GLY A 159 59.84 -6.76 27.41
C GLY A 159 58.90 -6.81 28.60
N LEU A 161 57.13 -4.82 31.84
CA LEU A 161 56.74 -3.49 32.32
C LEU A 161 57.42 -3.18 33.63
N ASN A 162 58.40 -2.30 33.60
CA ASN A 162 58.99 -1.76 34.82
C ASN A 162 58.13 -0.61 35.32
N SER A 163 57.99 -0.51 36.64
CA SER A 163 57.15 0.53 37.23
C SER A 163 57.68 1.91 36.85
N GLU A 164 56.76 2.83 36.61
CA GLU A 164 57.02 4.23 36.29
C GLU A 164 57.76 4.42 34.97
N ASN A 165 57.98 3.34 34.22
CA ASN A 165 58.64 3.41 32.92
C ASN A 165 57.68 2.98 31.81
N SER A 166 58.10 3.23 30.57
CA SER A 166 57.39 2.83 29.38
C SER A 166 58.30 1.97 28.52
N LEU A 167 57.72 1.30 27.54
CA LEU A 167 58.45 0.30 26.76
C LEU A 167 58.67 0.79 25.34
N ASN A 168 59.63 0.17 24.66
CA ASN A 168 59.97 0.55 23.30
C ASN A 168 60.77 -0.56 22.63
N ALA A 169 60.64 -0.64 21.31
CA ALA A 169 61.32 -1.64 20.52
C ALA A 169 61.59 -1.10 19.11
N LYS A 170 62.32 -1.88 18.32
CA LYS A 170 62.71 -1.45 16.99
C LYS A 170 62.71 -2.65 16.04
N ILE A 171 62.50 -2.36 14.75
CA ILE A 171 62.52 -3.36 13.69
C ILE A 171 63.33 -2.81 12.52
N LYS A 172 63.96 -3.71 11.77
CA LYS A 172 64.82 -3.35 10.66
C LYS A 172 64.13 -3.70 9.35
N LEU A 173 64.18 -2.79 8.37
CA LEU A 173 63.59 -2.99 7.06
C LEU A 173 64.68 -2.83 6.02
N GLN A 174 64.88 -3.88 5.22
CA GLN A 174 65.94 -3.92 4.21
C GLN A 174 65.35 -4.17 2.84
N ASN A 175 65.71 -3.32 1.87
CA ASN A 175 65.28 -3.50 0.50
C ASN A 175 66.35 -4.26 -0.27
N THR A 176 66.08 -5.53 -0.59
CA THR A 176 67.01 -6.37 -1.31
C THR A 176 66.63 -6.49 -2.79
N GLY A 177 65.78 -5.61 -3.30
CA GLY A 177 65.30 -5.67 -4.65
C GLY A 177 66.08 -4.78 -5.61
N ASP A 178 65.49 -4.58 -6.79
CA ASP A 178 66.08 -3.74 -7.82
C ASP A 178 65.31 -2.46 -8.06
N LEU A 179 64.05 -2.39 -7.64
CA LEU A 179 63.22 -1.20 -7.78
C LEU A 179 63.01 -0.56 -6.42
N CYS A 180 62.45 0.65 -6.44
CA CYS A 180 62.09 1.32 -5.21
C CYS A 180 60.95 0.58 -4.53
N SER A 181 60.95 0.63 -3.20
CA SER A 181 60.00 -0.11 -2.39
C SER A 181 59.16 0.85 -1.57
N TYR A 182 57.92 0.46 -1.31
CA TYR A 182 56.96 1.27 -0.58
C TYR A 182 56.48 0.49 0.64
N VAL A 183 56.36 1.21 1.76
CA VAL A 183 56.03 0.62 3.06
C VAL A 183 55.06 1.55 3.78
N LYS A 184 53.87 1.04 4.08
CA LYS A 184 52.88 1.70 4.92
C LYS A 184 52.67 0.88 6.17
N ILE A 185 52.87 1.50 7.33
CA ILE A 185 52.74 0.83 8.62
C ILE A 185 51.53 1.41 9.34
N LYS A 186 50.71 0.52 9.91
CA LYS A 186 49.51 0.92 10.64
C LYS A 186 49.38 0.07 11.90
N LEU A 187 49.20 0.72 13.04
CA LEU A 187 49.17 0.05 14.33
C LEU A 187 47.74 -0.02 14.87
N THR A 188 47.38 -1.20 15.38
CA THR A 188 46.05 -1.43 15.94
C THR A 188 46.21 -1.96 17.36
N PRO A 189 45.84 -1.20 18.38
CA PRO A 189 45.98 -1.67 19.75
C PRO A 189 44.99 -2.78 20.08
N LYS A 190 45.31 -3.54 21.14
CA LYS A 190 44.43 -4.62 21.56
C LYS A 190 43.30 -4.12 22.45
N ALA A 191 43.57 -3.13 23.30
CA ALA A 191 42.54 -2.56 24.14
C ALA A 191 41.69 -1.58 23.33
N VAL A 192 40.49 -1.31 23.84
CA VAL A 192 39.50 -0.53 23.09
C VAL A 192 39.00 0.59 24.01
N TYR A 193 39.70 1.71 24.01
CA TYR A 193 39.27 2.95 24.65
C TYR A 193 39.47 4.08 23.64
N PRO A 194 38.78 5.21 23.81
CA PRO A 194 38.74 6.20 22.71
C PRO A 194 40.10 6.72 22.28
N THR A 195 41.03 6.93 23.20
CA THR A 195 42.36 7.46 22.88
C THR A 195 43.43 6.37 22.85
N ILE A 197 45.26 4.98 20.49
CA ILE A 197 46.45 5.18 19.66
C ILE A 197 47.37 6.25 20.20
N SER A 198 46.87 7.18 21.02
CA SER A 198 47.72 8.24 21.55
C SER A 198 48.79 7.70 22.47
N SER A 199 48.59 6.51 23.04
CA SER A 199 49.59 5.85 23.86
C SER A 199 50.70 5.22 23.04
N TRP A 200 50.50 5.06 21.74
CA TRP A 200 51.47 4.49 20.82
C TRP A 200 52.16 5.59 20.02
N GLN A 201 53.46 5.42 19.79
CA GLN A 201 54.24 6.32 18.95
C GLN A 201 55.05 5.47 17.98
N VAL A 202 54.76 5.58 16.69
CA VAL A 202 55.37 4.75 15.65
C VAL A 202 56.08 5.67 14.65
N ASN A 203 57.32 5.31 14.31
CA ASN A 203 58.03 6.15 13.34
C ASN A 203 59.00 5.29 12.55
N PRO A 204 59.01 5.37 11.20
CA PRO A 204 58.14 6.10 10.27
C PRO A 204 56.82 5.41 9.97
N THR A 205 55.74 6.19 9.89
CA THR A 205 54.43 5.62 9.58
C THR A 205 54.34 5.18 8.13
N GLU A 206 55.02 5.87 7.22
CA GLU A 206 55.01 5.54 5.80
C GLU A 206 56.33 6.00 5.19
N LEU A 207 56.87 5.22 4.25
CA LEU A 207 58.15 5.59 3.67
C LEU A 207 58.44 4.76 2.43
N LEU A 208 59.51 5.15 1.74
CA LEU A 208 60.06 4.44 0.60
C LEU A 208 61.49 4.01 0.90
N LEU A 209 61.90 2.90 0.28
CA LEU A 209 63.24 2.36 0.46
C LEU A 209 63.86 2.09 -0.90
N ASN A 210 65.01 2.69 -1.16
CA ASN A 210 65.76 2.40 -2.36
C ASN A 210 66.43 1.03 -2.23
N PRO A 211 66.85 0.42 -3.33
CA PRO A 211 67.54 -0.88 -3.22
C PRO A 211 68.79 -0.78 -2.35
N LYS A 212 68.94 -1.77 -1.47
CA LYS A 212 70.04 -1.86 -0.51
C LYS A 212 70.00 -0.74 0.53
N GLU A 213 68.84 -0.14 0.76
CA GLU A 213 68.67 0.85 1.81
C GLU A 213 68.16 0.19 3.08
N VAL A 214 68.60 0.73 4.22
CA VAL A 214 68.25 0.22 5.54
C VAL A 214 67.42 1.28 6.24
N GLN A 215 66.30 0.87 6.86
CA GLN A 215 65.54 1.80 7.67
C GLN A 215 65.06 1.12 8.94
N TRP A 216 65.21 1.81 10.07
CA TRP A 216 64.78 1.30 11.36
C TRP A 216 63.47 1.95 11.77
N VAL A 217 62.50 1.14 12.14
CA VAL A 217 61.21 1.60 12.61
C VAL A 217 61.19 1.45 14.13
N THR A 218 60.93 2.56 14.82
CA THR A 218 60.92 2.63 16.28
C THR A 218 59.49 2.72 16.78
N LEU A 219 59.21 1.94 17.83
CA LEU A 219 57.89 1.84 18.42
C LEU A 219 58.01 2.12 19.90
N GLU A 220 57.35 3.18 20.37
CA GLU A 220 57.28 3.49 21.79
C GLU A 220 55.85 3.31 22.29
N PHE A 221 55.71 2.69 23.45
CA PHE A 221 54.41 2.46 24.06
C PHE A 221 54.47 2.87 25.53
N HIS A 222 53.72 3.92 25.89
CA HIS A 222 53.53 4.33 27.26
C HIS A 222 52.13 3.92 27.69
N PRO A 223 51.99 2.75 28.32
CA PRO A 223 50.64 2.21 28.59
C PRO A 223 49.88 3.04 29.61
N ARG A 224 48.61 3.25 29.33
CA ARG A 224 47.71 3.81 30.33
C ARG A 224 47.14 2.66 31.16
N LYS A 225 46.58 3.03 32.31
CA LYS A 225 46.03 2.02 33.22
C LYS A 225 44.95 1.18 32.53
N GLU A 226 44.28 1.74 31.53
CA GLU A 226 43.21 1.03 30.84
C GLU A 226 43.74 -0.09 29.95
N ASP A 227 44.98 0.03 29.45
CA ASP A 227 45.55 -1.03 28.62
C ASP A 227 45.85 -2.28 29.43
N LEU A 228 46.47 -2.13 30.60
CA LEU A 228 46.88 -3.27 31.40
C LEU A 228 45.70 -4.00 32.06
N ALA A 229 44.55 -3.34 32.18
CA ALA A 229 43.41 -3.94 32.89
C ALA A 229 43.00 -5.29 32.31
N LEU A 230 43.21 -5.50 31.01
CA LEU A 230 42.95 -6.81 30.42
C LEU A 230 44.18 -7.69 30.39
N LEU A 231 45.38 -7.10 30.27
CA LEU A 231 46.61 -7.87 30.16
C LEU A 231 46.95 -8.61 31.45
N GLN A 232 46.22 -8.33 32.54
CA GLN A 232 46.48 -8.96 33.85
C GLN A 232 46.63 -10.47 33.76
N LYS A 233 45.67 -11.14 33.12
CA LYS A 233 45.41 -12.55 33.41
C LYS A 233 46.62 -13.44 33.15
N SER A 234 47.30 -13.24 32.02
CA SER A 234 48.40 -14.11 31.64
C SER A 234 49.74 -13.45 31.98
N ASP A 235 50.82 -14.19 31.75
CA ASP A 235 52.17 -13.68 31.99
C ASP A 235 52.75 -13.01 30.77
N VAL A 236 52.40 -13.47 29.57
CA VAL A 236 52.82 -12.86 28.31
C VAL A 236 51.56 -12.38 27.62
N SER A 237 51.41 -11.07 27.47
CA SER A 237 50.15 -10.44 27.07
C SER A 237 50.27 -9.78 25.71
N HIS A 238 49.34 -10.10 24.81
CA HIS A 238 49.22 -9.43 23.53
C HIS A 238 48.68 -8.01 23.72
N VAL A 239 49.48 -7.01 23.31
CA VAL A 239 49.11 -5.62 23.52
C VAL A 239 48.70 -4.90 22.23
N GLY A 240 49.17 -5.36 21.07
CA GLY A 240 48.82 -4.68 19.84
C GLY A 240 49.31 -5.47 18.64
N THR A 241 48.94 -4.97 17.46
CA THR A 241 49.31 -5.61 16.19
C THR A 241 49.77 -4.54 15.21
N LEU A 242 50.92 -4.76 14.59
CA LEU A 242 51.50 -3.80 13.67
C LEU A 242 51.45 -4.36 12.26
N LEU A 243 50.64 -3.74 11.40
CA LEU A 243 50.50 -4.18 10.01
C LEU A 243 51.45 -3.41 9.11
N ILE A 244 52.27 -4.14 8.36
CA ILE A 244 53.23 -3.58 7.42
C ILE A 244 52.83 -4.02 6.03
N THR A 245 52.39 -3.07 5.21
CA THR A 245 52.12 -3.28 3.80
C THR A 245 53.31 -2.80 2.99
N HIS A 246 53.86 -3.67 2.15
CA HIS A 246 55.08 -3.33 1.44
C HIS A 246 55.08 -3.96 0.06
N GLY A 247 55.98 -3.44 -0.77
CA GLY A 247 56.12 -3.94 -2.12
C GLY A 247 56.97 -2.97 -2.95
N ASP A 248 56.79 -3.06 -4.27
CA ASP A 248 57.51 -2.18 -5.19
C ASP A 248 56.72 -0.89 -5.43
N GLU A 249 57.46 0.22 -5.48
CA GLU A 249 56.84 1.54 -5.62
C GLU A 249 56.08 1.75 -6.92
N PRO A 250 56.60 1.40 -8.09
CA PRO A 250 55.86 1.70 -9.35
C PRO A 250 54.51 1.03 -9.44
N THR A 251 54.41 -0.24 -9.01
CA THR A 251 53.12 -0.90 -8.99
C THR A 251 52.13 -0.13 -8.11
N ARG A 252 52.63 0.58 -7.11
CA ARG A 252 51.75 1.43 -6.32
C ARG A 252 51.22 2.59 -7.15
N LEU A 253 52.06 3.17 -8.01
CA LEU A 253 51.58 4.23 -8.90
C LEU A 253 50.51 3.70 -9.84
N ARG A 254 50.70 2.50 -10.39
CA ARG A 254 49.73 1.92 -11.30
C ARG A 254 48.40 1.65 -10.58
N ILE A 255 48.48 1.01 -9.40
CA ILE A 255 47.28 0.73 -8.63
C ILE A 255 46.61 2.01 -8.17
N ARG A 256 47.40 3.06 -7.91
CA ARG A 256 46.84 4.34 -7.49
C ARG A 256 46.04 4.97 -8.63
N ARG A 257 46.61 5.05 -9.83
CA ARG A 257 45.86 5.61 -10.95
C ARG A 257 44.58 4.81 -11.18
N LEU A 258 44.67 3.47 -11.13
CA LEU A 258 43.48 2.67 -11.41
C LEU A 258 42.43 2.84 -10.33
N TYR A 259 42.86 2.92 -9.07
CA TYR A 259 41.91 3.08 -7.96
C TYR A 259 41.24 4.44 -8.00
N LYS A 260 42.00 5.50 -8.31
CA LYS A 260 41.39 6.81 -8.45
C LYS A 260 40.42 6.86 -9.61
N LYS A 261 40.76 6.22 -10.74
CA LYS A 261 39.83 6.18 -11.87
C LYS A 261 38.56 5.41 -11.53
N LYS A 263 37.26 4.74 -8.38
CA LYS A 263 36.51 5.22 -7.22
C LYS A 263 35.51 6.30 -7.62
N GLU A 264 35.91 7.19 -8.54
CA GLU A 264 35.00 8.23 -9.01
C GLU A 264 33.87 7.67 -9.85
N THR A 265 34.07 6.54 -10.53
CA THR A 265 33.01 5.91 -11.29
C THR A 265 32.07 5.07 -10.43
N GLY A 266 32.42 4.81 -9.16
CA GLY A 266 31.59 4.03 -8.28
C GLY A 266 31.66 2.53 -8.50
N GLU A 267 32.67 2.06 -9.23
CA GLU A 267 32.86 0.63 -9.46
C GLU A 267 33.22 -0.09 -8.18
N LEU A 268 34.01 0.56 -7.32
CA LEU A 268 34.54 -0.03 -6.10
C LEU A 268 33.91 0.59 -4.85
N ASN A 269 32.57 0.60 -4.79
CA ASN A 269 31.85 1.17 -3.65
C ASN A 269 30.64 0.29 -3.34
N GLY A 270 30.70 -0.40 -2.21
CA GLY A 270 29.56 -1.13 -1.68
C GLY A 270 29.90 -2.20 -0.67
N ASN A 271 29.47 -3.44 -0.91
CA ASN A 271 29.59 -4.51 0.09
C ASN A 271 30.78 -5.43 -0.14
N GLU A 272 31.01 -5.87 -1.38
CA GLU A 272 32.07 -6.80 -1.74
C GLU A 272 33.47 -6.22 -1.55
N ASN A 273 33.59 -4.96 -1.16
CA ASN A 273 34.89 -4.28 -1.08
C ASN A 273 35.27 -3.84 0.33
N GLU A 274 34.50 -4.26 1.34
CA GLU A 274 34.78 -3.84 2.71
C GLU A 274 36.23 -4.14 3.11
N THR A 275 36.69 -5.36 2.85
CA THR A 275 38.06 -5.71 3.19
C THR A 275 39.05 -5.21 2.15
N PHE A 276 38.67 -5.17 0.88
CA PHE A 276 39.61 -4.79 -0.19
C PHE A 276 39.98 -3.31 -0.09
N ARG A 277 39.00 -2.44 0.08
CA ARG A 277 39.31 -1.01 0.22
C ARG A 277 40.21 -0.75 1.42
N ASN A 278 39.92 -1.38 2.56
CA ASN A 278 40.72 -1.13 3.76
C ASN A 278 42.18 -1.54 3.60
N ILE A 279 42.48 -2.46 2.70
CA ILE A 279 43.88 -2.80 2.44
C ILE A 279 44.46 -1.92 1.33
N VAL A 280 43.65 -1.49 0.36
CA VAL A 280 44.18 -0.75 -0.79
C VAL A 280 43.93 0.75 -0.71
N HIS A 281 43.07 1.22 0.20
CA HIS A 281 42.85 2.67 0.31
C HIS A 281 44.05 3.40 0.90
N PRO A 282 44.58 3.03 2.08
CA PRO A 282 45.66 3.83 2.67
C PRO A 282 46.94 3.82 1.88
N ILE A 283 47.00 3.06 0.77
CA ILE A 283 48.20 2.98 -0.03
C ILE A 283 48.14 3.87 -1.27
N CYS A 284 46.95 4.32 -1.68
CA CYS A 284 46.79 5.20 -2.82
C CYS A 284 47.03 6.66 -2.47
N LYS A 285 47.44 6.97 -1.24
CA LYS A 285 47.74 8.33 -0.86
C LYS A 285 49.14 8.73 -1.34
N VAL A 286 49.34 10.03 -1.46
CA VAL A 286 50.66 10.55 -1.81
C VAL A 286 51.59 10.39 -0.61
N PHE A 287 52.63 9.58 -0.79
CA PHE A 287 53.59 9.37 0.29
C PHE A 287 54.51 10.58 0.47
N SER A 288 55.15 10.62 1.63
CA SER A 288 56.18 11.62 1.90
C SER A 288 57.50 11.16 1.33
N GLY A 289 58.11 11.99 0.49
CA GLY A 289 59.31 11.61 -0.22
C GLY A 289 59.08 10.99 -1.57
N GLU A 290 57.83 10.94 -2.03
CA GLU A 290 57.50 10.34 -3.32
C GLU A 290 58.08 11.19 -4.43
N GLN A 291 59.16 10.70 -5.04
CA GLN A 291 59.75 11.35 -6.21
C GLN A 291 59.06 10.78 -7.44
N LEU A 292 58.25 11.59 -8.10
CA LEU A 292 57.41 11.11 -9.19
C LEU A 292 58.27 10.58 -10.34
N VAL A 293 58.26 9.27 -10.53
CA VAL A 293 58.95 8.65 -11.65
C VAL A 293 57.98 8.58 -12.83
N SER A 294 58.47 8.97 -14.01
CA SER A 294 57.65 9.04 -15.21
C SER A 294 57.78 7.79 -16.07
N ASP A 295 58.31 6.70 -15.51
CA ASP A 295 58.45 5.46 -16.25
C ASP A 295 57.15 4.66 -16.31
N VAL A 296 56.18 4.99 -15.46
CA VAL A 296 54.93 4.22 -15.41
C VAL A 296 53.78 4.91 -16.11
N ILE A 297 54.00 6.11 -16.65
CA ILE A 297 52.94 6.79 -17.40
C ILE A 297 52.72 6.14 -18.77
N PRO A 298 53.73 5.57 -19.45
CA PRO A 298 53.43 4.93 -20.74
C PRO A 298 52.78 3.56 -20.60
N ILE A 299 52.50 3.13 -19.37
CA ILE A 299 51.91 1.82 -19.10
C ILE A 299 50.42 2.06 -18.82
N ARG A 300 49.58 1.55 -19.72
CA ARG A 300 48.14 1.74 -19.63
C ARG A 300 47.53 0.46 -19.06
N ASP A 301 47.08 0.52 -17.81
CA ASP A 301 46.36 -0.58 -17.20
C ASP A 301 44.87 -0.34 -17.27
N SER A 302 44.10 -1.42 -17.15
CA SER A 302 42.66 -1.34 -17.37
C SER A 302 41.89 -1.91 -16.19
N VAL A 303 40.57 -2.01 -16.33
CA VAL A 303 39.75 -2.57 -15.27
C VAL A 303 40.03 -4.07 -15.13
N GLN A 304 40.24 -4.75 -16.26
CA GLN A 304 40.30 -6.21 -16.28
C GLN A 304 41.53 -6.76 -15.55
N ASN A 305 42.62 -5.99 -15.50
CA ASN A 305 43.86 -6.43 -14.87
C ASN A 305 44.04 -5.87 -13.47
N PHE A 306 43.00 -5.30 -12.87
CA PHE A 306 43.16 -4.67 -11.57
C PHE A 306 43.36 -5.69 -10.46
N GLY A 307 42.67 -6.84 -10.54
CA GLY A 307 42.82 -7.85 -9.52
C GLY A 307 44.20 -8.48 -9.46
N ASP A 308 44.71 -8.94 -10.60
CA ASP A 308 46.04 -9.55 -10.61
C ASP A 308 47.14 -8.51 -10.36
N LEU A 309 46.85 -7.23 -10.59
CA LEU A 309 47.83 -6.20 -10.26
C LEU A 309 47.84 -5.93 -8.76
N CYS A 310 46.67 -5.89 -8.12
CA CYS A 310 46.61 -5.69 -6.68
C CYS A 310 46.95 -6.94 -5.88
N ARG A 311 47.00 -8.12 -6.50
CA ARG A 311 47.34 -9.32 -5.74
C ARG A 311 48.78 -9.33 -5.26
N GLU A 312 49.66 -8.54 -5.90
CA GLU A 312 51.08 -8.51 -5.56
C GLU A 312 51.39 -7.47 -4.48
N ILE A 313 50.42 -7.14 -3.64
CA ILE A 313 50.61 -6.26 -2.50
C ILE A 313 50.99 -7.11 -1.29
N ARG A 314 52.24 -7.00 -0.84
CA ARG A 314 52.76 -7.88 0.20
C ARG A 314 52.38 -7.32 1.56
N GLN A 315 51.86 -8.17 2.45
CA GLN A 315 51.32 -7.70 3.71
C GLN A 315 51.69 -8.64 4.86
N HIS A 316 52.25 -8.09 5.94
CA HIS A 316 52.61 -8.86 7.12
C HIS A 316 52.11 -8.17 8.38
N GLU A 317 51.84 -8.95 9.43
CA GLU A 317 51.22 -8.43 10.66
C GLU A 317 52.03 -8.83 11.90
N ILE A 318 53.06 -8.05 12.22
CA ILE A 318 53.86 -8.28 13.42
C ILE A 318 52.98 -8.27 14.66
N LEU A 320 52.68 -7.74 18.81
CA LEU A 320 53.32 -6.94 19.85
C LEU A 320 52.87 -7.43 21.22
N THR A 321 53.81 -7.96 21.99
CA THR A 321 53.51 -8.53 23.30
C THR A 321 54.40 -7.89 24.36
N GLU A 323 55.65 -8.92 28.87
CA GLU A 323 55.70 -9.98 29.88
C GLU A 323 55.36 -9.49 31.28
N VAL A 324 54.69 -8.33 31.39
CA VAL A 324 54.28 -7.71 32.66
C VAL A 324 55.23 -7.97 33.82
N THR B 26 -5.21 12.95 -21.24
CA THR B 26 -4.23 13.04 -20.15
C THR B 26 -2.84 13.35 -20.68
N THR B 27 -2.37 14.58 -20.43
CA THR B 27 -1.05 14.96 -20.90
C THR B 27 0.05 14.20 -20.15
N HIS B 28 -0.02 14.21 -18.83
CA HIS B 28 0.92 13.47 -18.00
C HIS B 28 0.40 12.05 -17.79
N ALA B 29 1.19 11.05 -18.21
CA ALA B 29 0.79 9.66 -17.99
C ALA B 29 0.80 9.30 -16.52
N ALA B 30 1.65 9.93 -15.71
CA ALA B 30 1.67 9.68 -14.28
C ALA B 30 2.16 10.93 -13.56
N LEU B 31 1.89 10.98 -12.26
CA LEU B 31 2.30 12.07 -11.41
C LEU B 31 3.18 11.55 -10.28
N SER B 32 4.38 12.11 -10.14
CA SER B 32 5.31 11.71 -9.10
C SER B 32 5.69 12.95 -8.29
N TRP B 33 5.57 12.85 -6.97
CA TRP B 33 5.96 13.90 -6.06
C TRP B 33 7.35 13.65 -5.48
N ASN B 34 7.98 14.73 -5.04
CA ASN B 34 9.24 14.64 -4.34
C ASN B 34 9.01 14.22 -2.89
N SER B 35 10.09 13.93 -2.17
CA SER B 35 9.97 13.54 -0.79
C SER B 35 9.50 14.71 0.06
N LEU B 36 8.42 14.51 0.82
CA LEU B 36 7.77 15.57 1.57
C LEU B 36 7.68 15.18 3.04
N LYS B 37 7.92 16.16 3.91
CA LYS B 37 7.80 15.94 5.35
C LYS B 37 6.34 15.66 5.72
N ILE B 38 6.16 14.93 6.83
CA ILE B 38 4.83 14.69 7.35
C ILE B 38 4.15 16.00 7.71
N GLY B 39 2.89 16.15 7.33
CA GLY B 39 2.13 17.34 7.60
C GLY B 39 2.35 18.49 6.65
N LYS B 40 2.82 18.22 5.44
CA LYS B 40 2.94 19.23 4.39
C LYS B 40 2.39 18.65 3.10
N SER B 41 1.67 19.48 2.35
CA SER B 41 0.97 19.01 1.15
C SER B 41 1.30 19.91 -0.03
N GLU B 42 1.67 19.30 -1.15
CA GLU B 42 1.90 20.00 -2.39
C GLU B 42 0.91 19.51 -3.43
N ILE B 43 0.45 20.43 -4.29
CA ILE B 43 -0.55 20.12 -5.30
C ILE B 43 0.14 19.99 -6.64
N LYS B 44 -0.40 19.11 -7.49
CA LYS B 44 0.07 19.01 -8.87
C LYS B 44 -1.12 18.80 -9.79
N GLU B 45 -1.05 19.39 -10.97
CA GLU B 45 -2.15 19.41 -11.91
C GLU B 45 -1.86 18.51 -13.10
N PHE B 46 -2.94 18.05 -13.73
CA PHE B 46 -2.87 17.29 -14.96
C PHE B 46 -4.13 17.59 -15.77
N THR B 47 -3.95 17.69 -17.09
CA THR B 47 -5.00 18.10 -18.00
C THR B 47 -5.69 16.89 -18.60
N ILE B 48 -7.02 16.92 -18.63
CA ILE B 48 -7.81 15.84 -19.21
C ILE B 48 -8.73 16.38 -20.29
N ILE B 58 -17.65 12.06 -16.77
CA ILE B 58 -17.06 10.77 -16.44
C ILE B 58 -16.73 10.72 -14.96
N GLN B 59 -16.85 9.52 -14.38
CA GLN B 59 -16.55 9.32 -12.97
C GLN B 59 -15.05 9.32 -12.73
N ALA B 60 -14.63 9.77 -11.55
CA ALA B 60 -13.22 9.79 -11.19
C ALA B 60 -13.07 9.41 -9.73
N THR B 61 -12.03 8.64 -9.43
CA THR B 61 -11.85 8.09 -8.08
C THR B 61 -10.39 7.71 -7.89
N ILE B 62 -9.83 8.08 -6.74
CA ILE B 62 -8.47 7.69 -6.38
C ILE B 62 -8.54 6.37 -5.63
N SER B 63 -8.06 5.30 -6.28
CA SER B 63 -8.03 3.96 -5.69
C SER B 63 -6.73 3.81 -4.90
N ASP B 64 -6.71 4.40 -3.71
CA ASP B 64 -5.54 4.38 -2.84
C ASP B 64 -5.87 3.62 -1.57
N SER B 65 -5.01 2.65 -1.23
CA SER B 65 -5.23 1.86 -0.02
C SER B 65 -4.70 2.59 1.21
N GLU B 66 -3.72 3.47 1.02
CA GLU B 66 -3.11 4.18 2.14
C GLU B 66 -3.67 5.58 2.26
N LYS B 67 -4.60 5.95 1.37
CA LYS B 67 -5.33 7.21 1.42
C LYS B 67 -4.38 8.41 1.50
N ASN B 68 -3.31 8.37 0.70
CA ASN B 68 -2.35 9.46 0.67
C ASN B 68 -2.77 10.57 -0.27
N PHE B 69 -3.49 10.25 -1.35
CA PHE B 69 -3.85 11.24 -2.34
C PHE B 69 -5.33 11.57 -2.17
N ARG B 70 -5.66 12.86 -2.28
CA ARG B 70 -7.01 13.37 -2.16
C ARG B 70 -7.28 14.37 -3.27
N PHE B 71 -8.52 14.86 -3.34
CA PHE B 71 -8.87 15.90 -4.29
C PHE B 71 -9.05 17.23 -3.55
N THR B 80 -12.08 12.92 -2.74
CA THR B 80 -11.65 11.53 -2.74
C THR B 80 -12.25 10.77 -3.93
N THR B 81 -13.41 11.23 -4.39
CA THR B 81 -14.10 10.62 -5.54
C THR B 81 -15.08 11.66 -6.07
N ILE B 82 -14.95 12.01 -7.36
CA ILE B 82 -15.69 13.11 -7.94
C ILE B 82 -16.29 12.68 -9.28
N VAL B 83 -17.06 13.59 -9.88
CA VAL B 83 -17.63 13.41 -11.20
C VAL B 83 -17.59 14.77 -11.90
N LEU B 84 -17.37 14.73 -13.22
CA LEU B 84 -17.24 15.96 -13.99
C LEU B 84 -17.68 15.68 -15.43
N ALA B 85 -18.32 16.67 -16.03
CA ALA B 85 -18.92 16.52 -17.36
C ALA B 85 -18.16 17.36 -18.38
N LEU B 86 -18.04 16.81 -19.59
CA LEU B 86 -17.44 17.53 -20.71
C LEU B 86 -18.18 17.21 -22.01
N THR B 93 -8.70 21.10 -16.42
CA THR B 93 -7.50 20.84 -15.64
C THR B 93 -7.84 20.37 -14.21
N LEU B 94 -7.47 19.13 -13.91
CA LEU B 94 -7.72 18.55 -12.60
C LEU B 94 -6.45 18.65 -11.75
N SER B 95 -6.63 18.77 -10.43
CA SER B 95 -5.51 18.95 -9.51
C SER B 95 -5.63 17.96 -8.36
N VAL B 96 -4.52 17.31 -8.03
CA VAL B 96 -4.45 16.31 -6.98
C VAL B 96 -3.45 16.76 -5.92
N VAL B 97 -3.79 16.49 -4.66
CA VAL B 97 -2.99 16.87 -3.50
C VAL B 97 -2.35 15.62 -2.91
N PHE B 98 -1.21 15.80 -2.26
CA PHE B 98 -0.47 14.71 -1.65
C PHE B 98 -0.11 15.10 -0.22
N SER B 99 -0.51 14.25 0.73
CA SER B 99 -0.23 14.46 2.15
C SER B 99 0.30 13.14 2.72
N PRO B 100 1.60 13.02 2.92
CA PRO B 100 2.15 11.76 3.40
C PRO B 100 1.77 11.47 4.84
N HIS B 101 0.91 10.47 5.05
CA HIS B 101 0.48 10.14 6.40
C HIS B 101 1.54 9.34 7.13
N HIS B 102 2.13 8.37 6.45
CA HIS B 102 3.18 7.52 7.00
C HIS B 102 4.50 7.76 6.26
N ILE B 103 5.60 7.74 7.00
CA ILE B 103 6.92 7.74 6.38
C ILE B 103 7.05 6.51 5.48
N GLY B 104 7.39 6.72 4.22
CA GLY B 104 7.43 5.61 3.29
C GLY B 104 6.76 5.92 1.97
N ALA B 105 6.80 4.94 1.08
CA ALA B 105 6.30 5.11 -0.28
C ALA B 105 4.78 5.22 -0.29
N ALA B 106 4.27 5.77 -1.40
CA ALA B 106 2.84 5.97 -1.59
C ALA B 106 2.54 5.84 -3.07
N SER B 107 1.66 4.91 -3.41
CA SER B 107 1.28 4.67 -4.80
C SER B 107 -0.23 4.73 -4.91
N GLY B 108 -0.73 5.50 -5.86
CA GLY B 108 -2.15 5.73 -6.01
C GLY B 108 -2.61 5.51 -7.43
N LYS B 109 -3.93 5.35 -7.56
CA LYS B 109 -4.54 4.98 -8.83
C LYS B 109 -5.75 5.89 -9.08
N ILE B 110 -5.86 6.39 -10.31
CA ILE B 110 -7.05 7.11 -10.75
C ILE B 110 -7.68 6.34 -11.90
N ILE B 111 -9.00 6.15 -11.81
CA ILE B 111 -9.77 5.44 -12.83
C ILE B 111 -9.69 6.15 -14.16
N GLN B 129 -5.98 3.82 -16.96
CA GLN B 129 -5.94 4.41 -15.65
C GLN B 129 -4.66 5.24 -15.52
N ILE B 130 -4.55 6.07 -14.48
CA ILE B 130 -3.45 7.03 -14.31
C ILE B 130 -2.80 6.68 -12.99
N PHE B 131 -1.48 6.76 -12.95
CA PHE B 131 -0.70 6.33 -11.82
C PHE B 131 -0.20 7.55 -11.04
N LEU B 132 -0.11 7.40 -9.73
CA LEU B 132 0.31 8.49 -8.86
C LEU B 132 1.42 7.97 -7.97
N TYR B 133 2.45 8.77 -7.80
CA TYR B 133 3.65 8.34 -7.09
C TYR B 133 4.05 9.41 -6.09
N GLY B 134 4.41 8.97 -4.89
CA GLY B 134 4.87 9.89 -3.85
C GLY B 134 5.67 9.10 -2.84
N TYR B 135 6.39 9.84 -2.00
CA TYR B 135 7.23 9.19 -1.00
C TYR B 135 7.47 10.17 0.14
N GLY B 136 7.19 9.75 1.37
CA GLY B 136 7.12 10.66 2.49
C GLY B 136 8.30 10.49 3.45
N GLY B 137 8.65 11.59 4.10
CA GLY B 137 9.91 11.77 4.79
C GLY B 137 10.72 12.89 4.17
N TYR B 138 11.81 13.23 4.85
CA TYR B 138 12.65 14.34 4.40
C TYR B 138 14.07 14.17 4.93
N SER B 139 14.96 15.07 4.51
CA SER B 139 16.33 15.12 5.01
C SER B 139 16.77 16.58 5.08
N LYS B 140 17.37 16.96 6.20
CA LYS B 140 17.83 18.34 6.42
C LYS B 140 19.28 18.30 6.90
N VAL B 141 20.22 18.37 5.96
CA VAL B 141 21.63 18.43 6.31
C VAL B 141 21.97 19.84 6.77
N GLU B 142 22.34 19.97 8.04
CA GLU B 142 22.73 21.25 8.63
C GLU B 142 24.25 21.25 8.77
N ILE B 143 24.89 22.24 8.15
CA ILE B 143 26.33 22.45 8.29
C ILE B 143 26.59 23.34 9.49
N SER B 144 27.56 22.97 10.31
CA SER B 144 27.86 23.66 11.55
C SER B 144 29.37 23.77 11.71
N GLU B 145 29.76 24.67 12.62
CA GLU B 145 31.14 25.10 12.86
C GLU B 145 31.69 25.92 11.70
N VAL B 146 30.80 26.41 10.84
CA VAL B 146 31.12 27.39 9.81
C VAL B 146 30.34 28.65 10.13
N PHE B 147 30.78 29.78 9.58
CA PHE B 147 30.11 31.04 9.81
C PHE B 147 29.13 31.35 8.67
N LYS B 148 27.95 31.83 9.04
CA LYS B 148 26.90 32.17 8.11
C LYS B 148 26.57 33.65 8.24
N ASP B 149 26.45 34.33 7.10
CA ASP B 149 26.23 35.77 7.08
C ASP B 149 24.75 36.12 7.10
N THR B 150 24.47 37.37 7.48
CA THR B 150 23.12 37.90 7.35
C THR B 150 22.65 37.84 5.91
N ASN B 151 23.57 38.03 4.96
CA ASN B 151 23.24 37.88 3.55
C ASN B 151 22.90 36.44 3.22
N GLY B 152 23.70 35.50 3.72
CA GLY B 152 23.42 34.10 3.52
C GLY B 152 24.64 33.25 3.25
N LYS B 153 25.73 33.88 2.79
CA LYS B 153 26.92 33.13 2.41
C LYS B 153 27.59 32.49 3.61
N TRP B 155 31.06 30.69 5.55
CA TRP B 155 32.44 31.11 5.68
C TRP B 155 33.19 30.21 6.67
N LEU B 156 34.36 29.74 6.26
CA LEU B 156 35.22 28.93 7.10
C LEU B 156 36.62 29.52 7.08
N SER B 157 37.16 29.83 8.26
CA SER B 157 38.48 30.42 8.39
C SER B 157 39.47 29.37 8.91
N PHE B 158 40.64 29.29 8.28
CA PHE B 158 41.68 28.39 8.75
C PHE B 158 42.53 29.01 9.87
N GLY B 159 42.73 30.33 9.82
CA GLY B 159 43.60 31.00 10.75
C GLY B 159 44.75 31.69 10.04
N LEU B 161 48.81 31.99 8.72
CA LEU B 161 49.82 31.08 8.17
C LEU B 161 51.09 31.13 9.03
N ASN B 162 51.31 30.08 9.81
CA ASN B 162 52.58 29.93 10.51
C ASN B 162 53.62 29.29 9.59
N SER B 163 54.86 29.77 9.69
CA SER B 163 55.93 29.26 8.85
C SER B 163 56.19 27.79 9.11
N GLU B 164 56.53 27.06 8.03
CA GLU B 164 56.91 25.64 8.08
C GLU B 164 55.76 24.73 8.53
N ASN B 165 54.57 25.28 8.73
CA ASN B 165 53.41 24.49 9.11
C ASN B 165 52.35 24.56 8.02
N SER B 166 51.36 23.69 8.14
CA SER B 166 50.21 23.65 7.25
C SER B 166 48.94 23.78 8.09
N LEU B 167 47.84 24.06 7.42
CA LEU B 167 46.60 24.39 8.11
C LEU B 167 45.58 23.28 7.93
N ASN B 168 44.57 23.26 8.79
CA ASN B 168 43.55 22.23 8.74
C ASN B 168 42.33 22.68 9.53
N ALA B 169 41.17 22.18 9.12
CA ALA B 169 39.92 22.57 9.75
C ALA B 169 38.92 21.42 9.66
N LYS B 170 37.75 21.62 10.28
CA LYS B 170 36.73 20.60 10.40
C LYS B 170 35.35 21.24 10.24
N ILE B 171 34.39 20.43 9.80
CA ILE B 171 33.00 20.85 9.62
C ILE B 171 32.11 19.78 10.25
N LYS B 172 30.99 20.22 10.82
CA LYS B 172 30.04 19.31 11.44
C LYS B 172 28.81 19.21 10.55
N LEU B 173 28.34 17.99 10.32
CA LEU B 173 27.17 17.73 9.50
C LEU B 173 26.14 17.00 10.34
N GLN B 174 24.95 17.59 10.45
CA GLN B 174 23.88 17.05 11.28
C GLN B 174 22.67 16.77 10.41
N ASN B 175 22.16 15.55 10.47
CA ASN B 175 20.94 15.19 9.76
C ASN B 175 19.77 15.35 10.70
N THR B 176 18.95 16.38 10.48
CA THR B 176 17.79 16.64 11.32
C THR B 176 16.51 16.10 10.68
N GLY B 177 16.65 15.22 9.69
CA GLY B 177 15.51 14.65 9.00
C GLY B 177 15.13 13.29 9.55
N ASP B 178 14.29 12.61 8.79
CA ASP B 178 13.83 11.26 9.13
C ASP B 178 14.30 10.18 8.17
N LEU B 179 14.75 10.54 6.97
CA LEU B 179 15.26 9.60 6.00
C LEU B 179 16.77 9.71 5.87
N CYS B 180 17.35 8.71 5.19
CA CYS B 180 18.77 8.72 4.92
C CYS B 180 19.13 9.85 3.96
N SER B 181 20.31 10.41 4.16
CA SER B 181 20.79 11.55 3.41
C SER B 181 22.10 11.21 2.71
N TYR B 182 22.35 11.88 1.58
CA TYR B 182 23.53 11.65 0.77
C TYR B 182 24.28 12.96 0.63
N VAL B 183 25.62 12.87 0.70
CA VAL B 183 26.52 14.02 0.71
C VAL B 183 27.72 13.71 -0.17
N LYS B 184 27.90 14.49 -1.22
CA LYS B 184 29.09 14.47 -2.07
C LYS B 184 29.79 15.82 -1.94
N ILE B 185 31.07 15.79 -1.58
CA ILE B 185 31.84 17.00 -1.34
C ILE B 185 32.88 17.15 -2.44
N LYS B 186 33.02 18.37 -2.96
CA LYS B 186 33.98 18.68 -4.01
C LYS B 186 34.65 20.00 -3.69
N LEU B 187 35.98 20.00 -3.66
CA LEU B 187 36.76 21.17 -3.28
C LEU B 187 37.41 21.77 -4.52
N THR B 188 37.30 23.09 -4.67
CA THR B 188 37.90 23.79 -5.81
C THR B 188 38.76 24.96 -5.33
N PRO B 189 40.07 24.86 -5.43
CA PRO B 189 40.93 26.01 -5.06
C PRO B 189 40.84 27.10 -6.12
N LYS B 190 41.24 28.30 -5.72
CA LYS B 190 41.20 29.43 -6.65
C LYS B 190 42.42 29.44 -7.56
N ALA B 191 43.59 29.06 -7.04
CA ALA B 191 44.79 29.01 -7.85
C ALA B 191 44.81 27.76 -8.73
N VAL B 192 45.61 27.82 -9.79
CA VAL B 192 45.64 26.78 -10.82
C VAL B 192 47.09 26.38 -11.07
N TYR B 193 47.34 25.08 -11.11
CA TYR B 193 48.62 24.49 -11.46
C TYR B 193 48.44 22.97 -11.54
N PRO B 194 49.35 22.26 -12.22
CA PRO B 194 49.09 20.84 -12.53
C PRO B 194 48.81 19.97 -11.30
N THR B 195 49.52 20.21 -10.19
CA THR B 195 49.32 19.44 -8.97
C THR B 195 48.44 20.18 -7.97
N ILE B 197 45.49 19.59 -7.07
CA ILE B 197 44.69 18.70 -6.24
C ILE B 197 45.54 18.11 -5.13
N SER B 198 46.85 17.99 -5.34
CA SER B 198 47.75 17.39 -4.35
C SER B 198 47.93 18.28 -3.12
N SER B 199 47.69 19.58 -3.22
CA SER B 199 47.86 20.45 -2.06
C SER B 199 46.71 20.39 -1.08
N TRP B 200 45.54 19.94 -1.52
CA TRP B 200 44.38 19.79 -0.64
C TRP B 200 44.14 18.32 -0.35
N GLN B 201 43.80 18.00 0.90
CA GLN B 201 43.40 16.64 1.26
C GLN B 201 42.15 16.75 2.13
N VAL B 202 41.00 16.33 1.60
CA VAL B 202 39.72 16.47 2.30
C VAL B 202 39.09 15.09 2.43
N ASN B 203 38.63 14.76 3.64
CA ASN B 203 37.99 13.47 3.89
C ASN B 203 36.98 13.59 5.01
N PRO B 204 35.81 12.93 4.90
CA PRO B 204 35.41 12.12 3.74
C PRO B 204 34.88 12.93 2.55
N THR B 205 35.27 12.51 1.35
CA THR B 205 34.84 13.19 0.14
C THR B 205 33.36 12.93 -0.15
N GLU B 206 32.84 11.76 0.22
CA GLU B 206 31.45 11.41 -0.02
C GLU B 206 31.01 10.42 1.05
N LEU B 207 29.74 10.53 1.46
CA LEU B 207 29.23 9.67 2.51
C LEU B 207 27.72 9.77 2.58
N LEU B 208 27.14 8.91 3.41
CA LEU B 208 25.72 8.89 3.72
C LEU B 208 25.54 9.15 5.22
N LEU B 209 24.40 9.77 5.57
CA LEU B 209 24.08 10.08 6.96
C LEU B 209 22.67 9.59 7.26
N ASN B 210 22.54 8.72 8.27
CA ASN B 210 21.24 8.31 8.71
C ASN B 210 20.58 9.45 9.49
N PRO B 211 19.26 9.41 9.69
CA PRO B 211 18.61 10.48 10.45
C PRO B 211 19.16 10.58 11.86
N LYS B 212 19.41 11.82 12.28
CA LYS B 212 19.99 12.15 13.59
C LYS B 212 21.42 11.66 13.73
N GLU B 213 22.13 11.43 12.63
CA GLU B 213 23.54 11.08 12.67
C GLU B 213 24.40 12.34 12.52
N VAL B 214 25.54 12.34 13.21
CA VAL B 214 26.48 13.44 13.21
C VAL B 214 27.76 12.96 12.54
N GLN B 215 28.31 13.77 11.63
CA GLN B 215 29.60 13.41 11.04
C GLN B 215 30.49 14.63 10.87
N TRP B 216 31.77 14.47 11.21
CA TRP B 216 32.75 15.53 11.05
C TRP B 216 33.57 15.28 9.80
N VAL B 217 33.65 16.30 8.94
CA VAL B 217 34.47 16.26 7.74
C VAL B 217 35.72 17.09 8.00
N THR B 218 36.89 16.48 7.91
CA THR B 218 38.15 17.17 8.17
C THR B 218 38.89 17.41 6.85
N LEU B 219 39.40 18.63 6.70
CA LEU B 219 40.09 19.05 5.49
C LEU B 219 41.42 19.67 5.87
N GLU B 220 42.51 19.13 5.33
CA GLU B 220 43.85 19.63 5.55
C GLU B 220 44.35 20.31 4.28
N PHE B 221 45.03 21.43 4.46
CA PHE B 221 45.55 22.24 3.37
C PHE B 221 47.03 22.50 3.64
N HIS B 222 47.88 21.98 2.76
CA HIS B 222 49.31 22.19 2.81
C HIS B 222 49.66 23.24 1.76
N PRO B 223 49.73 24.52 2.13
CA PRO B 223 49.92 25.57 1.12
C PRO B 223 51.28 25.46 0.47
N ARG B 224 51.30 25.49 -0.86
CA ARG B 224 52.54 25.58 -1.61
C ARG B 224 52.83 27.04 -1.93
N LYS B 225 54.09 27.32 -2.27
CA LYS B 225 54.48 28.69 -2.59
C LYS B 225 53.72 29.24 -3.80
N GLU B 226 53.31 28.38 -4.73
CA GLU B 226 52.73 28.86 -5.97
C GLU B 226 51.32 29.43 -5.80
N ASP B 227 50.51 28.87 -4.89
CA ASP B 227 49.19 29.47 -4.64
C ASP B 227 49.33 30.74 -3.83
N LEU B 228 50.25 30.75 -2.86
CA LEU B 228 50.44 31.94 -2.04
C LEU B 228 51.02 33.08 -2.88
N ALA B 229 51.68 32.76 -3.99
CA ALA B 229 52.18 33.81 -4.88
C ALA B 229 51.05 34.67 -5.40
N LEU B 230 49.85 34.09 -5.53
CA LEU B 230 48.66 34.85 -5.91
C LEU B 230 47.90 35.35 -4.69
N LEU B 231 47.91 34.59 -3.60
CA LEU B 231 47.23 35.01 -2.38
C LEU B 231 47.93 36.20 -1.70
N GLN B 232 49.12 36.56 -2.19
CA GLN B 232 49.93 37.63 -1.61
C GLN B 232 49.14 38.91 -1.30
N LYS B 233 48.39 39.41 -2.30
CA LYS B 233 48.11 40.85 -2.36
C LYS B 233 47.34 41.35 -1.12
N SER B 234 46.32 40.61 -0.68
CA SER B 234 45.47 41.10 0.40
C SER B 234 45.88 40.49 1.74
N ASP B 235 45.20 40.95 2.80
CA ASP B 235 45.45 40.45 4.15
C ASP B 235 44.58 39.26 4.49
N VAL B 236 43.36 39.22 3.98
CA VAL B 236 42.46 38.07 4.10
C VAL B 236 42.21 37.56 2.70
N SER B 237 42.67 36.34 2.42
CA SER B 237 42.75 35.85 1.05
C SER B 237 41.77 34.72 0.82
N HIS B 238 40.96 34.85 -0.22
CA HIS B 238 40.12 33.77 -0.70
C HIS B 238 40.98 32.71 -1.35
N VAL B 239 40.98 31.49 -0.79
CA VAL B 239 41.85 30.44 -1.26
C VAL B 239 41.09 29.33 -2.00
N GLY B 240 39.81 29.12 -1.68
CA GLY B 240 39.07 28.06 -2.33
C GLY B 240 37.62 28.09 -1.95
N THR B 241 36.85 27.21 -2.58
CA THR B 241 35.42 27.07 -2.34
C THR B 241 35.09 25.59 -2.21
N LEU B 242 34.30 25.25 -1.19
CA LEU B 242 33.95 23.87 -0.91
C LEU B 242 32.48 23.67 -1.22
N LEU B 243 32.18 22.89 -2.25
CA LEU B 243 30.81 22.60 -2.65
C LEU B 243 30.34 21.31 -2.00
N ILE B 244 29.23 21.39 -1.29
CA ILE B 244 28.61 20.24 -0.63
C ILE B 244 27.27 20.05 -1.31
N THR B 245 27.13 18.94 -2.03
CA THR B 245 25.86 18.52 -2.60
C THR B 245 25.25 17.51 -1.66
N HIS B 246 24.04 17.76 -1.21
CA HIS B 246 23.41 16.94 -0.20
C HIS B 246 21.92 16.87 -0.47
N GLY B 247 21.30 15.90 0.18
CA GLY B 247 19.86 15.73 0.06
C GLY B 247 19.45 14.38 0.62
N ASP B 248 18.27 13.94 0.20
CA ASP B 248 17.75 12.65 0.63
C ASP B 248 18.23 11.53 -0.27
N GLU B 249 18.55 10.39 0.34
CA GLU B 249 19.05 9.27 -0.43
C GLU B 249 18.06 8.70 -1.43
N PRO B 250 16.78 8.49 -1.10
CA PRO B 250 15.87 7.86 -2.07
C PRO B 250 15.70 8.65 -3.36
N THR B 251 15.60 9.98 -3.29
CA THR B 251 15.54 10.75 -4.52
C THR B 251 16.78 10.54 -5.37
N ARG B 252 17.92 10.25 -4.74
CA ARG B 252 19.11 9.92 -5.50
C ARG B 252 18.94 8.58 -6.22
N LEU B 253 18.33 7.60 -5.56
CA LEU B 253 18.06 6.33 -6.21
C LEU B 253 17.11 6.51 -7.38
N ARG B 254 16.09 7.35 -7.22
CA ARG B 254 15.12 7.59 -8.28
C ARG B 254 15.77 8.26 -9.48
N ILE B 255 16.54 9.33 -9.24
CA ILE B 255 17.21 10.02 -10.34
C ILE B 255 18.27 9.13 -10.97
N ARG B 256 18.93 8.27 -10.19
CA ARG B 256 19.91 7.36 -10.75
C ARG B 256 19.24 6.36 -11.69
N ARG B 257 18.15 5.75 -11.24
CA ARG B 257 17.40 4.82 -12.08
C ARG B 257 16.94 5.51 -13.37
N LEU B 258 16.41 6.73 -13.24
CA LEU B 258 15.88 7.42 -14.41
C LEU B 258 17.01 7.84 -15.36
N TYR B 259 18.15 8.24 -14.81
CA TYR B 259 19.27 8.64 -15.64
C TYR B 259 19.85 7.44 -16.37
N LYS B 260 19.92 6.28 -15.71
CA LYS B 260 20.34 5.07 -16.40
C LYS B 260 19.36 4.72 -17.50
N LYS B 261 18.06 4.92 -17.25
CA LYS B 261 17.06 4.70 -18.28
C LYS B 261 17.30 5.59 -19.49
N LYS B 263 20.03 7.35 -20.40
CA LYS B 263 21.31 7.13 -21.06
C LYS B 263 21.28 5.83 -21.86
N GLU B 264 20.61 4.80 -21.34
CA GLU B 264 20.54 3.54 -22.07
C GLU B 264 19.77 3.69 -23.37
N THR B 265 18.74 4.54 -23.38
CA THR B 265 18.01 4.86 -24.59
C THR B 265 18.65 5.99 -25.40
N GLY B 266 19.65 6.69 -24.83
CA GLY B 266 20.33 7.72 -25.59
C GLY B 266 19.65 9.07 -25.68
N GLU B 267 18.77 9.43 -24.74
CA GLU B 267 18.05 10.69 -24.85
C GLU B 267 18.99 11.89 -24.77
N LEU B 268 19.90 11.90 -23.80
CA LEU B 268 20.82 13.03 -23.59
C LEU B 268 22.27 12.62 -23.81
N ASN B 269 22.74 12.70 -25.06
CA ASN B 269 24.15 12.41 -25.34
C ASN B 269 24.70 13.33 -26.42
N GLY B 270 24.26 14.59 -26.43
CA GLY B 270 24.84 15.55 -27.34
C GLY B 270 25.47 16.78 -26.70
N ASN B 271 24.86 17.94 -26.95
CA ASN B 271 25.34 19.25 -26.53
C ASN B 271 24.70 19.71 -25.23
N GLU B 272 23.40 19.48 -25.08
CA GLU B 272 22.63 19.81 -23.89
C GLU B 272 23.15 19.05 -22.69
N ASN B 273 24.19 18.24 -22.90
CA ASN B 273 24.76 17.37 -21.91
C ASN B 273 26.10 17.91 -21.42
N GLU B 274 26.50 19.09 -21.89
CA GLU B 274 27.73 19.72 -21.44
C GLU B 274 27.72 19.97 -19.94
N THR B 275 26.73 20.72 -19.47
CA THR B 275 26.64 21.05 -18.05
C THR B 275 25.90 20.00 -17.23
N PHE B 276 24.84 19.40 -17.79
CA PHE B 276 23.93 18.58 -17.01
C PHE B 276 24.64 17.36 -16.43
N ARG B 277 25.41 16.65 -17.25
CA ARG B 277 26.18 15.52 -16.74
C ARG B 277 27.10 15.96 -15.62
N ASN B 278 27.79 17.09 -15.78
CA ASN B 278 28.71 17.55 -14.75
C ASN B 278 27.99 17.85 -13.43
N ILE B 279 26.69 18.11 -13.46
CA ILE B 279 25.95 18.33 -12.23
C ILE B 279 25.45 17.02 -11.62
N VAL B 280 25.09 16.05 -12.46
CA VAL B 280 24.46 14.81 -12.00
C VAL B 280 25.42 13.63 -11.98
N HIS B 281 26.66 13.80 -12.46
CA HIS B 281 27.61 12.69 -12.53
C HIS B 281 28.02 12.14 -11.15
N PRO B 282 28.53 12.95 -10.22
CA PRO B 282 29.03 12.35 -8.97
C PRO B 282 27.95 11.75 -8.08
N ILE B 283 26.66 11.93 -8.40
CA ILE B 283 25.60 11.38 -7.57
C ILE B 283 24.95 10.13 -8.14
N CYS B 284 25.08 9.87 -9.44
CA CYS B 284 24.49 8.67 -10.00
C CYS B 284 25.38 7.44 -9.84
N LYS B 285 26.53 7.57 -9.19
CA LYS B 285 27.38 6.43 -8.89
C LYS B 285 26.93 5.77 -7.59
N VAL B 286 27.29 4.50 -7.44
CA VAL B 286 27.02 3.78 -6.20
C VAL B 286 27.95 4.33 -5.11
N PHE B 287 27.36 4.92 -4.08
CA PHE B 287 28.16 5.46 -2.99
C PHE B 287 28.72 4.34 -2.10
N SER B 288 29.72 4.71 -1.31
CA SER B 288 30.31 3.79 -0.34
C SER B 288 29.44 3.75 0.92
N GLY B 289 29.03 2.55 1.31
CA GLY B 289 28.12 2.37 2.41
C GLY B 289 26.65 2.34 2.02
N GLU B 290 26.36 2.40 0.71
CA GLU B 290 24.99 2.41 0.23
C GLU B 290 24.33 1.06 0.52
N GLN B 291 23.44 1.03 1.50
CA GLN B 291 22.64 -0.16 1.79
C GLN B 291 21.38 -0.05 0.94
N LEU B 292 21.28 -0.89 -0.09
CA LEU B 292 20.21 -0.79 -1.07
C LEU B 292 18.84 -1.00 -0.44
N VAL B 293 18.05 0.06 -0.36
CA VAL B 293 16.67 -0.03 0.10
C VAL B 293 15.77 -0.32 -1.09
N SER B 294 14.85 -1.27 -0.91
CA SER B 294 13.99 -1.74 -1.99
C SER B 294 12.62 -1.05 -1.98
N ASP B 295 12.49 0.06 -1.26
CA ASP B 295 11.23 0.78 -1.22
C ASP B 295 11.02 1.67 -2.44
N VAL B 296 12.09 1.93 -3.20
CA VAL B 296 12.01 2.83 -4.34
C VAL B 296 11.97 2.10 -5.68
N ILE B 297 11.96 0.78 -5.68
CA ILE B 297 11.88 0.04 -6.95
C ILE B 297 10.48 0.09 -7.57
N PRO B 298 9.36 0.14 -6.83
CA PRO B 298 8.06 0.18 -7.52
C PRO B 298 7.67 1.54 -8.06
N ILE B 299 8.49 2.57 -7.90
CA ILE B 299 8.15 3.92 -8.33
C ILE B 299 8.94 4.24 -9.61
N ARG B 300 8.22 4.38 -10.72
CA ARG B 300 8.80 4.70 -12.02
C ARG B 300 8.57 6.17 -12.33
N ASP B 301 9.64 6.95 -12.33
CA ASP B 301 9.56 8.34 -12.72
C ASP B 301 9.88 8.49 -14.21
N SER B 302 9.47 9.61 -14.79
CA SER B 302 9.53 9.77 -16.24
C SER B 302 10.34 11.02 -16.61
N VAL B 303 10.38 11.30 -17.91
CA VAL B 303 11.17 12.41 -18.42
C VAL B 303 10.57 13.76 -18.01
N GLN B 304 9.25 13.89 -18.07
CA GLN B 304 8.63 15.20 -17.90
C GLN B 304 8.75 15.73 -16.48
N ASN B 305 8.83 14.85 -15.48
CA ASN B 305 8.95 15.26 -14.08
C ASN B 305 10.38 15.18 -13.56
N PHE B 306 11.36 14.96 -14.44
CA PHE B 306 12.73 14.78 -14.00
C PHE B 306 13.33 16.09 -13.50
N GLY B 307 12.91 17.21 -14.08
CA GLY B 307 13.35 18.50 -13.57
C GLY B 307 12.93 18.70 -12.12
N ASP B 308 11.68 18.33 -11.80
CA ASP B 308 11.21 18.44 -10.42
C ASP B 308 11.97 17.50 -9.49
N LEU B 309 12.56 16.43 -10.03
CA LEU B 309 13.41 15.55 -9.22
C LEU B 309 14.79 16.16 -9.00
N CYS B 310 15.35 16.79 -10.03
CA CYS B 310 16.64 17.45 -9.87
C CYS B 310 16.53 18.75 -9.09
N ARG B 311 15.31 19.25 -8.88
CA ARG B 311 15.15 20.46 -8.08
C ARG B 311 15.49 20.21 -6.61
N GLU B 312 15.40 18.96 -6.15
CA GLU B 312 15.72 18.62 -4.78
C GLU B 312 17.17 18.22 -4.59
N ILE B 313 18.06 18.66 -5.47
CA ILE B 313 19.50 18.47 -5.30
C ILE B 313 20.02 19.70 -4.57
N ARG B 314 20.33 19.57 -3.29
CA ARG B 314 20.70 20.72 -2.48
C ARG B 314 22.20 20.96 -2.58
N GLN B 315 22.59 22.20 -2.80
CA GLN B 315 24.01 22.52 -2.98
C GLN B 315 24.37 23.79 -2.23
N HIS B 316 25.43 23.71 -1.43
CA HIS B 316 25.93 24.88 -0.71
C HIS B 316 27.43 24.99 -0.92
N GLU B 317 27.94 26.23 -0.90
CA GLU B 317 29.34 26.50 -1.28
C GLU B 317 30.06 27.29 -0.18
N ILE B 318 30.53 26.56 0.82
CA ILE B 318 31.30 27.17 1.92
C ILE B 318 32.52 27.90 1.37
N LEU B 320 36.33 29.58 1.93
CA LEU B 320 37.56 29.25 2.64
C LEU B 320 38.46 30.47 2.65
N THR B 321 38.78 30.97 3.84
CA THR B 321 39.54 32.20 4.00
C THR B 321 40.83 31.94 4.76
N GLU B 323 44.01 34.54 6.84
CA GLU B 323 44.53 35.85 7.20
C GLU B 323 46.03 35.93 6.92
N VAL B 324 46.62 37.07 7.25
CA VAL B 324 48.05 37.29 7.02
C VAL B 324 48.77 37.48 8.36
N THR C 27 5.11 -26.41 -3.20
CA THR C 27 4.40 -25.73 -4.27
C THR C 27 3.03 -25.22 -3.83
N HIS C 28 2.35 -25.99 -2.97
CA HIS C 28 1.07 -25.60 -2.41
C HIS C 28 1.30 -24.93 -1.07
N ALA C 29 0.92 -23.66 -0.95
CA ALA C 29 0.99 -22.99 0.34
C ALA C 29 0.05 -23.63 1.35
N ALA C 30 -1.04 -24.23 0.88
CA ALA C 30 -1.96 -24.95 1.75
C ALA C 30 -2.70 -25.97 0.90
N LEU C 31 -3.31 -26.94 1.59
CA LEU C 31 -4.09 -28.00 0.95
C LEU C 31 -5.50 -27.94 1.51
N SER C 32 -6.48 -27.68 0.63
CA SER C 32 -7.87 -27.60 1.02
C SER C 32 -8.69 -28.58 0.19
N TRP C 33 -9.46 -29.42 0.87
CA TRP C 33 -10.32 -30.40 0.24
C TRP C 33 -11.77 -29.93 0.26
N ASN C 34 -12.60 -30.61 -0.53
CA ASN C 34 -14.04 -30.35 -0.55
C ASN C 34 -14.70 -31.09 0.61
N SER C 35 -16.03 -31.13 0.61
CA SER C 35 -16.78 -31.81 1.66
C SER C 35 -17.00 -33.27 1.26
N LEU C 36 -16.65 -34.18 2.16
CA LEU C 36 -16.79 -35.62 1.93
C LEU C 36 -17.70 -36.21 2.98
N LYS C 37 -18.54 -37.16 2.56
CA LYS C 37 -19.39 -37.85 3.51
C LYS C 37 -18.55 -38.71 4.46
N ILE C 38 -19.13 -39.02 5.62
CA ILE C 38 -18.42 -39.80 6.62
C ILE C 38 -18.15 -41.20 6.07
N GLY C 39 -16.93 -41.68 6.27
CA GLY C 39 -16.55 -43.01 5.85
C GLY C 39 -15.96 -43.11 4.45
N LYS C 40 -15.49 -42.00 3.88
CA LYS C 40 -14.81 -42.03 2.60
C LYS C 40 -13.63 -41.08 2.65
N SER C 41 -12.55 -41.46 1.99
CA SER C 41 -11.26 -40.78 2.09
C SER C 41 -10.78 -40.36 0.72
N GLU C 42 -10.23 -39.14 0.63
CA GLU C 42 -9.71 -38.61 -0.61
C GLU C 42 -8.23 -38.28 -0.46
N ILE C 43 -7.50 -38.41 -1.56
CA ILE C 43 -6.07 -38.11 -1.60
C ILE C 43 -5.86 -36.84 -2.43
N LYS C 44 -4.84 -36.07 -2.06
CA LYS C 44 -4.34 -35.00 -2.90
C LYS C 44 -2.83 -34.92 -2.76
N GLU C 45 -2.17 -34.50 -3.83
CA GLU C 45 -0.72 -34.48 -3.92
C GLU C 45 -0.19 -33.07 -3.92
N PHE C 46 1.10 -32.96 -3.60
CA PHE C 46 1.84 -31.70 -3.62
C PHE C 46 3.32 -32.05 -3.74
N THR C 47 4.01 -31.33 -4.63
CA THR C 47 5.39 -31.64 -4.97
C THR C 47 6.35 -30.70 -4.25
N ILE C 48 7.62 -31.08 -4.26
CA ILE C 48 8.65 -30.30 -3.58
C ILE C 48 9.97 -30.37 -4.35
N GLN C 59 12.03 -35.07 6.84
CA GLN C 59 11.31 -35.25 8.09
C GLN C 59 10.19 -34.22 8.23
N ALA C 60 8.97 -34.65 7.92
CA ALA C 60 7.79 -33.78 7.97
C ALA C 60 6.67 -34.51 8.72
N THR C 61 6.52 -34.22 10.00
CA THR C 61 5.48 -34.84 10.81
C THR C 61 4.16 -34.09 10.62
N ILE C 62 3.10 -34.83 10.34
CA ILE C 62 1.76 -34.27 10.19
C ILE C 62 1.08 -34.28 11.55
N SER C 63 0.62 -33.10 11.99
CA SER C 63 -0.05 -32.95 13.27
C SER C 63 -1.55 -32.87 13.06
N ASP C 64 -2.29 -33.65 13.84
CA ASP C 64 -3.74 -33.69 13.73
C ASP C 64 -4.31 -34.33 14.99
N SER C 65 -5.36 -33.72 15.54
CA SER C 65 -5.90 -34.17 16.82
C SER C 65 -6.96 -35.26 16.68
N GLU C 66 -7.81 -35.16 15.65
CA GLU C 66 -8.93 -36.09 15.51
C GLU C 66 -8.80 -36.92 14.24
N LYS C 67 -7.60 -37.46 13.99
CA LYS C 67 -7.29 -38.41 12.93
C LYS C 67 -7.97 -38.08 11.60
N ASN C 68 -8.05 -36.78 11.28
CA ASN C 68 -8.69 -36.38 10.03
C ASN C 68 -7.79 -36.56 8.83
N PHE C 69 -6.47 -36.44 9.00
CA PHE C 69 -5.51 -36.48 7.91
C PHE C 69 -4.54 -37.63 8.14
N ARG C 70 -4.90 -38.81 7.65
CA ARG C 70 -4.02 -39.98 7.75
C ARG C 70 -2.79 -39.79 6.87
N PHE C 71 -1.67 -40.37 7.30
CA PHE C 71 -0.41 -40.19 6.60
C PHE C 71 0.64 -41.17 7.10
N THR C 80 1.68 -41.25 10.21
CA THR C 80 1.52 -39.88 10.68
C THR C 80 2.87 -39.18 10.78
N THR C 81 3.92 -39.84 10.28
CA THR C 81 5.26 -39.29 10.33
C THR C 81 6.12 -40.05 9.32
N ILE C 82 6.87 -39.32 8.50
CA ILE C 82 7.78 -39.91 7.53
C ILE C 82 9.16 -39.27 7.69
N VAL C 83 10.08 -39.70 6.83
CA VAL C 83 11.43 -39.16 6.76
C VAL C 83 11.94 -39.35 5.35
N LEU C 84 12.67 -38.36 4.84
CA LEU C 84 13.16 -38.41 3.47
C LEU C 84 14.27 -37.38 3.29
N ALA C 85 15.10 -37.62 2.28
CA ALA C 85 16.17 -36.70 1.90
C ALA C 85 16.32 -36.79 0.38
N LEU C 86 16.62 -35.66 -0.25
CA LEU C 86 16.57 -35.57 -1.71
C LEU C 86 17.74 -34.72 -2.19
N GLN C 87 18.27 -35.08 -3.36
CA GLN C 87 19.48 -34.42 -3.85
C GLN C 87 19.19 -32.99 -4.28
N GLY C 88 20.20 -32.31 -4.81
CA GLY C 88 20.06 -30.92 -5.17
C GLY C 88 19.14 -30.75 -6.37
N SER C 89 18.17 -29.83 -6.23
CA SER C 89 17.27 -29.46 -7.32
C SER C 89 16.49 -30.67 -7.85
N GLU C 90 16.09 -31.57 -6.96
CA GLU C 90 15.27 -32.70 -7.33
C GLU C 90 13.82 -32.50 -6.90
N SER C 91 12.98 -33.46 -7.29
CA SER C 91 11.55 -33.39 -7.06
C SER C 91 11.07 -34.72 -6.47
N ARG C 92 10.30 -34.63 -5.39
CA ARG C 92 9.59 -35.79 -4.84
C ARG C 92 8.14 -35.40 -4.62
N THR C 93 7.25 -35.96 -5.44
CA THR C 93 5.82 -35.66 -5.33
C THR C 93 5.26 -36.45 -4.15
N LEU C 94 4.80 -35.74 -3.13
CA LEU C 94 4.19 -36.38 -1.96
C LEU C 94 2.67 -36.33 -2.10
N SER C 95 2.00 -37.24 -1.41
CA SER C 95 0.55 -37.34 -1.48
C SER C 95 0.00 -37.67 -0.10
N VAL C 96 -1.06 -36.96 0.29
CA VAL C 96 -1.68 -37.15 1.60
C VAL C 96 -3.14 -37.56 1.41
N VAL C 97 -3.59 -38.48 2.25
CA VAL C 97 -4.93 -39.03 2.22
C VAL C 97 -5.65 -38.59 3.50
N PHE C 98 -6.96 -38.38 3.40
CA PHE C 98 -7.67 -37.94 4.59
C PHE C 98 -9.11 -38.43 4.53
N SER C 99 -9.69 -38.69 5.70
CA SER C 99 -11.06 -39.19 5.80
C SER C 99 -11.78 -38.54 6.97
N PRO C 100 -12.70 -37.61 6.73
CA PRO C 100 -13.49 -37.05 7.82
C PRO C 100 -14.45 -38.09 8.38
N HIS C 101 -14.20 -38.54 9.62
CA HIS C 101 -15.03 -39.60 10.17
C HIS C 101 -16.35 -39.06 10.71
N HIS C 102 -16.37 -37.84 11.22
CA HIS C 102 -17.58 -37.23 11.74
C HIS C 102 -17.78 -35.87 11.08
N ILE C 103 -19.05 -35.48 10.94
CA ILE C 103 -19.35 -34.18 10.36
C ILE C 103 -18.71 -33.09 11.20
N GLY C 104 -18.02 -32.17 10.53
CA GLY C 104 -17.29 -31.14 11.26
C GLY C 104 -15.99 -30.73 10.61
N ALA C 105 -15.40 -29.65 11.09
CA ALA C 105 -14.21 -29.11 10.44
C ALA C 105 -13.00 -30.00 10.70
N ALA C 106 -11.94 -29.77 9.92
CA ALA C 106 -10.71 -30.53 10.04
C ALA C 106 -9.55 -29.66 9.62
N SER C 107 -8.63 -29.41 10.55
CA SER C 107 -7.46 -28.58 10.29
C SER C 107 -6.21 -29.34 10.70
N GLY C 108 -5.15 -29.20 9.90
CA GLY C 108 -3.89 -29.85 10.19
C GLY C 108 -2.73 -28.99 9.73
N LYS C 109 -1.54 -29.36 10.19
CA LYS C 109 -0.34 -28.60 9.88
C LYS C 109 0.83 -29.55 9.72
N ILE C 110 1.73 -29.22 8.79
CA ILE C 110 2.93 -30.01 8.53
C ILE C 110 4.12 -29.25 9.12
N ILE C 111 4.80 -29.87 10.08
CA ILE C 111 5.95 -29.25 10.72
C ILE C 111 7.23 -29.63 10.01
N PHE C 131 -0.32 -25.89 5.57
CA PHE C 131 -1.60 -26.07 6.24
C PHE C 131 -2.51 -27.01 5.45
N LEU C 132 -3.39 -27.70 6.16
CA LEU C 132 -4.33 -28.65 5.56
C LEU C 132 -5.74 -28.32 6.08
N TYR C 133 -6.70 -28.23 5.18
CA TYR C 133 -8.06 -27.86 5.53
C TYR C 133 -9.06 -28.80 4.86
N GLY C 134 -10.08 -29.19 5.62
CA GLY C 134 -11.15 -30.02 5.11
C GLY C 134 -12.35 -29.88 6.03
N TYR C 135 -13.47 -30.46 5.61
CA TYR C 135 -14.70 -30.33 6.37
C TYR C 135 -15.65 -31.46 5.99
N GLY C 136 -16.04 -32.26 6.98
CA GLY C 136 -16.76 -33.50 6.73
C GLY C 136 -18.26 -33.36 6.88
N GLY C 137 -18.97 -34.19 6.13
CA GLY C 137 -20.40 -34.07 5.93
C GLY C 137 -20.73 -33.97 4.44
N TYR C 138 -22.02 -34.11 4.15
CA TYR C 138 -22.47 -34.01 2.77
C TYR C 138 -23.90 -33.49 2.77
N SER C 139 -24.43 -33.26 1.57
CA SER C 139 -25.82 -32.90 1.38
C SER C 139 -26.25 -33.32 -0.01
N LYS C 140 -27.35 -34.06 -0.10
CA LYS C 140 -27.92 -34.51 -1.37
C LYS C 140 -29.41 -34.16 -1.37
N VAL C 141 -29.73 -32.97 -1.86
CA VAL C 141 -31.13 -32.60 -2.06
C VAL C 141 -31.65 -33.29 -3.31
N GLU C 142 -32.71 -34.06 -3.13
CA GLU C 142 -33.32 -34.83 -4.19
C GLU C 142 -34.57 -34.12 -4.68
N ILE C 143 -34.68 -33.99 -6.00
CA ILE C 143 -35.84 -33.40 -6.65
C ILE C 143 -36.83 -34.50 -6.97
N SER C 144 -38.10 -34.29 -6.62
CA SER C 144 -39.13 -35.30 -6.76
C SER C 144 -40.41 -34.68 -7.27
N GLU C 145 -41.29 -35.55 -7.76
CA GLU C 145 -42.54 -35.20 -8.44
C GLU C 145 -42.30 -34.56 -9.80
N VAL C 146 -41.08 -34.70 -10.32
CA VAL C 146 -40.76 -34.33 -11.69
C VAL C 146 -40.43 -35.64 -12.42
N PHE C 147 -40.56 -35.62 -13.74
CA PHE C 147 -40.31 -36.81 -14.54
C PHE C 147 -38.86 -36.85 -15.00
N LYS C 148 -38.26 -38.04 -14.94
CA LYS C 148 -36.87 -38.24 -15.29
C LYS C 148 -36.77 -39.26 -16.42
N ASP C 149 -35.87 -38.99 -17.36
CA ASP C 149 -35.67 -39.87 -18.51
C ASP C 149 -34.63 -40.95 -18.19
N THR C 150 -34.62 -41.99 -19.04
CA THR C 150 -33.54 -42.95 -18.98
C THR C 150 -32.20 -42.30 -19.30
N ASN C 151 -32.22 -41.28 -20.16
CA ASN C 151 -31.00 -40.53 -20.44
C ASN C 151 -30.56 -39.71 -19.24
N GLY C 152 -31.51 -39.05 -18.58
CA GLY C 152 -31.19 -38.30 -17.37
C GLY C 152 -31.88 -36.96 -17.23
N LYS C 153 -32.25 -36.35 -18.35
CA LYS C 153 -32.87 -35.03 -18.31
C LYS C 153 -34.24 -35.11 -17.66
N TRP C 155 -38.20 -33.47 -16.75
CA TRP C 155 -39.31 -32.93 -17.53
C TRP C 155 -40.49 -32.66 -16.62
N LEU C 156 -41.01 -31.44 -16.68
CA LEU C 156 -42.14 -31.03 -15.84
C LEU C 156 -43.20 -30.42 -16.76
N SER C 157 -44.39 -31.01 -16.75
CA SER C 157 -45.50 -30.57 -17.59
C SER C 157 -46.51 -29.80 -16.76
N PHE C 158 -47.01 -28.70 -17.31
CA PHE C 158 -48.00 -27.90 -16.61
C PHE C 158 -49.40 -28.44 -16.83
N GLY C 159 -49.65 -29.08 -17.97
CA GLY C 159 -50.97 -29.51 -18.34
C GLY C 159 -51.37 -28.95 -19.70
N LEU C 161 -53.43 -26.09 -22.03
CA LEU C 161 -53.86 -24.70 -21.97
C LEU C 161 -55.38 -24.63 -22.14
N ASN C 162 -56.08 -24.40 -21.03
CA ASN C 162 -57.51 -24.12 -21.06
C ASN C 162 -57.72 -22.63 -21.29
N SER C 163 -58.75 -22.31 -22.08
CA SER C 163 -59.03 -20.90 -22.36
C SER C 163 -59.39 -20.16 -21.09
N GLU C 164 -58.95 -18.90 -21.00
CA GLU C 164 -59.19 -17.96 -19.90
C GLU C 164 -58.47 -18.40 -18.62
N ASN C 165 -57.77 -19.52 -18.63
CA ASN C 165 -57.07 -20.03 -17.46
C ASN C 165 -55.56 -19.93 -17.66
N SER C 166 -54.85 -20.02 -16.54
CA SER C 166 -53.40 -20.08 -16.51
C SER C 166 -52.99 -21.42 -15.93
N LEU C 167 -51.72 -21.76 -16.09
CA LEU C 167 -51.23 -23.08 -15.71
C LEU C 167 -50.36 -22.97 -14.47
N ASN C 168 -50.16 -24.10 -13.80
CA ASN C 168 -49.36 -24.09 -12.58
C ASN C 168 -48.95 -25.51 -12.23
N ALA C 169 -47.84 -25.62 -11.48
CA ALA C 169 -47.31 -26.93 -11.11
C ALA C 169 -46.46 -26.78 -9.85
N LYS C 170 -46.00 -27.92 -9.37
CA LYS C 170 -45.34 -28.02 -8.08
C LYS C 170 -44.26 -29.11 -8.12
N ILE C 171 -43.19 -28.89 -7.38
CA ILE C 171 -42.06 -29.81 -7.31
C ILE C 171 -41.63 -29.94 -5.86
N LYS C 172 -41.20 -31.14 -5.46
CA LYS C 172 -40.75 -31.37 -4.10
C LYS C 172 -39.23 -31.45 -4.07
N LEU C 173 -38.61 -30.82 -3.07
CA LEU C 173 -37.17 -30.93 -2.89
C LEU C 173 -36.88 -31.29 -1.44
N GLN C 174 -36.13 -32.38 -1.26
CA GLN C 174 -35.89 -32.97 0.05
C GLN C 174 -34.41 -33.17 0.29
N ASN C 175 -33.89 -32.63 1.39
CA ASN C 175 -32.49 -32.80 1.75
C ASN C 175 -32.33 -34.09 2.55
N THR C 176 -31.66 -35.07 1.97
CA THR C 176 -31.41 -36.34 2.63
C THR C 176 -29.95 -36.45 3.12
N GLY C 177 -29.27 -35.31 3.24
CA GLY C 177 -27.87 -35.28 3.62
C GLY C 177 -27.66 -35.09 5.11
N ASP C 178 -26.42 -34.74 5.45
CA ASP C 178 -26.04 -34.50 6.84
C ASP C 178 -25.77 -33.04 7.15
N LEU C 179 -25.45 -32.23 6.16
CA LEU C 179 -25.19 -30.81 6.34
C LEU C 179 -26.35 -30.00 5.77
N CYS C 180 -26.34 -28.71 6.10
CA CYS C 180 -27.34 -27.80 5.54
C CYS C 180 -27.13 -27.63 4.05
N SER C 181 -28.22 -27.47 3.32
CA SER C 181 -28.19 -27.38 1.88
C SER C 181 -28.75 -26.03 1.42
N TYR C 182 -28.22 -25.57 0.28
CA TYR C 182 -28.65 -24.32 -0.33
C TYR C 182 -29.21 -24.62 -1.72
N VAL C 183 -30.27 -23.90 -2.08
CA VAL C 183 -30.96 -24.07 -3.36
C VAL C 183 -31.29 -22.69 -3.91
N LYS C 184 -30.76 -22.39 -5.10
CA LYS C 184 -31.06 -21.18 -5.86
C LYS C 184 -31.78 -21.59 -7.14
N ILE C 185 -32.96 -21.03 -7.36
CA ILE C 185 -33.82 -21.40 -8.47
C ILE C 185 -33.89 -20.25 -9.45
N LYS C 186 -33.70 -20.55 -10.74
CA LYS C 186 -33.72 -19.53 -11.78
C LYS C 186 -34.51 -20.03 -12.96
N LEU C 187 -35.52 -19.29 -13.38
CA LEU C 187 -36.39 -19.68 -14.48
C LEU C 187 -36.08 -18.84 -15.71
N THR C 188 -35.94 -19.50 -16.85
CA THR C 188 -35.67 -18.81 -18.11
C THR C 188 -36.70 -19.24 -19.15
N PRO C 189 -37.55 -18.34 -19.62
CA PRO C 189 -38.57 -18.71 -20.61
C PRO C 189 -37.96 -18.90 -21.99
N LYS C 190 -38.73 -19.55 -22.86
CA LYS C 190 -38.27 -19.79 -24.22
C LYS C 190 -38.51 -18.58 -25.12
N ALA C 191 -39.70 -17.98 -25.03
CA ALA C 191 -39.98 -16.77 -25.81
C ALA C 191 -39.23 -15.59 -25.20
N VAL C 192 -39.05 -14.55 -26.02
CA VAL C 192 -38.22 -13.40 -25.67
C VAL C 192 -39.03 -12.13 -25.93
N TYR C 193 -39.58 -11.55 -24.86
CA TYR C 193 -40.37 -10.34 -24.93
C TYR C 193 -40.10 -9.50 -23.69
N PRO C 194 -40.37 -8.19 -23.74
CA PRO C 194 -39.87 -7.30 -22.66
C PRO C 194 -40.30 -7.69 -21.26
N THR C 195 -41.56 -8.06 -21.06
CA THR C 195 -42.07 -8.42 -19.74
C THR C 195 -42.05 -9.94 -19.55
N ILE C 197 -40.22 -12.51 -17.86
CA ILE C 197 -40.28 -13.24 -16.61
C ILE C 197 -41.43 -12.79 -15.73
N SER C 198 -42.02 -11.62 -16.01
CA SER C 198 -43.12 -11.11 -15.19
C SER C 198 -44.36 -12.00 -15.27
N SER C 199 -44.51 -12.79 -16.34
CA SER C 199 -45.62 -13.71 -16.47
C SER C 199 -45.44 -14.96 -15.62
N TRP C 200 -44.23 -15.21 -15.14
CA TRP C 200 -43.93 -16.37 -14.31
C TRP C 200 -43.94 -15.97 -12.84
N GLN C 201 -44.44 -16.85 -11.99
CA GLN C 201 -44.46 -16.64 -10.55
C GLN C 201 -43.98 -17.92 -9.87
N VAL C 202 -42.72 -17.94 -9.44
CA VAL C 202 -42.13 -19.11 -8.81
C VAL C 202 -41.80 -18.77 -7.36
N ASN C 203 -42.07 -19.72 -6.45
CA ASN C 203 -41.87 -19.49 -5.04
C ASN C 203 -41.67 -20.82 -4.34
N PRO C 204 -40.57 -21.01 -3.58
CA PRO C 204 -39.48 -20.07 -3.29
C PRO C 204 -38.45 -19.95 -4.40
N THR C 205 -38.01 -18.71 -4.67
CA THR C 205 -36.94 -18.50 -5.65
C THR C 205 -35.58 -18.88 -5.09
N GLU C 206 -35.41 -18.78 -3.78
CA GLU C 206 -34.16 -19.15 -3.11
C GLU C 206 -34.52 -19.69 -1.73
N LEU C 207 -33.74 -20.66 -1.27
CA LEU C 207 -34.08 -21.30 0.00
C LEU C 207 -32.92 -22.13 0.52
N LEU C 208 -33.02 -22.49 1.79
CA LEU C 208 -32.12 -23.42 2.45
C LEU C 208 -32.93 -24.57 3.02
N LEU C 209 -32.31 -25.75 3.07
CA LEU C 209 -32.96 -26.95 3.59
C LEU C 209 -32.04 -27.62 4.59
N ASN C 210 -32.52 -27.75 5.82
CA ASN C 210 -31.80 -28.51 6.83
C ASN C 210 -31.89 -30.00 6.51
N PRO C 211 -31.05 -30.82 7.13
CA PRO C 211 -31.13 -32.27 6.88
C PRO C 211 -32.52 -32.81 7.21
N LYS C 212 -33.01 -33.68 6.33
CA LYS C 212 -34.33 -34.31 6.44
C LYS C 212 -35.47 -33.30 6.35
N GLU C 213 -35.25 -32.15 5.72
CA GLU C 213 -36.30 -31.17 5.51
C GLU C 213 -36.85 -31.30 4.10
N VAL C 214 -38.18 -31.18 3.99
CA VAL C 214 -38.89 -31.26 2.72
C VAL C 214 -39.54 -29.91 2.47
N GLN C 215 -39.43 -29.41 1.23
CA GLN C 215 -40.12 -28.17 0.90
C GLN C 215 -40.61 -28.24 -0.54
N TRP C 216 -41.76 -27.62 -0.78
CA TRP C 216 -42.38 -27.61 -2.09
C TRP C 216 -42.18 -26.26 -2.77
N VAL C 217 -41.71 -26.30 -4.01
CA VAL C 217 -41.60 -25.10 -4.84
C VAL C 217 -42.76 -25.13 -5.84
N THR C 218 -43.56 -24.08 -5.83
CA THR C 218 -44.71 -23.96 -6.71
C THR C 218 -44.45 -22.86 -7.74
N LEU C 219 -44.85 -23.12 -8.98
CA LEU C 219 -44.61 -22.18 -10.06
C LEU C 219 -45.87 -22.06 -10.91
N GLU C 220 -46.29 -20.82 -11.15
CA GLU C 220 -47.46 -20.50 -11.93
C GLU C 220 -47.04 -19.76 -13.20
N PHE C 221 -47.71 -20.08 -14.30
CA PHE C 221 -47.42 -19.51 -15.61
C PHE C 221 -48.70 -18.92 -16.18
N HIS C 222 -48.68 -17.62 -16.42
CA HIS C 222 -49.78 -16.89 -17.04
C HIS C 222 -49.41 -16.65 -18.51
N PRO C 223 -49.90 -17.46 -19.44
CA PRO C 223 -49.43 -17.35 -20.82
C PRO C 223 -49.89 -16.04 -21.47
N ARG C 224 -48.95 -15.35 -22.10
CA ARG C 224 -49.25 -14.13 -22.84
C ARG C 224 -49.51 -14.45 -24.31
N LYS C 225 -50.13 -13.49 -25.00
CA LYS C 225 -50.41 -13.65 -26.42
C LYS C 225 -49.13 -13.83 -27.23
N GLU C 226 -48.01 -13.31 -26.73
CA GLU C 226 -46.74 -13.40 -27.45
C GLU C 226 -46.02 -14.71 -27.20
N ASP C 227 -46.33 -15.41 -26.10
CA ASP C 227 -45.72 -16.71 -25.83
C ASP C 227 -46.27 -17.78 -26.77
N LEU C 228 -47.61 -17.84 -26.90
CA LEU C 228 -48.23 -18.90 -27.69
C LEU C 228 -47.95 -18.75 -29.18
N ALA C 229 -47.62 -17.54 -29.64
CA ALA C 229 -47.34 -17.33 -31.06
C ALA C 229 -46.18 -18.19 -31.55
N LEU C 230 -45.23 -18.50 -30.65
CA LEU C 230 -44.14 -19.42 -30.98
C LEU C 230 -44.49 -20.87 -30.65
N LEU C 231 -45.24 -21.09 -29.57
CA LEU C 231 -45.60 -22.43 -29.14
C LEU C 231 -46.68 -23.07 -30.02
N GLN C 232 -47.18 -22.32 -31.00
CA GLN C 232 -48.24 -22.79 -31.89
C GLN C 232 -47.88 -24.09 -32.60
N LYS C 233 -46.69 -24.15 -33.21
CA LYS C 233 -46.44 -25.07 -34.30
C LYS C 233 -46.62 -26.53 -33.88
N SER C 234 -46.07 -26.91 -32.73
CA SER C 234 -46.09 -28.30 -32.29
C SER C 234 -47.24 -28.53 -31.31
N ASP C 235 -47.45 -29.82 -30.98
CA ASP C 235 -48.47 -30.21 -30.02
C ASP C 235 -47.94 -30.21 -28.60
N VAL C 236 -46.68 -30.56 -28.40
CA VAL C 236 -46.01 -30.48 -27.11
C VAL C 236 -44.93 -29.41 -27.23
N SER C 237 -45.11 -28.30 -26.53
CA SER C 237 -44.30 -27.11 -26.72
C SER C 237 -43.39 -26.87 -25.52
N HIS C 238 -42.10 -26.68 -25.79
CA HIS C 238 -41.16 -26.27 -24.75
C HIS C 238 -41.40 -24.81 -24.40
N VAL C 239 -41.81 -24.56 -23.16
CA VAL C 239 -42.19 -23.21 -22.75
C VAL C 239 -41.13 -22.53 -21.88
N GLY C 240 -40.31 -23.30 -21.16
CA GLY C 240 -39.29 -22.69 -20.32
C GLY C 240 -38.33 -23.72 -19.79
N THR C 241 -37.33 -23.24 -19.05
CA THR C 241 -36.32 -24.09 -18.43
C THR C 241 -36.06 -23.60 -17.01
N LEU C 242 -36.07 -24.52 -16.06
CA LEU C 242 -35.91 -24.19 -14.64
C LEU C 242 -34.58 -24.74 -14.17
N LEU C 243 -33.62 -23.87 -13.88
CA LEU C 243 -32.32 -24.25 -13.37
C LEU C 243 -32.37 -24.29 -11.85
N ILE C 244 -32.00 -25.43 -11.28
CA ILE C 244 -31.91 -25.64 -9.84
C ILE C 244 -30.43 -25.79 -9.51
N THR C 245 -29.85 -24.78 -8.89
CA THR C 245 -28.50 -24.85 -8.36
C THR C 245 -28.60 -25.23 -6.89
N HIS C 246 -27.84 -26.23 -6.47
CA HIS C 246 -28.00 -26.76 -5.13
C HIS C 246 -26.70 -27.38 -4.66
N GLY C 247 -26.58 -27.48 -3.35
CA GLY C 247 -25.44 -28.16 -2.75
C GLY C 247 -25.46 -27.99 -1.25
N ASP C 248 -24.31 -28.26 -0.63
CA ASP C 248 -24.14 -28.05 0.80
C ASP C 248 -23.80 -26.60 1.09
N GLU C 249 -24.34 -26.09 2.19
CA GLU C 249 -24.17 -24.68 2.56
C GLU C 249 -22.74 -24.26 2.83
N PRO C 250 -21.90 -25.03 3.55
CA PRO C 250 -20.60 -24.48 3.96
C PRO C 250 -19.63 -24.22 2.81
N THR C 251 -19.58 -25.11 1.82
CA THR C 251 -18.75 -24.84 0.64
C THR C 251 -19.16 -23.54 -0.03
N ARG C 252 -20.44 -23.19 0.09
CA ARG C 252 -20.90 -21.90 -0.42
C ARG C 252 -20.30 -20.75 0.36
N LEU C 253 -20.20 -20.88 1.70
CA LEU C 253 -19.53 -19.84 2.49
C LEU C 253 -18.07 -19.72 2.12
N ARG C 254 -17.42 -20.86 1.86
CA ARG C 254 -16.01 -20.83 1.47
C ARG C 254 -15.84 -20.12 0.12
N ILE C 255 -16.72 -20.45 -0.83
CA ILE C 255 -16.66 -19.81 -2.15
C ILE C 255 -16.98 -18.32 -2.02
N ARG C 256 -17.89 -17.96 -1.12
CA ARG C 256 -18.19 -16.55 -0.88
C ARG C 256 -16.96 -15.81 -0.39
N ARG C 257 -16.30 -16.37 0.63
CA ARG C 257 -15.08 -15.75 1.14
C ARG C 257 -14.03 -15.58 0.04
N LEU C 258 -13.84 -16.62 -0.76
CA LEU C 258 -12.77 -16.57 -1.74
C LEU C 258 -13.11 -15.62 -2.89
N TYR C 259 -14.38 -15.56 -3.28
CA TYR C 259 -14.81 -14.62 -4.32
C TYR C 259 -14.69 -13.19 -3.85
N LYS C 260 -15.07 -12.92 -2.60
CA LYS C 260 -14.88 -11.60 -2.04
C LYS C 260 -13.40 -11.25 -1.95
N LYS C 261 -12.56 -12.24 -1.66
CA LYS C 261 -11.12 -12.04 -1.69
C LYS C 261 -10.65 -11.60 -3.08
N LYS C 263 -12.28 -10.51 -5.79
CA LYS C 263 -12.80 -9.27 -6.34
C LYS C 263 -12.34 -8.06 -5.54
N GLU C 264 -12.26 -8.19 -4.21
CA GLU C 264 -11.80 -7.08 -3.38
C GLU C 264 -10.33 -6.79 -3.62
N THR C 265 -9.52 -7.82 -3.85
CA THR C 265 -8.12 -7.64 -4.19
C THR C 265 -7.91 -7.40 -5.68
N GLY C 266 -8.95 -7.53 -6.50
CA GLY C 266 -8.83 -7.27 -7.92
C GLY C 266 -8.17 -8.37 -8.71
N GLU C 267 -8.08 -9.58 -8.16
CA GLU C 267 -7.48 -10.69 -8.89
C GLU C 267 -8.32 -11.05 -10.11
N LEU C 268 -9.64 -11.04 -9.98
CA LEU C 268 -10.54 -11.35 -11.09
C LEU C 268 -11.53 -10.20 -11.21
N ASN C 269 -11.17 -9.20 -12.02
CA ASN C 269 -12.02 -8.02 -12.19
C ASN C 269 -11.75 -7.47 -13.59
N GLY C 270 -12.64 -7.79 -14.54
CA GLY C 270 -12.51 -7.26 -15.89
C GLY C 270 -13.25 -8.05 -16.95
N ASN C 271 -12.55 -8.35 -18.05
CA ASN C 271 -13.14 -8.97 -19.24
C ASN C 271 -13.03 -10.49 -19.24
N GLU C 272 -11.88 -11.03 -18.84
CA GLU C 272 -11.64 -12.47 -18.85
C GLU C 272 -12.50 -13.23 -17.86
N ASN C 273 -13.32 -12.54 -17.09
CA ASN C 273 -14.03 -13.12 -15.96
C ASN C 273 -15.54 -13.09 -16.14
N GLU C 274 -16.00 -12.76 -17.35
CA GLU C 274 -17.42 -12.49 -17.57
C GLU C 274 -18.30 -13.66 -17.15
N THR C 275 -18.19 -14.78 -17.85
CA THR C 275 -19.10 -15.89 -17.59
C THR C 275 -18.84 -16.52 -16.23
N PHE C 276 -17.59 -16.53 -15.75
CA PHE C 276 -17.32 -17.13 -14.45
C PHE C 276 -17.96 -16.30 -13.33
N ARG C 277 -17.84 -14.97 -13.41
CA ARG C 277 -18.48 -14.14 -12.39
C ARG C 277 -20.00 -14.23 -12.49
N ASN C 278 -20.54 -14.26 -13.71
CA ASN C 278 -21.98 -14.38 -13.86
C ASN C 278 -22.51 -15.75 -13.39
N ILE C 279 -21.67 -16.78 -13.38
CA ILE C 279 -22.10 -18.08 -12.88
C ILE C 279 -21.95 -18.19 -11.36
N VAL C 280 -20.88 -17.62 -10.79
CA VAL C 280 -20.58 -17.83 -9.39
C VAL C 280 -21.15 -16.74 -8.47
N HIS C 281 -21.51 -15.57 -9.01
CA HIS C 281 -21.92 -14.45 -8.16
C HIS C 281 -23.25 -14.69 -7.46
N PRO C 282 -24.34 -15.16 -8.14
CA PRO C 282 -25.62 -15.27 -7.42
C PRO C 282 -25.64 -16.31 -6.31
N ILE C 283 -24.54 -17.04 -6.15
CA ILE C 283 -24.41 -17.98 -5.04
C ILE C 283 -23.78 -17.33 -3.81
N CYS C 284 -22.96 -16.30 -3.99
CA CYS C 284 -22.28 -15.64 -2.89
C CYS C 284 -23.15 -14.63 -2.16
N LYS C 285 -24.42 -14.50 -2.54
CA LYS C 285 -25.31 -13.53 -1.92
C LYS C 285 -25.86 -14.06 -0.60
N VAL C 286 -26.10 -13.14 0.34
CA VAL C 286 -26.68 -13.50 1.63
C VAL C 286 -28.14 -13.90 1.40
N PHE C 287 -28.45 -15.18 1.61
CA PHE C 287 -29.82 -15.64 1.47
C PHE C 287 -30.67 -15.19 2.66
N SER C 288 -31.98 -15.27 2.47
CA SER C 288 -32.92 -14.98 3.55
C SER C 288 -33.08 -16.22 4.42
N GLY C 289 -32.89 -16.05 5.73
CA GLY C 289 -32.88 -17.16 6.65
C GLY C 289 -31.51 -17.79 6.88
N GLU C 290 -30.46 -17.19 6.33
CA GLU C 290 -29.10 -17.70 6.50
C GLU C 290 -28.66 -17.50 7.94
N GLN C 291 -28.65 -18.58 8.71
CA GLN C 291 -28.16 -18.55 10.09
C GLN C 291 -26.65 -18.75 10.05
N LEU C 292 -25.90 -17.71 10.40
CA LEU C 292 -24.46 -17.72 10.27
C LEU C 292 -23.82 -18.81 11.13
N VAL C 293 -23.28 -19.84 10.49
CA VAL C 293 -22.56 -20.90 11.18
C VAL C 293 -21.09 -20.49 11.27
N SER C 294 -20.51 -20.66 12.45
CA SER C 294 -19.13 -20.25 12.72
C SER C 294 -18.16 -21.42 12.64
N ASP C 295 -18.56 -22.54 12.04
CA ASP C 295 -17.69 -23.70 11.91
C ASP C 295 -16.69 -23.55 10.76
N VAL C 296 -16.92 -22.58 9.86
CA VAL C 296 -16.06 -22.40 8.70
C VAL C 296 -15.06 -21.27 8.88
N ILE C 297 -15.04 -20.60 10.02
CA ILE C 297 -14.05 -19.54 10.26
C ILE C 297 -12.65 -20.10 10.48
N PRO C 298 -12.44 -21.29 11.06
CA PRO C 298 -11.06 -21.79 11.17
C PRO C 298 -10.52 -22.39 9.88
N ILE C 299 -11.27 -22.34 8.79
CA ILE C 299 -10.87 -22.94 7.52
C ILE C 299 -10.42 -21.82 6.60
N ARG C 300 -9.12 -21.75 6.35
CA ARG C 300 -8.54 -20.77 5.43
C ARG C 300 -8.29 -21.46 4.09
N ASP C 301 -9.05 -21.07 3.07
CA ASP C 301 -8.84 -21.59 1.73
C ASP C 301 -7.95 -20.64 0.94
N SER C 302 -7.33 -21.16 -0.11
CA SER C 302 -6.27 -20.45 -0.83
C SER C 302 -6.71 -20.15 -2.26
N VAL C 303 -5.82 -19.48 -3.00
CA VAL C 303 -6.15 -18.94 -4.31
C VAL C 303 -6.25 -20.03 -5.36
N GLN C 304 -5.24 -20.91 -5.43
CA GLN C 304 -5.06 -21.78 -6.58
C GLN C 304 -6.06 -22.93 -6.64
N ASN C 305 -6.73 -23.27 -5.55
CA ASN C 305 -7.59 -24.43 -5.50
C ASN C 305 -9.08 -24.07 -5.59
N PHE C 306 -9.42 -22.93 -6.20
CA PHE C 306 -10.79 -22.46 -6.17
C PHE C 306 -11.69 -23.16 -7.19
N GLY C 307 -11.14 -23.59 -8.32
CA GLY C 307 -11.94 -24.40 -9.24
C GLY C 307 -12.27 -25.75 -8.67
N ASP C 308 -11.30 -26.40 -8.02
CA ASP C 308 -11.58 -27.65 -7.33
C ASP C 308 -12.66 -27.47 -6.28
N LEU C 309 -12.78 -26.26 -5.73
CA LEU C 309 -13.86 -25.97 -4.78
C LEU C 309 -15.19 -25.71 -5.49
N CYS C 310 -15.15 -25.02 -6.63
CA CYS C 310 -16.36 -24.79 -7.41
C CYS C 310 -16.89 -26.07 -8.04
N ARG C 311 -16.09 -27.14 -8.05
CA ARG C 311 -16.54 -28.39 -8.67
C ARG C 311 -17.84 -28.90 -8.05
N GLU C 312 -18.08 -28.62 -6.75
CA GLU C 312 -19.21 -29.20 -6.04
C GLU C 312 -20.46 -28.34 -6.08
N ILE C 313 -20.68 -27.56 -7.13
CA ILE C 313 -21.90 -26.78 -7.29
C ILE C 313 -22.82 -27.58 -8.21
N ARG C 314 -23.81 -28.27 -7.63
CA ARG C 314 -24.59 -29.23 -8.39
C ARG C 314 -25.81 -28.55 -8.99
N GLN C 315 -25.89 -28.53 -10.32
CA GLN C 315 -26.96 -27.81 -11.01
C GLN C 315 -27.67 -28.73 -11.98
N HIS C 316 -29.00 -28.65 -11.99
CA HIS C 316 -29.84 -29.46 -12.85
C HIS C 316 -30.84 -28.57 -13.59
N GLU C 317 -31.30 -29.04 -14.73
CA GLU C 317 -32.15 -28.24 -15.63
C GLU C 317 -33.46 -28.99 -15.89
N ILE C 318 -34.49 -28.65 -15.12
CA ILE C 318 -35.81 -29.19 -15.37
C ILE C 318 -36.40 -28.52 -16.61
N LEU C 320 -39.59 -27.31 -18.82
CA LEU C 320 -40.96 -26.86 -18.64
C LEU C 320 -41.68 -27.00 -19.98
N THR C 321 -42.65 -27.90 -20.05
CA THR C 321 -43.36 -28.21 -21.27
C THR C 321 -44.85 -27.92 -21.11
N GLU C 323 -48.76 -28.93 -23.31
CA GLU C 323 -49.51 -29.56 -24.40
C GLU C 323 -50.64 -28.64 -24.83
N VAL C 324 -50.59 -28.18 -26.08
CA VAL C 324 -51.50 -27.16 -26.58
C VAL C 324 -52.87 -27.77 -26.88
N CYS C 325 -53.86 -26.89 -27.12
CA CYS C 325 -55.22 -27.25 -27.49
C CYS C 325 -55.77 -28.44 -26.71
N THR D 26 -7.48 21.61 36.85
CA THR D 26 -7.43 20.45 35.97
C THR D 26 -8.56 19.45 36.29
N THR D 27 -9.80 19.92 36.12
CA THR D 27 -10.97 19.09 36.38
C THR D 27 -10.95 17.81 35.55
N HIS D 28 -10.64 17.93 34.26
CA HIS D 28 -10.57 16.74 33.40
C HIS D 28 -9.22 16.08 33.58
N ALA D 29 -9.23 14.85 34.09
CA ALA D 29 -7.99 14.08 34.23
C ALA D 29 -7.45 13.61 32.89
N ALA D 30 -8.33 13.33 31.94
CA ALA D 30 -7.91 12.84 30.63
C ALA D 30 -8.94 13.24 29.58
N LEU D 31 -8.55 13.12 28.31
CA LEU D 31 -9.41 13.42 27.19
C LEU D 31 -9.61 12.17 26.35
N SER D 32 -10.87 11.79 26.15
CA SER D 32 -11.24 10.61 25.38
C SER D 32 -12.22 10.97 24.27
N TRP D 33 -11.92 10.54 23.06
CA TRP D 33 -12.83 10.67 21.93
C TRP D 33 -13.59 9.36 21.77
N ASN D 34 -14.75 9.45 21.13
CA ASN D 34 -15.56 8.24 20.93
C ASN D 34 -15.04 7.38 19.78
N SER D 35 -15.12 7.90 18.56
CA SER D 35 -14.70 7.21 17.35
C SER D 35 -14.84 8.15 16.15
N LEU D 36 -13.81 8.28 15.33
CA LEU D 36 -13.83 9.24 14.24
C LEU D 36 -13.61 8.56 12.91
N LYS D 37 -14.36 9.02 11.91
CA LYS D 37 -14.23 8.52 10.56
C LYS D 37 -12.86 8.89 10.00
N ILE D 38 -12.43 8.12 9.00
CA ILE D 38 -11.16 8.40 8.35
C ILE D 38 -11.17 9.80 7.78
N GLY D 39 -10.14 10.59 8.11
CA GLY D 39 -10.04 11.94 7.60
C GLY D 39 -10.92 12.95 8.29
N LYS D 40 -11.32 12.72 9.54
CA LYS D 40 -12.14 13.68 10.27
C LYS D 40 -11.60 13.88 11.67
N SER D 41 -11.67 15.14 12.14
CA SER D 41 -11.08 15.55 13.41
C SER D 41 -12.11 16.31 14.24
N GLU D 42 -12.21 15.96 15.53
CA GLU D 42 -13.08 16.65 16.48
C GLU D 42 -12.26 17.29 17.59
N ILE D 43 -12.74 18.46 18.06
CA ILE D 43 -12.07 19.25 19.08
C ILE D 43 -12.75 19.07 20.43
N LYS D 44 -11.96 19.14 21.49
CA LYS D 44 -12.44 19.15 22.86
C LYS D 44 -11.57 20.08 23.69
N GLU D 45 -12.15 20.63 24.76
CA GLU D 45 -11.54 21.66 25.57
C GLU D 45 -10.96 21.05 26.86
N PHE D 46 -10.02 21.79 27.45
CA PHE D 46 -9.36 21.38 28.68
C PHE D 46 -9.07 22.59 29.55
N THR D 47 -9.21 22.42 30.87
CA THR D 47 -9.03 23.49 31.82
C THR D 47 -7.62 23.45 32.41
N ALA D 60 2.97 19.97 29.88
CA ALA D 60 3.42 20.60 28.65
C ALA D 60 3.67 19.56 27.56
N THR D 61 3.73 18.29 27.99
CA THR D 61 4.00 17.19 27.07
C THR D 61 2.68 16.54 26.64
N ILE D 62 2.55 16.33 25.34
CA ILE D 62 1.43 15.56 24.79
C ILE D 62 1.91 14.12 24.77
N SER D 63 1.29 13.28 25.61
CA SER D 63 1.74 11.90 25.81
C SER D 63 1.22 11.00 24.69
N ASP D 64 1.90 11.06 23.55
CA ASP D 64 1.53 10.25 22.41
C ASP D 64 2.79 9.91 21.64
N SER D 65 3.06 8.61 21.47
CA SER D 65 4.23 8.10 20.80
C SER D 65 4.05 7.77 19.32
N GLU D 66 2.84 7.37 18.92
CA GLU D 66 2.62 6.75 17.61
C GLU D 66 2.00 7.69 16.57
N LYS D 67 2.02 9.01 16.79
CA LYS D 67 1.52 9.96 15.79
C LYS D 67 0.04 9.74 15.48
N ASN D 68 -0.79 9.71 16.52
CA ASN D 68 -2.21 9.52 16.28
C ASN D 68 -2.91 10.81 15.83
N PHE D 69 -2.48 11.96 16.31
CA PHE D 69 -3.12 13.22 15.93
C PHE D 69 -2.06 14.33 15.93
N ARG D 70 -2.54 15.56 15.83
CA ARG D 70 -1.72 16.76 15.86
C ARG D 70 -2.30 17.73 16.87
N PHE D 71 -1.55 18.77 17.20
CA PHE D 71 -2.03 19.81 18.10
C PHE D 71 -2.27 21.12 17.36
N THR D 81 3.95 21.21 21.30
CA THR D 81 4.58 21.33 22.61
C THR D 81 4.81 22.80 22.96
N ILE D 82 4.19 23.24 24.05
CA ILE D 82 4.22 24.64 24.46
C ILE D 82 4.61 24.71 25.94
N VAL D 83 4.78 25.95 26.42
CA VAL D 83 5.10 26.23 27.81
C VAL D 83 4.23 27.39 28.27
N LEU D 84 3.81 27.34 29.54
CA LEU D 84 2.95 28.36 30.11
C LEU D 84 3.55 28.87 31.41
N ALA D 85 2.94 29.93 31.94
CA ALA D 85 3.37 30.54 33.19
C ALA D 85 2.20 30.76 34.13
N THR D 93 -8.14 28.54 28.02
CA THR D 93 -8.80 27.42 27.34
C THR D 93 -7.85 26.70 26.39
N LEU D 94 -7.72 25.39 26.59
CA LEU D 94 -6.87 24.56 25.75
C LEU D 94 -7.73 23.67 24.86
N SER D 95 -7.29 23.49 23.61
CA SER D 95 -8.01 22.66 22.66
C SER D 95 -7.01 21.82 21.87
N VAL D 96 -7.26 20.52 21.79
CA VAL D 96 -6.42 19.60 21.04
C VAL D 96 -7.29 18.89 20.01
N VAL D 97 -6.71 18.63 18.84
CA VAL D 97 -7.43 18.03 17.73
C VAL D 97 -6.98 16.58 17.56
N PHE D 98 -7.90 15.72 17.11
CA PHE D 98 -7.61 14.30 16.94
C PHE D 98 -8.11 13.84 15.58
N SER D 99 -7.21 13.28 14.77
CA SER D 99 -7.54 12.73 13.47
C SER D 99 -6.83 11.39 13.33
N PRO D 100 -7.52 10.28 13.56
CA PRO D 100 -6.86 8.97 13.48
C PRO D 100 -6.55 8.54 12.06
N HIS D 101 -5.26 8.50 11.72
CA HIS D 101 -4.86 8.06 10.39
C HIS D 101 -4.90 6.56 10.25
N HIS D 102 -4.61 5.81 11.31
CA HIS D 102 -4.66 4.36 11.27
C HIS D 102 -6.06 3.93 11.69
N ILE D 103 -6.68 3.03 10.93
CA ILE D 103 -7.85 2.35 11.46
C ILE D 103 -7.36 1.49 12.61
N GLY D 104 -7.89 1.73 13.80
CA GLY D 104 -7.35 1.06 14.98
C GLY D 104 -7.15 2.04 16.11
N ALA D 105 -6.65 1.50 17.22
CA ALA D 105 -6.50 2.28 18.44
C ALA D 105 -5.43 3.36 18.28
N ALA D 106 -5.46 4.31 19.19
CA ALA D 106 -4.54 5.44 19.17
C ALA D 106 -4.17 5.79 20.59
N SER D 107 -2.90 5.67 20.92
CA SER D 107 -2.40 5.95 22.26
C SER D 107 -1.20 6.88 22.22
N GLN D 129 2.60 17.29 32.17
CA GLN D 129 2.15 16.00 31.67
C GLN D 129 0.65 16.02 31.43
N ILE D 130 0.20 15.28 30.42
CA ILE D 130 -1.22 15.01 30.22
C ILE D 130 -1.36 13.70 29.46
N PHE D 131 -2.28 12.84 29.90
CA PHE D 131 -2.47 11.54 29.29
C PHE D 131 -3.85 11.49 28.62
N LEU D 132 -3.91 10.91 27.42
CA LEU D 132 -5.08 10.96 26.57
C LEU D 132 -5.36 9.59 25.94
N TYR D 133 -6.64 9.31 25.71
CA TYR D 133 -7.09 8.04 25.16
C TYR D 133 -8.03 8.32 23.99
N GLY D 134 -7.86 7.57 22.90
CA GLY D 134 -8.71 7.73 21.74
C GLY D 134 -8.69 6.49 20.88
N TYR D 135 -9.67 6.41 19.98
CA TYR D 135 -9.78 5.25 19.11
C TYR D 135 -10.60 5.61 17.87
N GLY D 136 -10.04 5.31 16.70
CA GLY D 136 -10.53 5.81 15.43
C GLY D 136 -11.19 4.77 14.53
N GLY D 137 -12.03 5.23 13.62
CA GLY D 137 -12.93 4.37 12.87
C GLY D 137 -14.39 4.73 13.13
N TYR D 138 -15.25 4.05 12.38
CA TYR D 138 -16.68 4.33 12.49
C TYR D 138 -17.46 3.09 12.06
N SER D 139 -18.78 3.16 12.24
CA SER D 139 -19.68 2.11 11.79
C SER D 139 -20.99 2.77 11.36
N LYS D 140 -21.48 2.38 10.19
CA LYS D 140 -22.73 2.92 9.64
C LYS D 140 -23.60 1.74 9.23
N VAL D 141 -24.44 1.28 10.16
CA VAL D 141 -25.41 0.23 9.85
C VAL D 141 -26.54 0.84 9.03
N GLU D 142 -26.66 0.40 7.79
CA GLU D 142 -27.68 0.91 6.87
C GLU D 142 -28.81 -0.13 6.79
N ILE D 143 -30.02 0.33 7.08
CA ILE D 143 -31.24 -0.46 6.99
C ILE D 143 -31.80 -0.33 5.57
N SER D 144 -32.21 -1.46 5.00
CA SER D 144 -32.69 -1.53 3.63
C SER D 144 -33.92 -2.42 3.58
N GLU D 145 -34.67 -2.29 2.48
CA GLU D 145 -35.97 -2.92 2.27
C GLU D 145 -37.04 -2.34 3.19
N VAL D 146 -36.79 -1.17 3.77
CA VAL D 146 -37.78 -0.41 4.52
C VAL D 146 -38.02 0.89 3.76
N PHE D 147 -39.17 1.50 4.02
CA PHE D 147 -39.52 2.76 3.38
C PHE D 147 -39.19 3.93 4.29
N LYS D 148 -38.61 4.98 3.71
CA LYS D 148 -38.22 6.16 4.44
C LYS D 148 -38.97 7.37 3.90
N ASP D 149 -39.57 8.14 4.79
CA ASP D 149 -40.33 9.33 4.43
C ASP D 149 -39.46 10.58 4.54
N THR D 150 -39.93 11.66 3.91
CA THR D 150 -39.28 12.95 4.05
C THR D 150 -39.21 13.39 5.51
N ASN D 151 -40.19 13.00 6.33
CA ASN D 151 -40.17 13.36 7.73
C ASN D 151 -38.98 12.72 8.45
N GLY D 152 -38.74 11.44 8.22
CA GLY D 152 -37.58 10.78 8.78
C GLY D 152 -37.81 9.37 9.29
N LYS D 153 -39.06 9.07 9.66
CA LYS D 153 -39.37 7.76 10.23
C LYS D 153 -39.26 6.67 9.16
N TRP D 155 -40.95 2.92 7.72
CA TRP D 155 -42.23 2.23 7.68
C TRP D 155 -42.03 0.85 7.06
N LEU D 156 -42.55 -0.19 7.73
CA LEU D 156 -42.49 -1.55 7.22
C LEU D 156 -43.90 -2.14 7.26
N SER D 157 -44.37 -2.60 6.10
CA SER D 157 -45.71 -3.15 5.96
C SER D 157 -45.64 -4.66 5.85
N PHE D 158 -46.51 -5.35 6.60
CA PHE D 158 -46.61 -6.80 6.49
C PHE D 158 -47.49 -7.22 5.33
N GLY D 159 -48.48 -6.39 4.97
CA GLY D 159 -49.43 -6.71 3.93
C GLY D 159 -50.86 -6.70 4.46
N LEU D 161 -54.09 -8.98 6.10
CA LEU D 161 -54.39 -10.19 6.85
C LEU D 161 -55.25 -11.12 6.02
N ASN D 162 -54.66 -12.20 5.51
CA ASN D 162 -55.42 -13.26 4.87
C ASN D 162 -55.96 -14.21 5.92
N SER D 163 -57.18 -14.68 5.71
CA SER D 163 -57.81 -15.58 6.66
C SER D 163 -56.99 -16.87 6.80
N GLU D 164 -56.93 -17.39 8.03
CA GLU D 164 -56.25 -18.64 8.35
C GLU D 164 -54.75 -18.59 8.09
N ASN D 165 -54.23 -17.43 7.71
CA ASN D 165 -52.80 -17.25 7.46
C ASN D 165 -52.21 -16.24 8.44
N SER D 166 -50.88 -16.19 8.45
CA SER D 166 -50.11 -15.24 9.24
C SER D 166 -49.19 -14.46 8.31
N LEU D 167 -48.64 -13.37 8.83
CA LEU D 167 -47.89 -12.44 8.00
C LEU D 167 -46.41 -12.47 8.35
N ASN D 168 -45.59 -11.94 7.44
CA ASN D 168 -44.14 -11.96 7.65
C ASN D 168 -43.48 -10.95 6.71
N ALA D 169 -42.34 -10.42 7.16
CA ALA D 169 -41.58 -9.43 6.41
C ALA D 169 -40.10 -9.58 6.73
N LYS D 170 -39.28 -8.79 6.04
CA LYS D 170 -37.83 -8.90 6.12
C LYS D 170 -37.21 -7.51 6.08
N ILE D 171 -36.03 -7.41 6.70
CA ILE D 171 -35.24 -6.18 6.74
C ILE D 171 -33.79 -6.54 6.41
N LYS D 172 -33.09 -5.64 5.74
CA LYS D 172 -31.71 -5.84 5.35
C LYS D 172 -30.83 -4.93 6.20
N LEU D 173 -29.76 -5.47 6.77
CA LEU D 173 -28.82 -4.69 7.56
C LEU D 173 -27.43 -4.84 6.96
N GLN D 174 -26.84 -3.74 6.51
CA GLN D 174 -25.52 -3.78 5.89
C GLN D 174 -24.59 -2.80 6.60
N ASN D 175 -23.41 -3.28 7.00
CA ASN D 175 -22.41 -2.45 7.63
C ASN D 175 -21.47 -1.92 6.55
N THR D 176 -21.57 -0.62 6.26
CA THR D 176 -20.74 0.03 5.26
C THR D 176 -19.57 0.80 5.88
N GLY D 177 -19.23 0.50 7.12
CA GLY D 177 -18.17 1.19 7.82
C GLY D 177 -16.85 0.45 7.76
N ASP D 178 -15.93 0.85 8.63
CA ASP D 178 -14.61 0.21 8.72
C ASP D 178 -14.40 -0.59 9.99
N LEU D 179 -15.20 -0.37 11.02
CA LEU D 179 -15.11 -1.11 12.27
C LEU D 179 -16.27 -2.10 12.38
N CYS D 180 -16.15 -3.00 13.35
CA CYS D 180 -17.24 -3.92 13.64
C CYS D 180 -18.43 -3.17 14.22
N SER D 181 -19.62 -3.68 13.95
CA SER D 181 -20.86 -3.04 14.36
C SER D 181 -21.66 -3.99 15.24
N TYR D 182 -22.44 -3.41 16.15
CA TYR D 182 -23.25 -4.16 17.09
C TYR D 182 -24.69 -3.72 16.93
N VAL D 183 -25.61 -4.69 16.97
CA VAL D 183 -27.03 -4.48 16.69
C VAL D 183 -27.85 -5.32 17.68
N LYS D 184 -28.63 -4.63 18.52
CA LYS D 184 -29.63 -5.25 19.38
C LYS D 184 -30.99 -4.72 18.95
N ILE D 185 -31.89 -5.61 18.57
CA ILE D 185 -33.22 -5.21 18.11
C ILE D 185 -34.24 -5.69 19.13
N LYS D 186 -35.23 -4.85 19.40
CA LYS D 186 -36.27 -5.13 20.38
C LYS D 186 -37.61 -4.72 19.78
N LEU D 187 -38.57 -5.64 19.79
CA LEU D 187 -39.87 -5.41 19.19
C LEU D 187 -40.87 -5.15 20.30
N THR D 188 -41.70 -4.12 20.13
CA THR D 188 -42.70 -3.75 21.12
C THR D 188 -44.06 -3.71 20.41
N PRO D 189 -44.95 -4.64 20.74
CA PRO D 189 -46.27 -4.64 20.10
C PRO D 189 -47.15 -3.49 20.58
N LYS D 190 -48.18 -3.22 19.77
CA LYS D 190 -49.13 -2.17 20.13
C LYS D 190 -50.19 -2.72 21.09
N ALA D 191 -50.60 -3.97 20.91
CA ALA D 191 -51.55 -4.59 21.82
C ALA D 191 -50.85 -5.00 23.11
N VAL D 192 -51.64 -5.15 24.17
CA VAL D 192 -51.10 -5.36 25.52
C VAL D 192 -51.72 -6.55 26.22
N TYR D 193 -52.08 -7.60 25.47
CA TYR D 193 -52.55 -8.82 26.11
C TYR D 193 -51.39 -9.58 26.76
N PRO D 194 -51.66 -10.48 27.71
CA PRO D 194 -50.57 -11.02 28.52
C PRO D 194 -49.49 -11.77 27.74
N THR D 195 -49.86 -12.52 26.71
CA THR D 195 -48.90 -13.27 25.90
C THR D 195 -48.57 -12.54 24.61
N ILE D 197 -46.01 -10.93 23.31
CA ILE D 197 -44.75 -11.09 22.58
C ILE D 197 -44.65 -12.46 21.90
N SER D 198 -45.37 -13.46 22.39
CA SER D 198 -45.27 -14.81 21.83
C SER D 198 -45.82 -14.91 20.41
N SER D 199 -46.68 -13.98 19.99
CA SER D 199 -47.21 -14.01 18.64
C SER D 199 -46.21 -13.48 17.60
N TRP D 200 -45.16 -12.80 18.04
CA TRP D 200 -44.11 -12.32 17.17
C TRP D 200 -42.90 -13.23 17.26
N GLN D 201 -42.27 -13.51 16.12
CA GLN D 201 -41.02 -14.26 16.07
C GLN D 201 -40.06 -13.49 15.18
N VAL D 202 -39.01 -12.93 15.77
CA VAL D 202 -38.05 -12.08 15.08
C VAL D 202 -36.67 -12.69 15.24
N ASN D 203 -35.91 -12.80 14.14
CA ASN D 203 -34.57 -13.38 14.20
C ASN D 203 -33.69 -12.76 13.13
N PRO D 204 -32.42 -12.43 13.45
CA PRO D 204 -31.81 -12.52 14.78
C PRO D 204 -32.13 -11.34 15.70
N THR D 205 -32.38 -11.64 16.98
CA THR D 205 -32.70 -10.57 17.93
C THR D 205 -31.48 -9.72 18.25
N GLU D 206 -30.29 -10.30 18.25
CA GLU D 206 -29.07 -9.55 18.55
C GLU D 206 -27.90 -10.18 17.83
N LEU D 207 -26.99 -9.35 17.33
CA LEU D 207 -25.84 -9.85 16.59
C LEU D 207 -24.84 -8.73 16.36
N LEU D 208 -23.69 -9.11 15.82
CA LEU D 208 -22.65 -8.18 15.37
C LEU D 208 -22.41 -8.41 13.87
N LEU D 209 -22.00 -7.33 13.20
CA LEU D 209 -21.76 -7.35 11.77
C LEU D 209 -20.37 -6.78 11.47
N ASN D 210 -19.56 -7.55 10.77
CA ASN D 210 -18.26 -7.07 10.32
C ASN D 210 -18.44 -6.07 9.18
N PRO D 211 -17.42 -5.27 8.89
CA PRO D 211 -17.54 -4.32 7.78
C PRO D 211 -17.82 -5.03 6.46
N LYS D 212 -18.76 -4.47 5.70
CA LYS D 212 -19.22 -5.00 4.41
C LYS D 212 -19.95 -6.34 4.57
N GLU D 213 -20.46 -6.63 5.76
CA GLU D 213 -21.29 -7.80 5.97
C GLU D 213 -22.77 -7.44 5.85
N VAL D 214 -23.54 -8.35 5.28
CA VAL D 214 -24.97 -8.18 5.07
C VAL D 214 -25.70 -9.26 5.88
N GLN D 215 -26.73 -8.86 6.61
CA GLN D 215 -27.53 -9.85 7.33
C GLN D 215 -29.00 -9.47 7.23
N TRP D 216 -29.85 -10.48 7.01
CA TRP D 216 -31.29 -10.28 6.88
C TRP D 216 -32.00 -10.64 8.17
N VAL D 217 -32.84 -9.74 8.66
CA VAL D 217 -33.66 -9.95 9.85
C VAL D 217 -35.08 -10.26 9.40
N THR D 218 -35.60 -11.40 9.82
CA THR D 218 -36.93 -11.86 9.45
C THR D 218 -37.88 -11.70 10.63
N LEU D 219 -39.09 -11.20 10.33
CA LEU D 219 -40.10 -10.94 11.34
C LEU D 219 -41.39 -11.63 10.92
N GLU D 220 -41.87 -12.57 11.72
CA GLU D 220 -43.13 -13.24 11.48
C GLU D 220 -44.13 -12.87 12.57
N PHE D 221 -45.37 -12.64 12.16
CA PHE D 221 -46.44 -12.22 13.05
C PHE D 221 -47.65 -13.10 12.84
N HIS D 222 -48.04 -13.83 13.91
CA HIS D 222 -49.23 -14.66 13.99
C HIS D 222 -50.28 -13.89 14.78
N PRO D 223 -51.21 -13.19 14.12
CA PRO D 223 -52.13 -12.32 14.85
C PRO D 223 -53.04 -13.11 15.77
N ARG D 224 -53.12 -12.66 17.02
CA ARG D 224 -54.07 -13.19 17.99
C ARG D 224 -55.33 -12.33 17.99
N LYS D 225 -56.39 -12.89 18.59
CA LYS D 225 -57.66 -12.17 18.66
C LYS D 225 -57.51 -10.84 19.38
N GLU D 226 -56.58 -10.77 20.33
CA GLU D 226 -56.36 -9.54 21.08
C GLU D 226 -55.68 -8.49 20.24
N ASP D 227 -54.87 -8.89 19.26
CA ASP D 227 -54.25 -7.93 18.37
C ASP D 227 -55.28 -7.29 17.45
N LEU D 228 -56.14 -8.10 16.85
CA LEU D 228 -57.14 -7.59 15.93
C LEU D 228 -58.26 -6.84 16.66
N ALA D 229 -58.48 -7.13 17.95
CA ALA D 229 -59.57 -6.48 18.67
C ALA D 229 -59.43 -4.95 18.69
N LEU D 230 -58.20 -4.43 18.66
CA LEU D 230 -58.00 -2.98 18.61
C LEU D 230 -57.81 -2.44 17.21
N LEU D 231 -57.18 -3.21 16.31
CA LEU D 231 -56.86 -2.75 14.97
C LEU D 231 -58.11 -2.57 14.08
N GLN D 232 -59.28 -3.01 14.57
CA GLN D 232 -60.51 -2.92 13.79
C GLN D 232 -60.72 -1.57 13.12
N LYS D 233 -60.62 -0.48 13.90
CA LYS D 233 -61.31 0.76 13.54
C LYS D 233 -60.87 1.31 12.18
N SER D 234 -59.56 1.32 11.92
CA SER D 234 -59.05 1.92 10.70
C SER D 234 -58.76 0.86 9.64
N ASP D 235 -58.38 1.31 8.45
CA ASP D 235 -58.03 0.41 7.36
C ASP D 235 -56.55 0.06 7.35
N VAL D 236 -55.69 0.99 7.77
CA VAL D 236 -54.26 0.76 7.92
C VAL D 236 -53.93 0.94 9.39
N SER D 237 -53.53 -0.13 10.05
CA SER D 237 -53.44 -0.17 11.51
C SER D 237 -52.00 -0.32 11.96
N HIS D 238 -51.57 0.56 12.86
CA HIS D 238 -50.28 0.42 13.53
C HIS D 238 -50.32 -0.76 14.49
N VAL D 239 -49.47 -1.76 14.25
CA VAL D 239 -49.49 -2.98 15.02
C VAL D 239 -48.29 -3.13 15.96
N GLY D 240 -47.15 -2.50 15.65
CA GLY D 240 -45.99 -2.63 16.51
C GLY D 240 -44.87 -1.70 16.08
N THR D 241 -43.80 -1.70 16.89
CA THR D 241 -42.64 -0.87 16.63
C THR D 241 -41.38 -1.67 16.88
N LEU D 242 -40.42 -1.60 15.95
CA LEU D 242 -39.17 -2.34 16.07
C LEU D 242 -38.04 -1.35 16.30
N LEU D 243 -37.44 -1.39 17.48
CA LEU D 243 -36.31 -0.52 17.81
C LEU D 243 -35.02 -1.26 17.53
N ILE D 244 -34.16 -0.64 16.73
CA ILE D 244 -32.86 -1.18 16.36
C ILE D 244 -31.82 -0.27 16.97
N THR D 245 -31.07 -0.80 17.94
CA THR D 245 -29.93 -0.13 18.54
C THR D 245 -28.67 -0.67 17.87
N HIS D 246 -27.87 0.23 17.30
CA HIS D 246 -26.72 -0.18 16.53
C HIS D 246 -25.60 0.84 16.70
N GLY D 247 -24.41 0.42 16.31
CA GLY D 247 -23.25 1.28 16.40
C GLY D 247 -21.98 0.48 16.24
N ASP D 248 -20.87 1.05 16.70
CA ASP D 248 -19.57 0.36 16.63
C ASP D 248 -19.35 -0.51 17.86
N GLU D 249 -18.80 -1.70 17.64
CA GLU D 249 -18.62 -2.68 18.70
C GLU D 249 -17.68 -2.23 19.82
N PRO D 250 -16.50 -1.66 19.53
CA PRO D 250 -15.59 -1.32 20.64
C PRO D 250 -16.18 -0.34 21.64
N THR D 251 -16.91 0.67 21.17
CA THR D 251 -17.58 1.58 22.09
C THR D 251 -18.54 0.83 23.01
N ARG D 252 -19.07 -0.31 22.54
CA ARG D 252 -19.91 -1.13 23.40
C ARG D 252 -19.09 -1.76 24.51
N LEU D 253 -17.88 -2.24 24.19
CA LEU D 253 -17.00 -2.76 25.23
C LEU D 253 -16.64 -1.68 26.25
N ARG D 254 -16.36 -0.47 25.77
CA ARG D 254 -16.00 0.62 26.66
C ARG D 254 -17.16 0.97 27.59
N ILE D 255 -18.36 1.16 27.03
CA ILE D 255 -19.51 1.48 27.86
C ILE D 255 -19.85 0.31 28.77
N ARG D 256 -19.57 -0.93 28.35
CA ARG D 256 -19.81 -2.08 29.22
C ARG D 256 -18.93 -2.02 30.45
N ARG D 257 -17.63 -1.79 30.25
CA ARG D 257 -16.72 -1.68 31.40
C ARG D 257 -17.14 -0.55 32.32
N LEU D 258 -17.47 0.61 31.74
CA LEU D 258 -17.83 1.75 32.58
C LEU D 258 -19.14 1.51 33.32
N TYR D 259 -20.12 0.90 32.66
CA TYR D 259 -21.40 0.62 33.31
C TYR D 259 -21.25 -0.41 34.41
N LYS D 260 -20.44 -1.45 34.19
CA LYS D 260 -20.20 -2.43 35.25
C LYS D 260 -19.52 -1.79 36.44
N LYS D 261 -18.54 -0.90 36.19
CA LYS D 261 -17.89 -0.21 37.30
C LYS D 261 -18.89 0.67 38.07
N LYS D 263 -22.04 0.41 38.33
CA LYS D 263 -23.08 -0.33 39.04
C LYS D 263 -22.50 -1.10 40.22
N GLU D 264 -21.29 -1.69 40.07
CA GLU D 264 -20.69 -2.43 41.17
C GLU D 264 -20.27 -1.50 42.31
N THR D 265 -19.88 -0.26 41.98
CA THR D 265 -19.52 0.69 43.04
C THR D 265 -20.73 1.33 43.69
N GLY D 266 -21.92 1.14 43.12
CA GLY D 266 -23.14 1.68 43.71
C GLY D 266 -23.35 3.15 43.45
N GLU D 267 -22.63 3.72 42.48
CA GLU D 267 -22.83 5.13 42.16
C GLU D 267 -24.20 5.35 41.55
N LEU D 268 -24.63 4.45 40.66
CA LEU D 268 -25.93 4.51 40.02
C LEU D 268 -26.75 3.33 40.55
N ASN D 269 -27.85 3.64 41.23
CA ASN D 269 -28.69 2.53 41.70
C ASN D 269 -30.15 2.96 41.82
N GLY D 270 -31.05 2.20 41.22
CA GLY D 270 -32.47 2.27 41.49
C GLY D 270 -33.39 3.29 40.83
N ASN D 271 -33.33 4.55 41.25
CA ASN D 271 -34.37 5.49 40.84
C ASN D 271 -33.99 6.33 39.62
N GLU D 272 -32.80 6.93 39.63
CA GLU D 272 -32.33 7.72 38.49
C GLU D 272 -32.05 6.86 37.27
N ASN D 273 -32.28 5.56 37.37
CA ASN D 273 -31.91 4.57 36.37
C ASN D 273 -33.09 3.93 35.69
N GLU D 274 -34.32 4.40 35.94
CA GLU D 274 -35.50 3.79 35.37
C GLU D 274 -35.40 3.71 33.84
N THR D 275 -35.17 4.86 33.20
CA THR D 275 -35.02 4.86 31.75
C THR D 275 -33.59 4.55 31.31
N PHE D 276 -32.60 5.03 32.06
CA PHE D 276 -31.22 4.90 31.61
C PHE D 276 -30.76 3.45 31.62
N ARG D 277 -31.01 2.73 32.71
CA ARG D 277 -30.67 1.31 32.75
C ARG D 277 -31.40 0.55 31.65
N ASN D 278 -32.71 0.80 31.52
CA ASN D 278 -33.48 0.08 30.51
C ASN D 278 -33.01 0.37 29.10
N ILE D 279 -32.35 1.51 28.88
CA ILE D 279 -31.80 1.78 27.55
C ILE D 279 -30.38 1.22 27.38
N VAL D 280 -29.58 1.23 28.44
CA VAL D 280 -28.16 0.86 28.32
C VAL D 280 -27.85 -0.53 28.90
N HIS D 281 -28.75 -1.13 29.69
CA HIS D 281 -28.44 -2.44 30.25
C HIS D 281 -28.45 -3.53 29.18
N PRO D 282 -29.50 -3.68 28.34
CA PRO D 282 -29.54 -4.84 27.42
C PRO D 282 -28.42 -4.82 26.38
N ILE D 283 -27.62 -3.76 26.35
CA ILE D 283 -26.52 -3.68 25.38
C ILE D 283 -25.17 -4.04 26.00
N CYS D 284 -25.05 -4.01 27.33
CA CYS D 284 -23.80 -4.36 28.00
C CYS D 284 -23.64 -5.86 28.21
N LYS D 285 -24.56 -6.67 27.70
CA LYS D 285 -24.47 -8.11 27.84
C LYS D 285 -23.51 -8.69 26.80
N VAL D 286 -23.00 -9.88 27.11
CA VAL D 286 -22.14 -10.60 26.18
C VAL D 286 -22.99 -11.12 25.02
N PHE D 287 -22.72 -10.64 23.81
CA PHE D 287 -23.46 -11.09 22.65
C PHE D 287 -23.04 -12.49 22.24
N SER D 288 -23.88 -13.12 21.43
CA SER D 288 -23.54 -14.42 20.84
C SER D 288 -22.66 -14.20 19.62
N GLY D 289 -21.50 -14.84 19.60
CA GLY D 289 -20.54 -14.60 18.56
C GLY D 289 -19.52 -13.52 18.89
N GLU D 290 -19.56 -12.96 20.09
CA GLU D 290 -18.64 -11.89 20.48
C GLU D 290 -17.22 -12.43 20.53
N GLN D 291 -16.41 -12.08 19.55
CA GLN D 291 -15.00 -12.43 19.54
C GLN D 291 -14.24 -11.31 20.25
N LEU D 292 -13.73 -11.61 21.44
CA LEU D 292 -13.12 -10.59 22.30
C LEU D 292 -11.90 -9.97 21.64
N VAL D 293 -12.02 -8.70 21.24
CA VAL D 293 -10.88 -7.94 20.72
C VAL D 293 -10.18 -7.28 21.89
N SER D 294 -8.84 -7.39 21.91
CA SER D 294 -8.04 -6.89 23.02
C SER D 294 -7.46 -5.50 22.72
N ASP D 295 -7.99 -4.81 21.72
CA ASP D 295 -7.50 -3.48 21.37
C ASP D 295 -8.06 -2.39 22.27
N VAL D 296 -9.13 -2.68 23.02
CA VAL D 296 -9.81 -1.67 23.83
C VAL D 296 -9.46 -1.78 25.31
N ILE D 297 -8.61 -2.72 25.70
CA ILE D 297 -8.22 -2.87 27.11
C ILE D 297 -7.28 -1.76 27.59
N PRO D 298 -6.40 -1.15 26.77
CA PRO D 298 -5.54 -0.10 27.32
C PRO D 298 -6.22 1.25 27.49
N ILE D 299 -7.51 1.37 27.20
CA ILE D 299 -8.23 2.64 27.27
C ILE D 299 -9.05 2.65 28.54
N ARG D 300 -8.66 3.52 29.49
CA ARG D 300 -9.35 3.68 30.76
C ARG D 300 -10.18 4.97 30.71
N ASP D 301 -11.50 4.83 30.63
CA ASP D 301 -12.40 5.96 30.68
C ASP D 301 -12.93 6.15 32.09
N SER D 302 -13.51 7.33 32.33
CA SER D 302 -13.88 7.77 33.68
C SER D 302 -15.38 8.04 33.75
N VAL D 303 -15.82 8.55 34.90
CA VAL D 303 -17.25 8.75 35.14
C VAL D 303 -17.81 9.88 34.28
N GLN D 304 -17.10 11.01 34.20
CA GLN D 304 -17.65 12.21 33.58
C GLN D 304 -17.78 12.09 32.06
N ASN D 305 -16.99 11.24 31.41
CA ASN D 305 -17.06 11.13 29.96
C ASN D 305 -17.95 9.99 29.49
N PHE D 306 -18.71 9.38 30.42
CA PHE D 306 -19.55 8.24 30.07
C PHE D 306 -20.76 8.66 29.24
N GLY D 307 -21.29 9.85 29.52
CA GLY D 307 -22.38 10.37 28.71
C GLY D 307 -21.99 10.58 27.26
N ASP D 308 -20.82 11.18 27.04
CA ASP D 308 -20.36 11.42 25.67
C ASP D 308 -20.05 10.11 24.95
N LEU D 309 -19.80 9.03 25.69
CA LEU D 309 -19.66 7.73 25.05
C LEU D 309 -21.02 7.15 24.69
N CYS D 310 -22.01 7.34 25.55
CA CYS D 310 -23.35 6.85 25.25
C CYS D 310 -24.09 7.70 24.22
N ARG D 311 -23.58 8.89 23.88
CA ARG D 311 -24.30 9.73 22.91
C ARG D 311 -24.28 9.12 21.51
N GLU D 312 -23.27 8.31 21.17
CA GLU D 312 -23.17 7.71 19.85
C GLU D 312 -23.81 6.32 19.78
N ILE D 313 -24.77 6.04 20.64
CA ILE D 313 -25.55 4.80 20.55
C ILE D 313 -26.73 5.09 19.64
N ARG D 314 -26.68 4.55 18.42
CA ARG D 314 -27.65 4.93 17.39
C ARG D 314 -28.89 4.06 17.51
N GLN D 315 -30.07 4.68 17.46
CA GLN D 315 -31.30 3.93 17.64
C GLN D 315 -32.35 4.43 16.65
N HIS D 316 -32.98 3.50 15.94
CA HIS D 316 -34.02 3.82 14.97
C HIS D 316 -35.24 2.96 15.24
N GLU D 317 -36.42 3.47 14.87
CA GLU D 317 -37.68 2.85 15.26
C GLU D 317 -38.55 2.55 14.03
N ILE D 318 -38.30 1.40 13.41
CA ILE D 318 -39.11 0.94 12.28
C ILE D 318 -40.57 0.85 12.71
N LEU D 320 -44.20 -0.72 12.28
CA LEU D 320 -44.83 -1.95 11.79
C LEU D 320 -46.30 -1.68 11.55
N THR D 321 -46.72 -1.76 10.30
CA THR D 321 -48.09 -1.43 9.91
C THR D 321 -48.74 -2.62 9.20
N GLU D 323 -52.65 -3.58 6.76
CA GLU D 323 -53.79 -3.05 6.03
C GLU D 323 -54.89 -4.10 5.97
N VAL D 324 -55.96 -3.89 6.75
CA VAL D 324 -57.10 -4.80 6.77
C VAL D 324 -58.21 -4.22 5.92
N CYS D 325 -59.15 -5.08 5.52
CA CYS D 325 -60.28 -4.65 4.71
C CYS D 325 -61.48 -4.27 5.56
N THR E 26 -67.67 -24.75 30.72
CA THR E 26 -66.57 -25.46 30.09
C THR E 26 -65.39 -24.53 29.84
N THR E 27 -65.38 -23.88 28.66
CA THR E 27 -64.28 -22.97 28.34
C THR E 27 -64.27 -21.77 29.27
N HIS E 28 -65.39 -21.43 29.88
CA HIS E 28 -65.48 -20.34 30.86
C HIS E 28 -66.41 -20.82 31.96
N ALA E 29 -65.83 -21.18 33.12
CA ALA E 29 -66.66 -21.48 34.27
C ALA E 29 -67.36 -20.23 34.77
N ALA E 30 -66.82 -19.06 34.44
CA ALA E 30 -67.42 -17.77 34.75
C ALA E 30 -67.05 -16.83 33.61
N LEU E 31 -67.88 -15.81 33.40
CA LEU E 31 -67.65 -14.86 32.31
C LEU E 31 -67.99 -13.46 32.82
N SER E 32 -66.98 -12.60 32.88
CA SER E 32 -67.15 -11.23 33.33
C SER E 32 -66.85 -10.26 32.20
N TRP E 33 -67.51 -9.12 32.23
CA TRP E 33 -67.32 -8.07 31.23
C TRP E 33 -66.43 -6.96 31.75
N ASN E 34 -66.28 -5.92 30.91
CA ASN E 34 -65.52 -4.73 31.21
C ASN E 34 -66.44 -3.63 31.73
N SER E 35 -65.86 -2.48 32.04
CA SER E 35 -66.64 -1.32 32.47
C SER E 35 -67.33 -0.70 31.26
N LEU E 36 -68.64 -0.82 31.20
CA LEU E 36 -69.43 -0.34 30.06
C LEU E 36 -70.19 0.94 30.41
N LYS E 37 -70.35 1.79 29.41
CA LYS E 37 -71.07 3.05 29.56
C LYS E 37 -72.55 2.81 29.86
N ILE E 38 -73.24 3.88 30.27
CA ILE E 38 -74.65 3.82 30.62
C ILE E 38 -75.47 3.58 29.36
N GLY E 39 -76.40 2.65 29.43
CA GLY E 39 -77.31 2.38 28.33
C GLY E 39 -76.72 1.67 27.14
N LYS E 40 -75.42 1.38 27.16
CA LYS E 40 -74.79 0.59 26.13
C LYS E 40 -74.80 -0.87 26.53
N SER E 41 -74.93 -1.75 25.54
CA SER E 41 -74.99 -3.18 25.76
C SER E 41 -73.70 -3.82 25.28
N GLU E 42 -73.24 -4.85 26.00
CA GLU E 42 -72.05 -5.58 25.59
C GLU E 42 -72.36 -7.07 25.54
N ILE E 43 -71.94 -7.71 24.45
CA ILE E 43 -72.16 -9.13 24.19
C ILE E 43 -70.89 -9.90 24.51
N LYS E 44 -71.06 -11.08 25.11
CA LYS E 44 -69.98 -12.05 25.25
C LYS E 44 -70.56 -13.43 24.98
N GLU E 45 -69.75 -14.27 24.34
CA GLU E 45 -70.16 -15.62 23.96
C GLU E 45 -69.89 -16.59 25.09
N PHE E 46 -70.75 -17.59 25.20
CA PHE E 46 -70.64 -18.61 26.24
C PHE E 46 -70.96 -19.95 25.58
N THR E 47 -69.97 -20.85 25.56
CA THR E 47 -70.11 -22.13 24.89
C THR E 47 -70.04 -23.27 25.89
N ILE E 48 -70.72 -24.37 25.56
CA ILE E 48 -70.72 -25.57 26.38
C ILE E 48 -70.59 -26.80 25.47
N ILE E 56 -79.00 -34.45 28.50
CA ILE E 56 -79.70 -34.42 27.23
C ILE E 56 -80.85 -33.42 27.39
N LYS E 57 -81.03 -32.94 28.61
CA LYS E 57 -82.15 -32.08 28.94
C LYS E 57 -81.76 -31.20 30.12
N ILE E 58 -81.73 -29.88 29.89
CA ILE E 58 -81.32 -28.92 30.89
C ILE E 58 -81.95 -27.58 30.54
N GLN E 59 -82.17 -26.76 31.57
CA GLN E 59 -82.82 -25.47 31.44
C GLN E 59 -81.80 -24.36 31.62
N ALA E 60 -81.85 -23.36 30.75
CA ALA E 60 -80.95 -22.21 30.85
C ALA E 60 -81.66 -21.13 31.66
N THR E 61 -81.61 -21.29 32.99
CA THR E 61 -82.32 -20.42 33.91
C THR E 61 -81.68 -19.03 33.91
N ILE E 62 -82.37 -18.05 33.33
CA ILE E 62 -81.89 -16.67 33.43
C ILE E 62 -82.09 -16.22 34.88
N SER E 63 -81.08 -15.53 35.41
CA SER E 63 -81.08 -15.19 36.83
C SER E 63 -81.02 -13.68 37.04
N ASP E 64 -81.83 -12.94 36.29
CA ASP E 64 -81.89 -11.49 36.46
C ASP E 64 -82.35 -11.12 37.86
N SER E 65 -81.69 -10.13 38.43
CA SER E 65 -82.08 -9.52 39.70
C SER E 65 -82.42 -8.05 39.58
N GLU E 66 -81.67 -7.31 38.75
CA GLU E 66 -81.92 -5.89 38.52
C GLU E 66 -81.80 -5.57 37.04
N LYS E 67 -82.42 -6.42 36.20
CA LYS E 67 -82.57 -6.23 34.75
C LYS E 67 -81.26 -5.78 34.08
N ASN E 68 -80.19 -6.55 34.29
CA ASN E 68 -78.91 -6.22 33.67
C ASN E 68 -78.40 -7.31 32.76
N PHE E 69 -78.33 -8.56 33.23
CA PHE E 69 -77.64 -9.64 32.52
C PHE E 69 -78.67 -10.53 31.83
N ARG E 70 -79.07 -10.15 30.62
CA ARG E 70 -80.05 -10.90 29.85
C ARG E 70 -79.39 -11.51 28.62
N PHE E 71 -79.54 -12.83 28.46
CA PHE E 71 -79.00 -13.52 27.30
C PHE E 71 -79.56 -12.93 26.02
N LEU E 72 -78.72 -12.85 24.99
CA LEU E 72 -79.18 -12.37 23.69
C LEU E 72 -80.23 -13.30 23.12
N ARG E 73 -81.22 -12.72 22.43
CA ARG E 73 -82.33 -13.48 21.89
C ARG E 73 -82.54 -13.07 20.44
N GLU E 74 -82.39 -14.04 19.54
CA GLU E 74 -82.62 -13.84 18.10
C GLU E 74 -81.75 -12.70 17.54
N THR E 81 -84.93 -17.12 30.05
CA THR E 81 -84.92 -18.56 30.34
C THR E 81 -85.29 -19.38 29.10
N ILE E 82 -84.40 -20.28 28.71
CA ILE E 82 -84.63 -21.21 27.60
C ILE E 82 -84.22 -22.62 28.05
N VAL E 83 -84.48 -23.58 27.17
CA VAL E 83 -84.18 -24.98 27.42
C VAL E 83 -83.46 -25.52 26.20
N LEU E 84 -82.53 -26.45 26.42
CA LEU E 84 -81.74 -27.03 25.33
C LEU E 84 -81.75 -28.55 25.44
N ALA E 85 -81.24 -29.18 24.38
CA ALA E 85 -81.17 -30.65 24.31
C ALA E 85 -79.74 -31.10 24.04
N LEU E 86 -79.58 -32.37 23.68
CA LEU E 86 -78.25 -32.98 23.49
C LEU E 86 -77.35 -32.15 22.58
N THR E 93 -72.64 -22.98 22.77
CA THR E 93 -72.37 -21.78 22.00
C THR E 93 -73.47 -20.74 22.18
N LEU E 94 -73.77 -20.41 23.44
CA LEU E 94 -74.79 -19.42 23.76
C LEU E 94 -74.20 -18.02 23.61
N SER E 95 -74.98 -17.00 24.00
CA SER E 95 -74.53 -15.62 23.89
C SER E 95 -75.32 -14.80 24.91
N VAL E 96 -74.63 -13.94 25.66
CA VAL E 96 -75.27 -13.17 26.71
C VAL E 96 -74.84 -11.70 26.62
N VAL E 97 -75.78 -10.80 26.90
CA VAL E 97 -75.58 -9.36 26.79
C VAL E 97 -75.86 -8.72 28.14
N PHE E 98 -75.10 -7.69 28.48
CA PHE E 98 -75.33 -6.98 29.73
C PHE E 98 -75.38 -5.49 29.43
N SER E 99 -76.25 -4.77 30.15
CA SER E 99 -76.33 -3.31 29.98
C SER E 99 -76.55 -2.64 31.33
N PRO E 100 -75.61 -1.82 31.79
CA PRO E 100 -75.74 -1.19 33.12
C PRO E 100 -76.78 -0.08 33.12
N HIS E 101 -77.77 -0.22 34.00
CA HIS E 101 -78.77 0.82 34.19
C HIS E 101 -78.45 1.76 35.35
N HIS E 102 -77.55 1.36 36.25
CA HIS E 102 -77.14 2.22 37.36
C HIS E 102 -75.63 2.12 37.52
N ILE E 103 -75.01 3.26 37.78
CA ILE E 103 -73.55 3.38 37.85
C ILE E 103 -73.08 2.58 39.06
N GLY E 104 -72.46 1.43 38.83
CA GLY E 104 -72.06 0.59 39.94
C GLY E 104 -71.94 -0.86 39.54
N ALA E 105 -71.66 -1.69 40.55
CA ALA E 105 -71.32 -3.09 40.34
C ALA E 105 -72.53 -3.89 39.84
N ALA E 106 -72.24 -5.08 39.33
CA ALA E 106 -73.30 -5.95 38.81
C ALA E 106 -72.80 -7.39 38.84
N SER E 107 -73.66 -8.29 39.29
CA SER E 107 -73.29 -9.70 39.39
C SER E 107 -74.44 -10.60 38.96
N ILE E 130 -71.50 -19.43 34.72
CA ILE E 130 -72.68 -19.08 35.49
C ILE E 130 -72.38 -17.87 36.35
N PHE E 131 -71.17 -17.81 36.89
CA PHE E 131 -70.78 -16.65 37.70
C PHE E 131 -70.45 -15.53 36.74
N LEU E 132 -71.42 -14.66 36.52
CA LEU E 132 -71.25 -13.59 35.56
C LEU E 132 -71.04 -12.31 36.33
N TYR E 133 -70.17 -11.46 35.81
CA TYR E 133 -69.83 -10.22 36.49
C TYR E 133 -69.77 -9.08 35.49
N GLY E 134 -70.08 -7.88 35.98
CA GLY E 134 -70.05 -6.69 35.17
C GLY E 134 -70.03 -5.49 36.08
N TYR E 135 -69.70 -4.34 35.51
CA TYR E 135 -69.64 -3.13 36.32
C TYR E 135 -69.81 -1.92 35.40
N GLY E 136 -70.70 -1.01 35.78
CA GLY E 136 -71.16 0.04 34.90
C GLY E 136 -70.71 1.43 35.31
N GLY E 137 -70.57 2.28 34.29
CA GLY E 137 -69.95 3.58 34.39
C GLY E 137 -68.73 3.69 33.47
N TYR E 138 -68.22 4.91 33.38
CA TYR E 138 -67.05 5.15 32.53
C TYR E 138 -66.30 6.36 33.07
N SER E 139 -65.06 6.50 32.60
CA SER E 139 -64.23 7.66 32.97
C SER E 139 -63.46 8.12 31.74
N LYS E 140 -63.90 9.23 31.14
CA LYS E 140 -63.19 9.84 30.03
C LYS E 140 -62.38 11.01 30.59
N VAL E 141 -61.08 10.82 30.74
CA VAL E 141 -60.18 11.88 31.18
C VAL E 141 -59.55 12.50 29.94
N GLU E 142 -59.89 13.76 29.70
CA GLU E 142 -59.46 14.50 28.53
C GLU E 142 -58.30 15.42 28.88
N ILE E 143 -57.31 15.44 28.00
CA ILE E 143 -56.12 16.27 28.13
C ILE E 143 -56.36 17.58 27.39
N SER E 144 -56.08 18.70 28.06
CA SER E 144 -56.35 20.03 27.53
C SER E 144 -55.14 20.92 27.76
N GLU E 145 -55.17 22.09 27.10
CA GLU E 145 -54.06 23.04 27.07
C GLU E 145 -52.83 22.44 26.40
N VAL E 146 -53.06 21.54 25.44
CA VAL E 146 -52.03 20.98 24.59
C VAL E 146 -52.56 20.94 23.17
N PHE E 147 -51.67 21.17 22.20
CA PHE E 147 -52.10 21.24 20.82
C PHE E 147 -52.22 19.84 20.22
N LYS E 148 -53.34 19.57 19.55
CA LYS E 148 -53.60 18.29 18.93
C LYS E 148 -53.48 18.40 17.42
N ASP E 149 -53.18 17.28 16.77
CA ASP E 149 -52.90 17.23 15.35
C ASP E 149 -54.05 16.55 14.61
N THR E 150 -54.20 16.90 13.33
CA THR E 150 -55.17 16.21 12.49
C THR E 150 -54.89 14.71 12.42
N ASN E 151 -53.61 14.33 12.43
CA ASN E 151 -53.27 12.91 12.43
C ASN E 151 -53.61 12.27 13.76
N GLY E 152 -53.58 13.03 14.84
CA GLY E 152 -53.99 12.56 16.15
C GLY E 152 -52.90 12.60 17.21
N LYS E 153 -51.69 13.01 16.86
CA LYS E 153 -50.59 13.04 17.82
C LYS E 153 -50.56 14.37 18.56
N TRP E 155 -48.66 17.44 20.63
CA TRP E 155 -47.42 18.18 20.72
C TRP E 155 -47.52 19.26 21.80
N LEU E 156 -46.52 19.29 22.68
CA LEU E 156 -46.39 20.32 23.69
C LEU E 156 -45.07 21.04 23.47
N SER E 157 -45.10 22.37 23.52
CA SER E 157 -43.92 23.19 23.32
C SER E 157 -43.60 23.96 24.59
N PHE E 158 -42.33 23.94 24.99
CA PHE E 158 -41.86 24.72 26.12
C PHE E 158 -41.52 26.15 25.74
N GLY E 159 -41.50 26.47 24.45
CA GLY E 159 -41.05 27.75 23.98
C GLY E 159 -39.61 27.71 23.54
N LEU E 161 -35.43 28.37 24.24
CA LEU E 161 -34.45 28.33 25.33
C LEU E 161 -33.87 29.72 25.52
N ASN E 162 -34.39 30.44 26.52
CA ASN E 162 -33.78 31.70 26.93
C ASN E 162 -32.51 31.41 27.72
N SER E 163 -31.46 32.19 27.44
CA SER E 163 -30.20 32.01 28.13
C SER E 163 -30.38 32.22 29.63
N GLU E 164 -29.68 31.39 30.42
CA GLU E 164 -29.65 31.41 31.88
C GLU E 164 -30.99 31.03 32.52
N ASN E 165 -32.01 30.71 31.72
CA ASN E 165 -33.31 30.30 32.24
C ASN E 165 -33.60 28.84 31.91
N SER E 166 -34.59 28.30 32.62
CA SER E 166 -35.11 26.96 32.36
C SER E 166 -36.57 27.08 31.94
N LEU E 167 -37.07 26.03 31.29
CA LEU E 167 -38.38 26.12 30.64
C LEU E 167 -39.42 25.33 31.44
N ASN E 168 -40.68 25.73 31.31
CA ASN E 168 -41.75 25.08 32.05
C ASN E 168 -43.07 25.23 31.29
N ALA E 169 -43.95 24.24 31.49
CA ALA E 169 -45.26 24.22 30.85
C ALA E 169 -46.25 23.49 31.73
N LYS E 170 -47.50 23.39 31.26
CA LYS E 170 -48.60 22.86 32.03
C LYS E 170 -49.57 22.09 31.14
N ILE E 171 -50.25 21.11 31.74
CA ILE E 171 -51.29 20.34 31.09
C ILE E 171 -52.53 20.34 31.99
N LYS E 172 -53.70 20.32 31.37
CA LYS E 172 -54.97 20.23 32.07
C LYS E 172 -55.53 18.82 31.91
N LEU E 173 -56.10 18.27 32.98
CA LEU E 173 -56.68 16.94 32.93
C LEU E 173 -58.07 17.01 33.55
N GLN E 174 -59.09 16.68 32.76
CA GLN E 174 -60.47 16.81 33.23
C GLN E 174 -61.19 15.49 33.02
N ASN E 175 -61.84 15.00 34.08
CA ASN E 175 -62.58 13.74 34.03
C ASN E 175 -64.03 14.04 33.68
N THR E 176 -64.38 13.82 32.41
CA THR E 176 -65.76 14.03 31.97
C THR E 176 -66.57 12.74 32.00
N GLY E 177 -66.38 11.95 33.05
CA GLY E 177 -67.10 10.70 33.24
C GLY E 177 -67.88 10.70 34.54
N ASP E 178 -68.38 9.54 34.95
CA ASP E 178 -69.19 9.45 36.16
C ASP E 178 -68.52 8.72 37.31
N LEU E 179 -67.49 7.92 37.06
CA LEU E 179 -66.75 7.24 38.11
C LEU E 179 -65.30 7.74 38.11
N CYS E 180 -64.59 7.41 39.19
CA CYS E 180 -63.23 7.90 39.37
C CYS E 180 -62.29 7.37 38.29
N SER E 181 -61.30 8.18 37.95
CA SER E 181 -60.33 7.88 36.90
C SER E 181 -58.93 7.88 37.49
N TYR E 182 -58.05 7.08 36.90
CA TYR E 182 -56.67 6.93 37.37
C TYR E 182 -55.71 7.28 36.23
N VAL E 183 -54.69 8.08 36.56
CA VAL E 183 -53.77 8.66 35.58
C VAL E 183 -52.32 8.60 36.06
N LYS E 184 -51.60 7.55 35.65
CA LYS E 184 -50.16 7.45 35.84
C LYS E 184 -49.43 8.06 34.64
N ILE E 185 -48.50 8.98 34.90
CA ILE E 185 -47.75 9.63 33.82
C ILE E 185 -46.27 9.35 34.02
N LYS E 186 -45.57 9.08 32.91
CA LYS E 186 -44.12 8.83 32.95
C LYS E 186 -43.46 9.53 31.76
N LEU E 187 -42.32 10.15 32.00
CA LEU E 187 -41.62 10.92 31.00
C LEU E 187 -40.31 10.26 30.60
N THR E 188 -40.04 10.23 29.30
CA THR E 188 -38.77 9.71 28.78
C THR E 188 -38.15 10.74 27.83
N PRO E 189 -36.99 11.31 28.16
CA PRO E 189 -36.38 12.29 27.27
C PRO E 189 -35.69 11.64 26.08
N LYS E 190 -35.44 12.46 25.06
CA LYS E 190 -34.82 12.01 23.82
C LYS E 190 -33.29 12.07 23.90
N ALA E 191 -32.73 12.58 24.98
CA ALA E 191 -31.28 12.65 25.17
C ALA E 191 -30.86 11.61 26.20
N VAL E 192 -29.78 10.91 25.89
CA VAL E 192 -29.32 9.78 26.70
C VAL E 192 -28.03 10.17 27.40
N TYR E 193 -28.10 10.21 28.74
CA TYR E 193 -26.96 10.49 29.60
C TYR E 193 -27.30 9.96 31.00
N PRO E 194 -26.30 9.68 31.83
CA PRO E 194 -26.59 8.87 33.04
C PRO E 194 -27.49 9.56 34.06
N THR E 195 -27.46 10.89 34.17
CA THR E 195 -28.33 11.61 35.11
C THR E 195 -29.53 12.24 34.39
N ILE E 197 -32.87 11.58 33.99
CA ILE E 197 -34.19 11.83 34.58
C ILE E 197 -34.15 12.98 35.58
N SER E 198 -32.97 13.29 36.13
CA SER E 198 -32.88 14.30 37.19
C SER E 198 -33.15 15.71 36.67
N SER E 199 -32.89 15.95 35.39
CA SER E 199 -33.11 17.28 34.82
C SER E 199 -34.59 17.64 34.68
N TRP E 200 -35.47 16.66 34.75
CA TRP E 200 -36.91 16.88 34.58
C TRP E 200 -37.59 16.88 35.94
N GLN E 201 -38.52 17.81 36.14
CA GLN E 201 -39.30 17.86 37.37
C GLN E 201 -40.77 17.95 37.00
N VAL E 202 -41.52 16.89 37.31
CA VAL E 202 -42.91 16.73 36.91
C VAL E 202 -43.78 16.53 38.14
N ASN E 203 -44.93 17.21 38.18
CA ASN E 203 -45.84 16.94 39.29
C ASN E 203 -47.30 17.15 38.88
N PRO E 204 -48.21 16.24 39.25
CA PRO E 204 -47.99 14.96 39.94
C PRO E 204 -47.70 13.80 38.98
N THR E 205 -46.79 12.91 39.36
CA THR E 205 -46.45 11.77 38.52
C THR E 205 -47.60 10.75 38.43
N GLU E 206 -48.40 10.61 39.49
CA GLU E 206 -49.52 9.68 39.50
C GLU E 206 -50.64 10.30 40.31
N LEU E 207 -51.88 10.11 39.85
CA LEU E 207 -52.99 10.65 40.64
C LEU E 207 -54.32 10.05 40.18
N LEU E 208 -55.36 10.41 40.93
CA LEU E 208 -56.73 9.99 40.68
C LEU E 208 -57.62 11.23 40.63
N LEU E 209 -58.67 11.14 39.81
CA LEU E 209 -59.58 12.25 39.58
C LEU E 209 -61.01 11.76 39.83
N ASN E 210 -61.74 12.49 40.67
CA ASN E 210 -63.15 12.23 40.83
C ASN E 210 -63.91 12.73 39.61
N PRO E 211 -65.16 12.29 39.41
CA PRO E 211 -65.91 12.77 38.24
C PRO E 211 -66.03 14.29 38.23
N LYS E 212 -65.65 14.88 37.09
CA LYS E 212 -65.67 16.32 36.83
C LYS E 212 -64.61 17.07 37.64
N GLU E 213 -63.66 16.35 38.23
CA GLU E 213 -62.51 16.98 38.89
C GLU E 213 -61.44 17.32 37.86
N VAL E 214 -60.88 18.53 37.98
CA VAL E 214 -59.88 19.03 37.05
C VAL E 214 -58.58 19.22 37.81
N GLN E 215 -57.47 18.73 37.23
CA GLN E 215 -56.16 18.88 37.84
C GLN E 215 -55.13 19.31 36.81
N TRP E 216 -54.16 20.10 37.27
CA TRP E 216 -53.10 20.64 36.45
C TRP E 216 -51.78 19.92 36.72
N VAL E 217 -51.11 19.50 35.66
CA VAL E 217 -49.80 18.85 35.73
C VAL E 217 -48.76 19.85 35.26
N THR E 218 -47.78 20.13 36.13
CA THR E 218 -46.71 21.07 35.82
C THR E 218 -45.47 20.29 35.41
N LEU E 219 -44.73 20.83 34.44
CA LEU E 219 -43.57 20.16 33.88
C LEU E 219 -42.47 21.19 33.71
N GLU E 220 -41.32 20.98 34.36
CA GLU E 220 -40.20 21.91 34.21
C GLU E 220 -38.97 21.16 33.76
N PHE E 221 -38.23 21.79 32.85
CA PHE E 221 -37.07 21.23 32.18
C PHE E 221 -35.90 22.18 32.36
N HIS E 222 -34.83 21.69 33.01
CA HIS E 222 -33.58 22.38 33.24
C HIS E 222 -32.55 21.88 32.24
N PRO E 223 -32.29 22.60 31.15
CA PRO E 223 -31.41 22.08 30.10
C PRO E 223 -29.95 21.98 30.52
N ARG E 224 -29.45 20.76 30.71
CA ARG E 224 -28.03 20.59 31.00
C ARG E 224 -27.22 20.73 29.71
N LYS E 225 -25.95 21.06 29.87
CA LYS E 225 -25.09 21.35 28.72
C LYS E 225 -24.94 20.12 27.82
N GLU E 226 -25.01 18.92 28.41
CA GLU E 226 -24.95 17.70 27.61
C GLU E 226 -26.21 17.51 26.78
N ASP E 227 -27.35 18.02 27.26
CA ASP E 227 -28.63 17.74 26.62
C ASP E 227 -28.75 18.42 25.26
N LEU E 228 -28.37 19.69 25.17
CA LEU E 228 -28.58 20.45 23.93
C LEU E 228 -27.63 20.05 22.81
N ALA E 229 -26.59 19.27 23.12
CA ALA E 229 -25.60 18.91 22.10
C ALA E 229 -26.20 18.13 20.96
N LEU E 230 -27.26 17.35 21.22
CA LEU E 230 -27.94 16.64 20.15
C LEU E 230 -29.10 17.43 19.56
N LEU E 231 -29.71 18.31 20.34
CA LEU E 231 -30.81 19.15 19.87
C LEU E 231 -30.33 20.29 18.99
N GLN E 232 -29.02 20.55 18.96
CA GLN E 232 -28.43 21.60 18.12
C GLN E 232 -29.00 21.70 16.71
N LYS E 233 -28.99 20.57 15.98
CA LYS E 233 -29.03 20.60 14.51
C LYS E 233 -30.22 21.36 13.95
N SER E 234 -31.43 20.87 14.18
CA SER E 234 -32.61 21.48 13.59
C SER E 234 -32.99 22.74 14.34
N ASP E 235 -34.02 23.43 13.84
CA ASP E 235 -34.51 24.63 14.52
C ASP E 235 -35.57 24.31 15.56
N VAL E 236 -36.39 23.30 15.33
CA VAL E 236 -37.38 22.83 16.30
C VAL E 236 -36.98 21.44 16.73
N SER E 237 -36.66 21.27 18.01
CA SER E 237 -36.04 20.06 18.51
C SER E 237 -36.99 19.29 19.42
N HIS E 238 -37.04 17.97 19.21
CA HIS E 238 -37.77 17.06 20.09
C HIS E 238 -36.93 16.73 21.31
N VAL E 239 -37.45 17.05 22.50
CA VAL E 239 -36.67 16.91 23.73
C VAL E 239 -37.17 15.77 24.62
N GLY E 240 -38.42 15.34 24.48
CA GLY E 240 -38.92 14.27 25.33
C GLY E 240 -40.28 13.79 24.88
N THR E 241 -40.74 12.73 25.54
CA THR E 241 -42.03 12.11 25.27
C THR E 241 -42.71 11.77 26.59
N LEU E 242 -43.95 12.22 26.76
CA LEU E 242 -44.68 12.07 28.00
C LEU E 242 -45.83 11.08 27.78
N LEU E 243 -45.74 9.91 28.41
CA LEU E 243 -46.76 8.89 28.29
C LEU E 243 -47.75 9.02 29.44
N ILE E 244 -49.04 9.10 29.11
CA ILE E 244 -50.12 9.17 30.09
C ILE E 244 -50.93 7.89 29.94
N THR E 245 -50.85 7.03 30.94
CA THR E 245 -51.66 5.82 31.03
C THR E 245 -52.81 6.12 31.99
N HIS E 246 -54.02 6.14 31.45
CA HIS E 246 -55.19 6.56 32.18
C HIS E 246 -56.36 5.63 31.88
N GLY E 247 -57.40 5.79 32.70
CA GLY E 247 -58.59 4.96 32.56
C GLY E 247 -59.46 5.06 33.81
N ASP E 248 -60.23 4.01 34.02
CA ASP E 248 -61.16 3.94 35.16
C ASP E 248 -60.48 3.30 36.37
N GLU E 249 -60.60 3.96 37.52
CA GLU E 249 -59.99 3.45 38.75
C GLU E 249 -60.42 2.05 39.14
N PRO E 250 -61.71 1.69 39.14
CA PRO E 250 -62.08 0.34 39.59
C PRO E 250 -61.47 -0.78 38.76
N THR E 251 -61.42 -0.61 37.44
CA THR E 251 -60.76 -1.61 36.61
C THR E 251 -59.31 -1.76 37.00
N ARG E 252 -58.70 -0.71 37.58
CA ARG E 252 -57.34 -0.85 38.10
C ARG E 252 -57.31 -1.78 39.30
N LEU E 253 -58.32 -1.73 40.16
CA LEU E 253 -58.39 -2.68 41.27
C LEU E 253 -58.58 -4.10 40.76
N ARG E 254 -59.43 -4.27 39.75
CA ARG E 254 -59.61 -5.60 39.17
C ARG E 254 -58.30 -6.12 38.58
N ILE E 255 -57.59 -5.26 37.84
CA ILE E 255 -56.34 -5.64 37.22
C ILE E 255 -55.27 -5.92 38.27
N ARG E 256 -55.21 -5.13 39.35
CA ARG E 256 -54.22 -5.41 40.38
C ARG E 256 -54.49 -6.76 41.04
N ARG E 257 -55.75 -7.05 41.37
CA ARG E 257 -56.05 -8.33 42.00
C ARG E 257 -55.66 -9.49 41.10
N LEU E 258 -56.01 -9.40 39.80
CA LEU E 258 -55.73 -10.53 38.93
C LEU E 258 -54.25 -10.63 38.60
N TYR E 259 -53.57 -9.49 38.42
CA TYR E 259 -52.15 -9.49 38.13
C TYR E 259 -51.34 -9.97 39.34
N LYS E 260 -51.79 -9.62 40.53
CA LYS E 260 -51.16 -10.15 41.74
C LYS E 260 -51.29 -11.66 41.78
N LYS E 261 -52.48 -12.18 41.46
CA LYS E 261 -52.65 -13.62 41.38
C LYS E 261 -51.78 -14.22 40.27
N LYS E 263 -48.81 -13.09 39.13
CA LYS E 263 -47.46 -13.19 39.67
C LYS E 263 -47.39 -14.24 40.79
N GLU E 264 -48.52 -14.49 41.45
CA GLU E 264 -48.60 -15.53 42.46
C GLU E 264 -48.53 -16.92 41.86
N THR E 265 -48.87 -17.04 40.57
CA THR E 265 -48.73 -18.30 39.85
C THR E 265 -47.44 -18.37 39.03
N GLY E 266 -46.72 -17.27 38.86
CA GLY E 266 -45.46 -17.28 38.14
C GLY E 266 -45.54 -17.61 36.67
N GLU E 267 -46.60 -17.13 35.99
CA GLU E 267 -46.82 -17.50 34.59
C GLU E 267 -45.68 -16.99 33.69
N LEU E 268 -45.23 -15.75 33.90
CA LEU E 268 -44.22 -15.12 33.06
C LEU E 268 -43.06 -14.64 33.93
N ASN E 269 -42.16 -15.55 34.29
CA ASN E 269 -40.98 -15.17 35.07
C ASN E 269 -39.73 -14.97 34.21
N GLY E 270 -39.79 -15.24 32.92
CA GLY E 270 -38.62 -15.14 32.08
C GLY E 270 -38.32 -13.72 31.62
N ASN E 271 -38.27 -13.53 30.31
CA ASN E 271 -38.02 -12.22 29.72
C ASN E 271 -39.20 -11.65 28.95
N GLU E 272 -40.15 -12.50 28.53
CA GLU E 272 -41.33 -12.02 27.84
C GLU E 272 -42.07 -10.98 28.67
N ASN E 273 -42.20 -11.23 29.97
CA ASN E 273 -42.90 -10.29 30.84
C ASN E 273 -42.22 -8.93 30.88
N GLU E 274 -40.99 -8.83 30.36
CA GLU E 274 -40.24 -7.59 30.42
C GLU E 274 -40.82 -6.58 29.44
N THR E 275 -41.60 -7.05 28.48
CA THR E 275 -42.35 -6.13 27.65
C THR E 275 -43.78 -5.96 28.12
N PHE E 276 -44.33 -6.97 28.80
CA PHE E 276 -45.69 -6.86 29.32
C PHE E 276 -45.74 -6.23 30.71
N ARG E 277 -45.05 -6.83 31.67
CA ARG E 277 -45.12 -6.32 33.05
C ARG E 277 -44.62 -4.88 33.14
N ASN E 278 -43.53 -4.56 32.44
CA ASN E 278 -43.02 -3.19 32.47
C ASN E 278 -44.05 -2.18 32.01
N ILE E 279 -45.01 -2.59 31.18
CA ILE E 279 -46.04 -1.64 30.76
C ILE E 279 -47.24 -1.67 31.72
N VAL E 280 -47.46 -2.80 32.40
CA VAL E 280 -48.66 -3.00 33.21
C VAL E 280 -48.36 -3.09 34.70
N HIS E 281 -47.08 -3.16 35.11
CA HIS E 281 -46.78 -3.24 36.54
C HIS E 281 -46.89 -1.90 37.25
N PRO E 282 -46.29 -0.81 36.75
CA PRO E 282 -46.38 0.46 37.50
C PRO E 282 -47.79 1.01 37.58
N ILE E 283 -48.76 0.38 36.92
CA ILE E 283 -50.14 0.82 36.98
C ILE E 283 -50.97 0.04 38.00
N CYS E 284 -50.53 -1.15 38.39
CA CYS E 284 -51.22 -1.98 39.37
C CYS E 284 -50.71 -1.77 40.80
N LYS E 285 -49.88 -0.76 41.01
CA LYS E 285 -49.36 -0.46 42.33
C LYS E 285 -50.35 0.43 43.08
N VAL E 286 -50.21 0.45 44.41
CA VAL E 286 -51.15 1.19 45.24
C VAL E 286 -50.91 2.68 45.02
N PHE E 287 -51.89 3.36 44.43
CA PHE E 287 -51.77 4.78 44.18
C PHE E 287 -51.96 5.56 45.48
N SER E 288 -51.56 6.83 45.40
CA SER E 288 -51.73 7.79 46.48
C SER E 288 -53.08 8.45 46.39
N GLY E 289 -53.77 8.57 47.52
CA GLY E 289 -55.13 9.03 47.51
C GLY E 289 -56.14 7.95 47.24
N GLU E 290 -55.67 6.72 47.04
CA GLU E 290 -56.53 5.58 46.75
C GLU E 290 -57.41 5.28 47.95
N GLN E 291 -58.69 5.63 47.85
CA GLN E 291 -59.66 5.29 48.88
C GLN E 291 -60.26 3.95 48.49
N LEU E 292 -59.94 2.90 49.25
CA LEU E 292 -60.27 1.54 48.89
C LEU E 292 -61.77 1.33 48.73
N VAL E 293 -62.22 1.11 47.51
CA VAL E 293 -63.62 0.82 47.22
C VAL E 293 -63.83 -0.68 47.33
N SER E 294 -64.93 -1.07 47.99
CA SER E 294 -65.23 -2.47 48.27
C SER E 294 -66.21 -3.08 47.27
N ASP E 295 -66.42 -2.42 46.12
CA ASP E 295 -67.32 -2.95 45.12
C ASP E 295 -66.68 -4.02 44.25
N VAL E 296 -65.34 -4.13 44.28
CA VAL E 296 -64.62 -5.05 43.41
C VAL E 296 -64.23 -6.34 44.11
N ILE E 297 -64.58 -6.52 45.38
CA ILE E 297 -64.20 -7.73 46.11
C ILE E 297 -65.03 -8.95 45.69
N PRO E 298 -66.34 -8.85 45.49
CA PRO E 298 -67.11 -10.05 45.10
C PRO E 298 -67.15 -10.37 43.61
N ILE E 299 -66.31 -9.75 42.79
CA ILE E 299 -66.40 -9.90 41.34
C ILE E 299 -65.25 -10.71 40.77
N ARG E 300 -64.76 -11.70 41.51
CA ARG E 300 -63.55 -12.43 41.12
C ARG E 300 -63.60 -12.94 39.68
N ASP E 301 -62.80 -12.30 38.83
CA ASP E 301 -62.60 -12.63 37.43
C ASP E 301 -61.37 -13.50 37.20
N SER E 302 -61.27 -14.06 35.99
CA SER E 302 -60.29 -15.06 35.63
C SER E 302 -59.42 -14.55 34.48
N VAL E 303 -58.59 -15.45 33.92
CA VAL E 303 -57.54 -15.05 32.98
C VAL E 303 -58.14 -14.44 31.71
N GLN E 304 -59.23 -15.00 31.20
CA GLN E 304 -59.70 -14.60 29.87
C GLN E 304 -60.15 -13.15 29.88
N ASN E 305 -60.87 -12.73 30.92
CA ASN E 305 -61.20 -11.32 30.87
C ASN E 305 -60.04 -10.46 31.37
N PHE E 306 -58.98 -11.05 31.92
CA PHE E 306 -57.77 -10.26 32.14
C PHE E 306 -57.21 -9.82 30.80
N GLY E 307 -57.13 -10.77 29.87
CA GLY E 307 -56.77 -10.43 28.50
C GLY E 307 -57.71 -9.38 27.92
N ASP E 308 -59.01 -9.55 28.13
CA ASP E 308 -59.98 -8.57 27.62
C ASP E 308 -59.83 -7.21 28.29
N LEU E 309 -59.63 -7.19 29.61
CA LEU E 309 -59.54 -5.96 30.38
C LEU E 309 -58.30 -5.15 30.06
N CYS E 310 -57.18 -5.81 29.74
CA CYS E 310 -56.02 -4.99 29.45
C CYS E 310 -56.17 -4.21 28.16
N ARG E 311 -57.28 -4.36 27.44
CA ARG E 311 -57.54 -3.55 26.26
C ARG E 311 -58.00 -2.14 26.64
N GLU E 312 -58.60 -1.97 27.83
CA GLU E 312 -59.14 -0.69 28.26
C GLU E 312 -58.17 0.13 29.09
N ILE E 313 -56.87 -0.05 28.92
CA ILE E 313 -55.86 0.79 29.54
C ILE E 313 -55.45 1.81 28.49
N ARG E 314 -55.99 3.02 28.59
CA ARG E 314 -55.77 4.01 27.54
C ARG E 314 -54.41 4.68 27.71
N GLN E 315 -53.67 4.81 26.62
CA GLN E 315 -52.30 5.31 26.65
C GLN E 315 -52.14 6.37 25.57
N HIS E 316 -51.80 7.59 25.98
CA HIS E 316 -51.55 8.68 25.04
C HIS E 316 -50.13 9.20 25.21
N GLU E 317 -49.59 9.75 24.14
CA GLU E 317 -48.23 10.27 24.13
C GLU E 317 -48.25 11.74 23.74
N ILE E 318 -47.54 12.57 24.51
CA ILE E 318 -47.39 13.99 24.22
C ILE E 318 -45.94 14.24 23.84
N LEU E 320 -42.74 16.57 23.43
CA LEU E 320 -42.17 17.74 24.10
C LEU E 320 -41.15 18.37 23.16
N THR E 321 -41.39 19.62 22.79
CA THR E 321 -40.60 20.30 21.77
C THR E 321 -39.98 21.56 22.34
N GLU E 323 -37.38 25.00 20.59
CA GLU E 323 -36.69 25.54 19.43
C GLU E 323 -35.50 26.40 19.85
N VAL E 324 -34.38 26.21 19.15
CA VAL E 324 -33.13 26.96 19.32
C VAL E 324 -33.33 28.40 19.82
N LYS F 25 73.87 21.60 -13.89
CA LYS F 25 72.57 21.54 -13.22
C LYS F 25 72.18 22.91 -12.68
N THR F 26 71.19 23.54 -13.34
CA THR F 26 70.71 24.86 -12.95
C THR F 26 69.19 24.87 -12.82
N THR F 27 68.60 23.68 -12.65
CA THR F 27 67.21 23.46 -12.24
C THR F 27 66.20 23.78 -13.36
N HIS F 28 66.64 24.52 -14.36
CA HIS F 28 65.78 24.84 -15.50
C HIS F 28 66.63 24.96 -16.76
N ALA F 29 66.45 24.02 -17.68
CA ALA F 29 67.12 24.16 -18.96
C ALA F 29 66.58 25.37 -19.73
N ALA F 30 65.40 25.87 -19.38
CA ALA F 30 64.86 27.06 -20.00
C ALA F 30 64.09 27.87 -18.96
N LEU F 31 63.97 29.17 -19.23
CA LEU F 31 63.34 30.11 -18.31
C LEU F 31 62.49 31.09 -19.11
N SER F 32 61.18 31.09 -18.86
CA SER F 32 60.27 31.98 -19.56
C SER F 32 59.60 32.98 -18.62
N TRP F 33 59.32 34.16 -19.16
CA TRP F 33 58.54 35.17 -18.47
C TRP F 33 57.12 35.21 -19.03
N ASN F 34 56.31 36.10 -18.48
CA ASN F 34 54.98 36.39 -18.96
C ASN F 34 54.99 37.68 -19.78
N SER F 35 53.83 38.06 -20.27
CA SER F 35 53.65 39.32 -21.00
C SER F 35 53.61 40.47 -19.99
N LEU F 36 54.61 41.34 -20.04
CA LEU F 36 54.76 42.46 -19.11
C LEU F 36 54.29 43.77 -19.72
N LYS F 37 53.75 44.63 -18.87
CA LYS F 37 53.27 45.94 -19.31
C LYS F 37 54.43 46.78 -19.86
N ILE F 38 54.07 47.90 -20.49
CA ILE F 38 55.06 48.75 -21.12
C ILE F 38 55.95 49.40 -20.07
N GLY F 39 57.26 49.26 -20.24
CA GLY F 39 58.26 49.93 -19.43
C GLY F 39 58.37 49.47 -17.99
N LYS F 40 57.49 48.61 -17.50
CA LYS F 40 57.62 48.08 -16.15
C LYS F 40 58.33 46.75 -16.20
N SER F 41 59.22 46.54 -15.23
CA SER F 41 60.06 45.35 -15.19
C SER F 41 59.71 44.46 -14.00
N GLU F 42 59.87 43.15 -14.20
CA GLU F 42 59.67 42.16 -13.16
C GLU F 42 60.91 41.29 -13.07
N ILE F 43 61.38 41.05 -11.86
CA ILE F 43 62.58 40.27 -11.60
C ILE F 43 62.17 38.84 -11.27
N LYS F 44 62.97 37.88 -11.71
CA LYS F 44 62.74 36.49 -11.33
C LYS F 44 64.04 35.83 -10.93
N GLU F 45 63.97 35.03 -9.86
CA GLU F 45 65.14 34.32 -9.38
C GLU F 45 65.17 32.95 -10.01
N PHE F 46 66.38 32.48 -10.29
CA PHE F 46 66.61 31.18 -10.91
C PHE F 46 67.81 30.60 -10.19
N THR F 47 67.60 29.49 -9.49
CA THR F 47 68.63 28.94 -8.63
C THR F 47 69.72 28.26 -9.44
N ILE F 48 70.92 28.25 -8.86
CA ILE F 48 72.07 27.61 -9.49
C ILE F 48 72.85 26.80 -8.47
N THR F 93 72.39 31.52 -5.27
CA THR F 93 71.26 31.74 -6.16
C THR F 93 71.51 32.95 -7.07
N LEU F 94 70.72 33.05 -8.14
CA LEU F 94 70.86 34.13 -9.11
C LEU F 94 69.51 34.76 -9.37
N SER F 95 69.53 36.03 -9.79
CA SER F 95 68.32 36.78 -10.08
C SER F 95 68.52 37.54 -11.38
N VAL F 96 67.51 37.51 -12.25
CA VAL F 96 67.61 38.13 -13.56
C VAL F 96 66.38 39.01 -13.81
N VAL F 97 66.60 40.09 -14.54
CA VAL F 97 65.60 41.11 -14.77
C VAL F 97 65.33 41.27 -16.26
N PHE F 98 64.07 41.57 -16.60
CA PHE F 98 63.63 41.75 -17.97
C PHE F 98 62.91 43.07 -18.11
N SER F 99 63.14 43.76 -19.24
CA SER F 99 62.48 45.01 -19.54
C SER F 99 62.18 45.11 -21.03
N PRO F 100 60.91 45.18 -21.42
CA PRO F 100 60.56 45.17 -22.85
C PRO F 100 60.87 46.50 -23.52
N HIS F 101 61.75 46.48 -24.52
CA HIS F 101 62.01 47.63 -25.36
C HIS F 101 61.26 47.60 -26.69
N HIS F 102 60.79 46.43 -27.12
CA HIS F 102 60.05 46.32 -28.36
C HIS F 102 58.87 45.39 -28.13
N ILE F 103 57.70 45.80 -28.60
CA ILE F 103 56.51 44.97 -28.38
C ILE F 103 56.66 43.74 -29.28
N GLY F 104 56.98 42.62 -28.66
CA GLY F 104 57.25 41.39 -29.38
C GLY F 104 58.17 40.50 -28.57
N ALA F 105 58.52 39.37 -29.18
CA ALA F 105 59.24 38.32 -28.48
C ALA F 105 60.68 38.76 -28.15
N ALA F 106 61.33 37.97 -27.31
CA ALA F 106 62.70 38.23 -26.90
C ALA F 106 63.38 36.90 -26.60
N SER F 107 64.60 36.75 -27.07
CA SER F 107 65.35 35.52 -26.90
C SER F 107 66.81 35.80 -26.59
N ARG F 128 77.03 34.83 -20.88
CA ARG F 128 77.92 33.67 -20.98
C ARG F 128 77.07 32.45 -21.34
N GLN F 129 76.98 31.47 -20.43
CA GLN F 129 76.12 30.32 -20.64
C GLN F 129 74.68 30.77 -20.42
N ILE F 130 73.98 31.10 -21.51
CA ILE F 130 72.68 31.73 -21.44
C ILE F 130 71.68 30.91 -22.25
N PHE F 131 70.49 30.68 -21.68
CA PHE F 131 69.39 30.07 -22.42
C PHE F 131 68.13 30.59 -21.73
N LEU F 132 67.50 31.60 -22.34
CA LEU F 132 66.41 32.33 -21.71
C LEU F 132 65.35 32.68 -22.75
N TYR F 133 64.10 32.76 -22.31
CA TYR F 133 63.02 33.16 -23.18
C TYR F 133 62.10 34.14 -22.46
N GLY F 134 61.53 35.07 -23.22
CA GLY F 134 60.63 36.05 -22.67
C GLY F 134 59.89 36.76 -23.77
N TYR F 135 58.82 37.44 -23.38
CA TYR F 135 58.00 38.17 -24.36
C TYR F 135 57.18 39.25 -23.68
N GLY F 136 57.20 40.46 -24.26
CA GLY F 136 56.68 41.66 -23.64
C GLY F 136 55.45 42.26 -24.30
N GLY F 137 54.69 43.04 -23.53
CA GLY F 137 53.39 43.53 -23.95
C GLY F 137 52.29 43.07 -23.00
N TYR F 138 51.10 43.60 -23.22
CA TYR F 138 49.98 43.22 -22.39
C TYR F 138 48.67 43.38 -23.16
N SER F 139 47.62 42.78 -22.61
CA SER F 139 46.27 42.89 -23.15
C SER F 139 45.32 43.07 -21.98
N LYS F 140 44.78 44.27 -21.84
CA LYS F 140 43.83 44.58 -20.78
C LYS F 140 42.42 44.41 -21.35
N VAL F 141 41.76 43.34 -20.95
CA VAL F 141 40.41 43.05 -21.41
C VAL F 141 39.45 43.65 -20.39
N GLU F 142 38.75 44.70 -20.79
CA GLU F 142 37.83 45.42 -19.91
C GLU F 142 36.41 45.01 -20.22
N ILE F 143 35.67 44.63 -19.19
CA ILE F 143 34.25 44.32 -19.29
C ILE F 143 33.49 45.56 -18.86
N SER F 144 32.56 46.00 -19.70
CA SER F 144 31.83 47.25 -19.44
C SER F 144 30.35 47.04 -19.75
N GLU F 145 29.55 48.02 -19.34
CA GLU F 145 28.09 47.95 -19.38
C GLU F 145 27.58 46.84 -18.47
N VAL F 146 28.30 46.59 -17.39
CA VAL F 146 27.89 45.67 -16.33
C VAL F 146 28.20 46.34 -15.00
N PHE F 147 27.35 46.13 -14.00
CA PHE F 147 27.50 46.81 -12.73
C PHE F 147 28.51 46.09 -11.85
N LYS F 148 29.42 46.85 -11.26
CA LYS F 148 30.45 46.34 -10.38
C LYS F 148 30.18 46.73 -8.93
N ASP F 149 30.72 45.95 -8.00
CA ASP F 149 30.52 46.14 -6.58
C ASP F 149 31.81 46.68 -5.95
N THR F 150 31.64 47.38 -4.82
CA THR F 150 32.80 47.78 -4.03
C THR F 150 33.60 46.56 -3.61
N ASN F 151 32.92 45.45 -3.32
CA ASN F 151 33.60 44.21 -2.97
C ASN F 151 34.31 43.59 -4.17
N GLY F 152 33.82 43.86 -5.39
CA GLY F 152 34.47 43.39 -6.60
C GLY F 152 33.62 42.50 -7.49
N LYS F 153 32.37 42.20 -7.14
CA LYS F 153 31.55 41.33 -7.96
C LYS F 153 30.83 42.11 -9.04
N TRP F 155 27.53 42.39 -11.90
CA TRP F 155 26.10 42.09 -11.87
C TRP F 155 25.42 42.59 -13.13
N LEU F 156 24.69 41.71 -13.80
CA LEU F 156 23.89 42.07 -14.97
C LEU F 156 22.43 41.71 -14.70
N SER F 157 21.52 42.62 -15.03
CA SER F 157 20.09 42.43 -14.81
C SER F 157 19.36 42.42 -16.15
N PHE F 158 18.46 41.46 -16.33
CA PHE F 158 17.64 41.39 -17.53
C PHE F 158 16.39 42.25 -17.46
N GLY F 159 16.04 42.79 -16.29
CA GLY F 159 14.80 43.49 -16.14
C GLY F 159 13.70 42.58 -15.60
N LEU F 161 10.30 39.99 -16.03
CA LEU F 161 9.70 39.00 -16.93
C LEU F 161 8.32 39.49 -17.37
N ASN F 162 8.24 40.09 -18.56
CA ASN F 162 6.96 40.38 -19.17
C ASN F 162 6.32 39.11 -19.69
N SER F 163 5.01 38.99 -19.49
CA SER F 163 4.27 37.81 -19.94
C SER F 163 4.36 37.67 -21.47
N GLU F 164 4.46 36.43 -21.92
CA GLU F 164 4.52 36.01 -23.32
C GLU F 164 5.79 36.46 -24.03
N ASN F 165 6.70 37.15 -23.34
CA ASN F 165 7.96 37.59 -23.92
C ASN F 165 9.14 36.86 -23.28
N SER F 166 10.28 36.94 -23.95
CA SER F 166 11.54 36.42 -23.42
C SER F 166 12.52 37.58 -23.27
N LEU F 167 13.55 37.37 -22.44
CA LEU F 167 14.42 38.47 -22.05
C LEU F 167 15.78 38.35 -22.72
N ASN F 168 16.45 39.48 -22.90
CA ASN F 168 17.76 39.51 -23.53
C ASN F 168 18.51 40.74 -23.05
N ALA F 169 19.85 40.63 -23.03
CA ALA F 169 20.69 41.73 -22.59
C ALA F 169 22.01 41.66 -23.33
N LYS F 170 22.87 42.66 -23.09
CA LYS F 170 24.13 42.78 -23.79
C LYS F 170 25.16 43.43 -22.89
N ILE F 171 26.43 43.07 -23.11
CA ILE F 171 27.57 43.64 -22.41
C ILE F 171 28.60 44.09 -23.43
N LYS F 172 29.40 45.08 -23.08
CA LYS F 172 30.43 45.61 -23.95
C LYS F 172 31.79 45.05 -23.51
N LEU F 173 32.63 44.73 -24.48
CA LEU F 173 33.94 44.15 -24.23
C LEU F 173 34.97 44.95 -25.02
N GLN F 174 35.91 45.58 -24.31
CA GLN F 174 36.87 46.48 -24.94
C GLN F 174 38.29 46.08 -24.56
N ASN F 175 39.16 45.96 -25.55
CA ASN F 175 40.56 45.60 -25.28
C ASN F 175 41.36 46.88 -25.11
N THR F 176 41.58 47.30 -23.87
CA THR F 176 42.41 48.46 -23.61
C THR F 176 43.85 48.03 -23.36
N GLY F 177 44.34 47.16 -24.25
CA GLY F 177 45.69 46.66 -24.17
C GLY F 177 46.48 46.86 -25.45
N ASP F 178 47.64 46.22 -25.53
CA ASP F 178 48.50 46.33 -26.71
C ASP F 178 48.62 45.05 -27.50
N LEU F 179 48.26 43.90 -26.92
CA LEU F 179 48.33 42.62 -27.59
C LEU F 179 46.93 42.02 -27.76
N CYS F 180 46.83 41.00 -28.61
CA CYS F 180 45.57 40.34 -28.87
C CYS F 180 45.06 39.63 -27.63
N SER F 181 43.74 39.54 -27.51
CA SER F 181 43.07 38.97 -26.36
C SER F 181 42.19 37.79 -26.76
N TYR F 182 42.03 36.84 -25.83
CA TYR F 182 41.22 35.65 -26.04
C TYR F 182 40.13 35.65 -24.97
N VAL F 183 38.87 35.43 -25.39
CA VAL F 183 37.73 35.68 -24.50
C VAL F 183 36.74 34.52 -24.48
N LYS F 184 37.23 33.28 -24.47
CA LYS F 184 36.33 32.15 -24.27
C LYS F 184 35.37 32.41 -23.12
N ILE F 185 34.07 32.35 -23.40
CA ILE F 185 33.00 32.62 -22.43
C ILE F 185 32.09 31.42 -22.32
N LYS F 186 31.68 31.07 -21.10
CA LYS F 186 30.73 29.99 -20.89
C LYS F 186 29.73 30.37 -19.81
N LEU F 187 28.45 30.06 -20.06
CA LEU F 187 27.36 30.41 -19.16
C LEU F 187 26.81 29.15 -18.51
N THR F 188 26.53 29.23 -17.20
CA THR F 188 25.93 28.12 -16.46
C THR F 188 24.71 28.63 -15.71
N PRO F 189 23.52 28.15 -16.02
CA PRO F 189 22.32 28.61 -15.31
C PRO F 189 22.20 28.01 -13.92
N LYS F 190 21.38 28.67 -13.11
CA LYS F 190 21.15 28.29 -11.73
C LYS F 190 20.04 27.25 -11.57
N ALA F 191 19.35 26.89 -12.66
CA ALA F 191 18.28 25.91 -12.63
C ALA F 191 18.75 24.61 -13.26
N VAL F 192 18.41 23.50 -12.62
CA VAL F 192 18.90 22.17 -13.01
C VAL F 192 17.73 21.42 -13.63
N TYR F 193 17.83 21.15 -14.92
CA TYR F 193 16.84 20.43 -15.70
C TYR F 193 17.52 19.97 -16.99
N PRO F 194 16.98 18.96 -17.68
CA PRO F 194 17.80 18.31 -18.72
C PRO F 194 18.16 19.21 -19.90
N THR F 195 17.30 20.15 -20.32
CA THR F 195 17.64 21.03 -21.43
C THR F 195 18.09 22.41 -20.93
N ILE F 197 21.18 24.10 -21.54
CA ILE F 197 21.91 24.95 -22.47
C ILE F 197 20.99 25.49 -23.58
N SER F 198 19.95 24.74 -23.93
CA SER F 198 19.13 25.11 -25.07
C SER F 198 18.32 26.39 -24.83
N SER F 199 17.89 26.61 -23.58
CA SER F 199 17.11 27.82 -23.29
C SER F 199 17.95 29.10 -23.34
N TRP F 200 19.27 28.97 -23.27
CA TRP F 200 20.17 30.12 -23.30
C TRP F 200 20.80 30.24 -24.69
N GLN F 201 20.86 31.46 -25.21
CA GLN F 201 21.50 31.73 -26.49
C GLN F 201 22.45 32.90 -26.33
N VAL F 202 23.76 32.63 -26.38
CA VAL F 202 24.78 33.65 -26.15
C VAL F 202 25.70 33.70 -27.37
N ASN F 203 26.01 34.92 -27.82
CA ASN F 203 26.90 35.13 -28.96
C ASN F 203 27.68 36.42 -28.78
N PRO F 204 28.98 36.42 -29.07
CA PRO F 204 29.70 35.21 -29.49
C PRO F 204 30.21 34.37 -28.33
N THR F 205 30.08 33.04 -28.45
CA THR F 205 30.59 32.15 -27.42
C THR F 205 32.12 32.14 -27.40
N GLU F 206 32.76 32.34 -28.55
CA GLU F 206 34.21 32.33 -28.64
C GLU F 206 34.65 33.40 -29.64
N LEU F 207 35.69 34.14 -29.28
CA LEU F 207 36.27 35.13 -30.18
C LEU F 207 37.60 35.60 -29.60
N LEU F 208 38.35 36.32 -30.42
CA LEU F 208 39.60 36.95 -30.02
C LEU F 208 39.62 38.38 -30.52
N LEU F 209 40.29 39.25 -29.77
CA LEU F 209 40.30 40.68 -30.06
C LEU F 209 41.72 41.20 -30.16
N ASN F 210 42.02 41.89 -31.26
CA ASN F 210 43.28 42.62 -31.39
C ASN F 210 43.19 43.89 -30.54
N PRO F 211 44.32 44.56 -30.26
CA PRO F 211 44.29 45.74 -29.38
C PRO F 211 43.31 46.82 -29.85
N LYS F 212 42.50 47.29 -28.90
CA LYS F 212 41.50 48.34 -29.05
C LYS F 212 40.30 47.91 -29.90
N GLU F 213 40.11 46.61 -30.11
CA GLU F 213 38.90 46.14 -30.75
C GLU F 213 37.77 46.06 -29.73
N VAL F 214 36.60 46.54 -30.11
CA VAL F 214 35.44 46.59 -29.23
C VAL F 214 34.37 45.69 -29.81
N GLN F 215 33.82 44.81 -28.98
CA GLN F 215 32.76 43.91 -29.42
C GLN F 215 31.68 43.81 -28.36
N TRP F 216 30.45 43.62 -28.81
CA TRP F 216 29.31 43.50 -27.93
C TRP F 216 28.91 42.03 -27.84
N VAL F 217 28.76 41.53 -26.61
CA VAL F 217 28.33 40.17 -26.39
C VAL F 217 26.87 40.21 -25.98
N THR F 218 26.01 39.57 -26.78
CA THR F 218 24.59 39.52 -26.50
C THR F 218 24.24 38.16 -25.93
N LEU F 219 23.31 38.15 -24.99
CA LEU F 219 22.89 36.93 -24.31
C LEU F 219 21.39 36.99 -24.10
N GLU F 220 20.69 35.98 -24.58
CA GLU F 220 19.25 35.91 -24.56
C GLU F 220 18.78 34.71 -23.77
N PHE F 221 17.74 34.91 -22.96
CA PHE F 221 17.19 33.91 -22.06
C PHE F 221 15.72 33.78 -22.35
N HIS F 222 15.31 32.59 -22.77
CA HIS F 222 13.94 32.20 -23.01
C HIS F 222 13.50 31.40 -21.79
N PRO F 223 12.76 31.98 -20.86
CA PRO F 223 12.50 31.28 -19.60
C PRO F 223 11.58 30.08 -19.79
N ARG F 224 12.16 28.89 -19.69
CA ARG F 224 11.38 27.67 -19.74
C ARG F 224 10.69 27.44 -18.40
N LYS F 225 9.62 26.65 -18.42
CA LYS F 225 8.79 26.49 -17.23
C LYS F 225 9.55 25.90 -16.05
N GLU F 226 10.60 25.10 -16.32
CA GLU F 226 11.42 24.58 -15.23
C GLU F 226 12.23 25.70 -14.56
N ASP F 227 12.56 26.76 -15.29
CA ASP F 227 13.41 27.82 -14.74
C ASP F 227 12.70 28.60 -13.64
N LEU F 228 11.45 29.00 -13.89
CA LEU F 228 10.76 29.88 -12.95
C LEU F 228 10.29 29.15 -11.70
N ALA F 229 10.29 27.82 -11.70
CA ALA F 229 9.83 27.08 -10.53
C ALA F 229 10.72 27.34 -9.31
N LEU F 230 12.00 27.62 -9.54
CA LEU F 230 12.92 27.95 -8.46
C LEU F 230 13.02 29.44 -8.17
N LEU F 231 12.84 30.28 -9.19
CA LEU F 231 12.97 31.73 -9.04
C LEU F 231 11.76 32.38 -8.38
N GLN F 232 10.89 31.57 -7.79
CA GLN F 232 9.62 32.07 -7.28
C GLN F 232 9.79 32.84 -5.97
N LYS F 233 10.60 32.32 -5.05
CA LYS F 233 10.51 32.72 -3.65
C LYS F 233 10.79 34.22 -3.46
N SER F 234 11.94 34.68 -3.95
CA SER F 234 12.32 36.07 -3.72
C SER F 234 11.80 36.97 -4.84
N ASP F 235 12.01 38.28 -4.68
CA ASP F 235 11.61 39.25 -5.69
C ASP F 235 12.70 39.49 -6.72
N VAL F 236 13.96 39.42 -6.31
CA VAL F 236 15.10 39.53 -7.20
C VAL F 236 15.80 38.18 -7.21
N SER F 237 15.82 37.53 -8.38
CA SER F 237 16.22 36.13 -8.48
C SER F 237 17.54 36.00 -9.24
N HIS F 238 18.44 35.18 -8.69
CA HIS F 238 19.67 34.81 -9.39
C HIS F 238 19.38 33.68 -10.37
N VAL F 239 19.62 33.91 -11.65
CA VAL F 239 19.24 32.97 -12.68
C VAL F 239 20.42 32.26 -13.34
N GLY F 240 21.62 32.82 -13.28
CA GLY F 240 22.76 32.17 -13.90
C GLY F 240 24.05 32.88 -13.57
N THR F 241 25.16 32.28 -14.01
CA THR F 241 26.49 32.83 -13.81
C THR F 241 27.27 32.66 -15.10
N LEU F 242 27.86 33.76 -15.58
CA LEU F 242 28.55 33.78 -16.86
C LEU F 242 30.05 33.98 -16.60
N LEU F 243 30.84 32.96 -16.93
CA LEU F 243 32.28 33.00 -16.73
C LEU F 243 32.98 33.49 -17.99
N ILE F 244 33.81 34.51 -17.82
CA ILE F 244 34.62 35.09 -18.89
C ILE F 244 36.07 34.81 -18.55
N THR F 245 36.70 33.95 -19.33
CA THR F 245 38.12 33.67 -19.22
C THR F 245 38.84 34.47 -20.30
N HIS F 246 39.65 35.44 -19.87
CA HIS F 246 40.30 36.34 -20.80
C HIS F 246 41.73 36.56 -20.35
N GLY F 247 42.52 37.15 -21.23
CA GLY F 247 43.94 37.31 -20.99
C GLY F 247 44.65 37.63 -22.30
N ASP F 248 45.92 37.23 -22.36
CA ASP F 248 46.74 37.50 -23.53
C ASP F 248 46.64 36.36 -24.53
N GLU F 249 46.37 36.71 -25.79
CA GLU F 249 46.35 35.71 -26.86
C GLU F 249 47.70 35.03 -27.04
N PRO F 250 48.84 35.73 -27.08
CA PRO F 250 50.11 35.03 -27.34
C PRO F 250 50.46 33.99 -26.30
N THR F 251 50.23 34.26 -25.02
CA THR F 251 50.49 33.26 -23.99
C THR F 251 49.61 32.02 -24.17
N ARG F 252 48.45 32.17 -24.82
CA ARG F 252 47.59 31.04 -25.08
C ARG F 252 48.23 30.05 -26.05
N LEU F 253 48.97 30.56 -27.04
CA LEU F 253 49.66 29.67 -27.96
C LEU F 253 50.72 28.83 -27.25
N ARG F 254 51.46 29.44 -26.32
CA ARG F 254 52.43 28.68 -25.54
C ARG F 254 51.72 27.65 -24.67
N ILE F 255 50.59 28.04 -24.06
CA ILE F 255 49.86 27.11 -23.21
C ILE F 255 49.37 25.92 -24.02
N ARG F 256 48.88 26.16 -25.24
CA ARG F 256 48.45 25.06 -26.09
C ARG F 256 49.64 24.17 -26.47
N ARG F 257 50.77 24.78 -26.83
CA ARG F 257 51.95 24.00 -27.19
C ARG F 257 52.38 23.08 -26.06
N LEU F 258 52.36 23.58 -24.82
CA LEU F 258 52.79 22.75 -23.70
C LEU F 258 51.75 21.70 -23.35
N TYR F 259 50.46 22.06 -23.40
CA TYR F 259 49.41 21.12 -23.02
C TYR F 259 49.30 19.98 -24.02
N LYS F 260 49.49 20.25 -25.31
CA LYS F 260 49.44 19.19 -26.31
C LYS F 260 50.50 18.12 -26.04
N LYS F 261 51.73 18.54 -25.77
CA LYS F 261 52.77 17.56 -25.42
C LYS F 261 52.45 16.86 -24.11
N LYS F 263 49.79 16.12 -22.78
CA LYS F 263 48.74 15.12 -22.93
C LYS F 263 49.09 14.02 -23.92
N GLU F 264 49.93 14.29 -24.92
CA GLU F 264 50.37 13.25 -25.84
C GLU F 264 51.34 12.28 -25.18
N THR F 265 52.02 12.69 -24.12
CA THR F 265 52.86 11.79 -23.34
C THR F 265 52.14 11.24 -22.13
N GLY F 266 50.94 11.75 -21.83
CA GLY F 266 50.13 11.29 -20.73
C GLY F 266 50.63 11.64 -19.35
N GLU F 267 51.31 12.78 -19.20
CA GLU F 267 51.73 13.22 -17.88
C GLU F 267 50.52 13.55 -17.02
N LEU F 268 49.52 14.19 -17.62
CA LEU F 268 48.29 14.62 -16.95
C LEU F 268 47.10 14.05 -17.71
N ASN F 269 47.08 12.73 -17.84
CA ASN F 269 46.02 12.00 -18.51
C ASN F 269 44.98 11.44 -17.53
N GLY F 270 45.17 11.64 -16.23
CA GLY F 270 44.27 11.09 -15.25
C GLY F 270 42.93 11.81 -15.19
N ASN F 271 42.21 11.67 -14.07
CA ASN F 271 40.91 12.31 -13.92
C ASN F 271 40.89 13.41 -12.87
N GLU F 272 41.85 13.42 -11.95
CA GLU F 272 41.95 14.50 -10.97
C GLU F 272 42.00 15.86 -11.66
N ASN F 273 42.54 15.91 -12.88
CA ASN F 273 42.63 17.12 -13.70
C ASN F 273 41.26 17.73 -14.00
N GLU F 274 40.19 17.07 -13.54
CA GLU F 274 38.83 17.50 -13.82
C GLU F 274 38.54 18.92 -13.34
N THR F 275 39.31 19.44 -12.39
CA THR F 275 39.18 20.83 -11.97
C THR F 275 40.16 21.75 -12.69
N PHE F 276 41.26 21.20 -13.16
CA PHE F 276 42.25 21.98 -13.92
C PHE F 276 41.82 22.11 -15.37
N ARG F 277 41.46 20.99 -16.01
CA ARG F 277 41.06 21.02 -17.41
C ARG F 277 39.90 21.98 -17.64
N ASN F 278 38.87 21.91 -16.78
CA ASN F 278 37.73 22.79 -16.92
C ASN F 278 38.13 24.26 -16.91
N ILE F 279 39.28 24.56 -16.31
CA ILE F 279 39.79 25.92 -16.27
C ILE F 279 40.67 26.25 -17.47
N VAL F 280 41.41 25.27 -18.01
CA VAL F 280 42.42 25.54 -19.02
C VAL F 280 42.14 24.87 -20.35
N HIS F 281 41.15 23.98 -20.44
CA HIS F 281 40.91 23.27 -21.69
C HIS F 281 40.16 24.13 -22.72
N PRO F 282 39.05 24.82 -22.37
CA PRO F 282 38.30 25.55 -23.41
C PRO F 282 39.07 26.69 -24.05
N ILE F 283 40.27 26.99 -23.55
CA ILE F 283 41.11 28.01 -24.16
C ILE F 283 42.14 27.40 -25.13
N CYS F 284 42.38 26.09 -25.05
CA CYS F 284 43.34 25.43 -25.91
C CYS F 284 42.76 24.97 -27.25
N LYS F 285 41.52 25.36 -27.55
CA LYS F 285 40.93 25.05 -28.84
C LYS F 285 41.21 26.17 -29.82
N VAL F 286 41.18 25.84 -31.11
CA VAL F 286 41.48 26.81 -32.16
C VAL F 286 40.28 27.73 -32.32
N PHE F 287 40.47 29.01 -31.99
CA PHE F 287 39.40 30.00 -32.11
C PHE F 287 39.17 30.37 -33.57
N SER F 288 38.04 31.05 -33.81
CA SER F 288 37.71 31.59 -35.12
C SER F 288 38.32 32.98 -35.26
N GLY F 289 38.94 33.24 -36.41
CA GLY F 289 39.69 34.45 -36.60
C GLY F 289 41.13 34.36 -36.14
N GLU F 290 41.54 33.22 -35.59
CA GLU F 290 42.91 33.04 -35.13
C GLU F 290 43.85 33.07 -36.33
N GLN F 291 44.56 34.17 -36.51
CA GLN F 291 45.56 34.29 -37.56
C GLN F 291 46.89 33.83 -36.96
N LEU F 292 47.37 32.68 -37.39
CA LEU F 292 48.52 32.04 -36.76
C LEU F 292 49.76 32.94 -36.84
N VAL F 293 50.17 33.48 -35.70
CA VAL F 293 51.39 34.28 -35.61
C VAL F 293 52.55 33.34 -35.30
N SER F 294 53.66 33.55 -36.01
CA SER F 294 54.83 32.70 -35.89
C SER F 294 55.88 33.29 -34.95
N ASP F 295 55.49 34.26 -34.13
CA ASP F 295 56.42 34.88 -33.20
C ASP F 295 56.62 34.06 -31.93
N VAL F 296 55.75 33.09 -31.66
CA VAL F 296 55.80 32.31 -30.42
C VAL F 296 56.45 30.94 -30.60
N ILE F 297 56.87 30.60 -31.81
CA ILE F 297 57.47 29.28 -32.06
C ILE F 297 58.88 29.14 -31.49
N PRO F 298 59.75 30.20 -31.45
CA PRO F 298 61.11 29.96 -30.95
C PRO F 298 61.21 29.96 -29.43
N ILE F 299 60.08 29.84 -28.74
CA ILE F 299 60.02 29.99 -27.30
C ILE F 299 59.89 28.59 -26.69
N ARG F 300 61.03 27.99 -26.34
CA ARG F 300 61.11 26.60 -25.88
C ARG F 300 60.80 26.55 -24.39
N ASP F 301 59.51 26.47 -24.06
CA ASP F 301 59.10 26.30 -22.68
C ASP F 301 58.99 24.82 -22.34
N SER F 302 59.08 24.51 -21.06
CA SER F 302 59.18 23.13 -20.62
C SER F 302 58.07 22.81 -19.62
N VAL F 303 58.15 21.61 -19.03
CA VAL F 303 57.08 21.14 -18.16
C VAL F 303 56.99 21.97 -16.88
N GLN F 304 58.14 22.30 -16.28
CA GLN F 304 58.16 22.84 -14.92
C GLN F 304 57.59 24.26 -14.84
N ASN F 305 57.90 25.10 -15.83
CA ASN F 305 57.46 26.50 -15.82
C ASN F 305 56.03 26.72 -16.31
N PHE F 306 55.30 25.64 -16.64
CA PHE F 306 53.92 25.79 -17.10
C PHE F 306 53.03 26.50 -16.10
N GLY F 307 53.17 26.18 -14.81
CA GLY F 307 52.38 26.87 -13.79
C GLY F 307 52.52 28.38 -13.83
N ASP F 308 53.76 28.86 -13.95
CA ASP F 308 53.97 30.31 -14.00
C ASP F 308 53.30 30.92 -15.23
N LEU F 309 53.38 30.23 -16.37
CA LEU F 309 52.77 30.78 -17.58
C LEU F 309 51.26 30.79 -17.50
N CYS F 310 50.66 29.73 -16.96
CA CYS F 310 49.20 29.67 -16.79
C CYS F 310 48.72 30.50 -15.58
N ARG F 311 49.63 31.16 -14.87
CA ARG F 311 49.21 32.04 -13.78
C ARG F 311 48.54 33.32 -14.30
N GLU F 312 48.80 33.72 -15.54
CA GLU F 312 48.26 34.94 -16.11
C GLU F 312 46.95 34.72 -16.85
N ILE F 313 46.14 33.75 -16.43
CA ILE F 313 44.84 33.46 -17.01
C ILE F 313 43.78 34.19 -16.19
N ARG F 314 43.26 35.28 -16.73
CA ARG F 314 42.30 36.12 -16.03
C ARG F 314 40.91 35.48 -16.07
N GLN F 315 40.23 35.47 -14.93
CA GLN F 315 38.93 34.82 -14.79
C GLN F 315 37.98 35.75 -14.07
N HIS F 316 36.90 36.14 -14.74
CA HIS F 316 35.87 36.96 -14.13
C HIS F 316 34.51 36.28 -14.23
N GLU F 317 33.63 36.59 -13.29
CA GLU F 317 32.29 36.03 -13.24
C GLU F 317 31.27 37.16 -13.25
N ILE F 318 30.26 37.03 -14.09
CA ILE F 318 29.16 37.99 -14.18
C ILE F 318 27.93 37.34 -13.61
N LEU F 320 23.89 37.04 -13.10
CA LEU F 320 22.73 37.23 -13.96
C LEU F 320 21.50 37.39 -13.08
N THR F 321 20.82 38.52 -13.20
CA THR F 321 19.77 38.93 -12.29
C THR F 321 18.46 39.13 -13.04
N GLU F 323 14.46 40.53 -12.17
CA GLU F 323 13.47 41.10 -11.26
C GLU F 323 12.10 40.44 -11.48
N VAL F 324 11.39 40.21 -10.38
CA VAL F 324 10.06 39.58 -10.40
C VAL F 324 10.13 38.21 -11.06
N ILE G 24 35.93 19.12 48.96
CA ILE G 24 34.73 19.70 48.37
C ILE G 24 34.64 19.29 46.90
N LYS G 25 35.56 19.81 46.09
CA LYS G 25 35.58 19.48 44.67
C LYS G 25 35.96 18.03 44.47
N THR G 26 35.27 17.36 43.56
CA THR G 26 35.50 15.95 43.27
C THR G 26 35.89 15.77 41.82
N THR G 27 36.94 14.97 41.60
CA THR G 27 37.37 14.62 40.24
C THR G 27 36.31 13.84 39.49
N HIS G 28 35.31 13.30 40.19
CA HIS G 28 34.24 12.52 39.56
C HIS G 28 32.93 13.10 40.08
N ALA G 29 32.26 13.90 39.24
CA ALA G 29 30.94 14.42 39.57
C ALA G 29 29.89 13.32 39.56
N ALA G 30 30.16 12.20 38.90
CA ALA G 30 29.24 11.07 38.85
C ALA G 30 30.05 9.79 38.84
N LEU G 31 29.41 8.69 39.24
CA LEU G 31 30.08 7.39 39.34
C LEU G 31 29.15 6.33 38.76
N SER G 32 29.53 5.76 37.63
CA SER G 32 28.76 4.69 37.01
C SER G 32 29.60 3.42 36.95
N TRP G 33 28.92 2.28 37.11
CA TRP G 33 29.52 0.97 36.96
C TRP G 33 29.09 0.35 35.63
N ASN G 34 29.53 -0.88 35.41
CA ASN G 34 29.10 -1.65 34.26
C ASN G 34 27.98 -2.58 34.71
N SER G 35 27.47 -3.39 33.78
CA SER G 35 26.44 -4.37 34.11
C SER G 35 27.11 -5.52 34.84
N LEU G 36 26.80 -5.67 36.12
CA LEU G 36 27.41 -6.68 36.97
C LEU G 36 26.47 -7.87 37.15
N LYS G 37 27.07 -9.05 37.32
CA LYS G 37 26.32 -10.27 37.50
C LYS G 37 25.47 -10.18 38.78
N ILE G 38 24.53 -11.12 38.92
CA ILE G 38 23.63 -11.11 40.06
C ILE G 38 24.39 -11.38 41.34
N GLY G 39 24.20 -10.52 42.34
CA GLY G 39 24.79 -10.70 43.65
C GLY G 39 26.29 -10.47 43.73
N LYS G 40 26.96 -10.17 42.63
CA LYS G 40 28.38 -9.88 42.65
C LYS G 40 28.61 -8.38 42.78
N SER G 41 29.68 -8.02 43.48
CA SER G 41 29.99 -6.62 43.79
C SER G 41 31.17 -6.13 42.98
N GLU G 42 31.12 -4.85 42.62
CA GLU G 42 32.18 -4.15 41.90
C GLU G 42 32.56 -2.89 42.66
N ILE G 43 33.85 -2.69 42.88
CA ILE G 43 34.36 -1.54 43.63
C ILE G 43 34.90 -0.50 42.66
N LYS G 44 34.65 0.78 42.96
CA LYS G 44 35.34 1.87 42.26
C LYS G 44 35.72 2.92 43.29
N GLU G 45 36.96 3.40 43.21
CA GLU G 45 37.49 4.40 44.12
C GLU G 45 37.42 5.80 43.54
N PHE G 46 37.14 6.78 44.40
CA PHE G 46 37.07 8.17 44.00
C PHE G 46 37.62 9.04 45.12
N THR G 47 38.24 10.16 44.74
CA THR G 47 38.85 11.05 45.71
C THR G 47 38.81 12.50 45.23
N GLN G 59 29.53 13.95 58.15
CA GLN G 59 30.86 13.62 57.65
C GLN G 59 30.78 12.60 56.52
N ALA G 60 29.87 11.62 56.67
CA ALA G 60 29.71 10.57 55.66
C ALA G 60 28.33 9.95 55.81
N THR G 61 27.44 10.27 54.88
CA THR G 61 26.13 9.63 54.76
C THR G 61 25.79 9.47 53.29
N ILE G 62 24.91 8.51 53.01
CA ILE G 62 24.50 8.18 51.64
C ILE G 62 22.97 8.14 51.59
N SER G 63 22.43 8.25 50.38
CA SER G 63 21.00 8.22 50.16
C SER G 63 20.71 7.41 48.89
N ASP G 64 20.38 6.14 49.06
CA ASP G 64 19.98 5.27 47.95
C ASP G 64 18.62 4.65 48.25
N SER G 65 17.86 4.39 47.19
CA SER G 65 16.47 3.98 47.37
C SER G 65 16.35 2.47 47.57
N GLU G 66 17.11 1.69 46.81
CA GLU G 66 16.98 0.23 46.82
C GLU G 66 18.17 -0.44 47.51
N LYS G 67 18.75 0.24 48.50
CA LYS G 67 19.90 -0.22 49.28
C LYS G 67 20.94 -0.94 48.42
N ASN G 68 21.21 -0.39 47.23
CA ASN G 68 22.11 -1.05 46.29
C ASN G 68 23.57 -0.92 46.69
N PHE G 69 23.92 0.18 47.34
CA PHE G 69 25.33 0.56 47.48
C PHE G 69 25.83 0.36 48.91
N SER G 95 36.11 5.70 48.22
CA SER G 95 35.88 4.39 47.64
C SER G 95 34.44 3.93 47.88
N VAL G 96 33.80 3.41 46.83
CA VAL G 96 32.41 2.99 46.89
C VAL G 96 32.26 1.63 46.23
N VAL G 97 31.30 0.84 46.73
CA VAL G 97 31.07 -0.53 46.30
C VAL G 97 29.65 -0.63 45.77
N PHE G 98 29.46 -1.51 44.78
CA PHE G 98 28.18 -1.74 44.14
C PHE G 98 27.80 -3.21 44.18
N SER G 99 26.55 -3.48 44.51
CA SER G 99 25.97 -4.81 44.54
C SER G 99 24.51 -4.73 44.13
N PRO G 100 24.10 -5.36 43.04
CA PRO G 100 22.69 -5.24 42.61
C PRO G 100 21.76 -6.03 43.52
N HIS G 101 20.82 -5.32 44.15
CA HIS G 101 19.78 -5.95 44.95
C HIS G 101 18.48 -6.14 44.18
N HIS G 102 18.33 -5.49 43.02
CA HIS G 102 17.21 -5.70 42.13
C HIS G 102 17.76 -5.81 40.72
N ILE G 103 17.31 -6.83 39.99
CA ILE G 103 17.80 -7.07 38.63
C ILE G 103 17.24 -5.99 37.73
N GLY G 104 18.08 -5.04 37.37
CA GLY G 104 17.63 -3.88 36.64
C GLY G 104 18.54 -2.71 36.95
N ALA G 105 18.11 -1.52 36.53
CA ALA G 105 18.94 -0.35 36.70
C ALA G 105 19.12 -0.02 38.18
N ALA G 106 20.05 0.88 38.46
CA ALA G 106 20.35 1.25 39.83
C ALA G 106 20.81 2.69 39.86
N SER G 107 20.32 3.44 40.84
CA SER G 107 20.63 4.86 40.96
C SER G 107 20.87 5.20 42.42
N GLY G 108 21.34 6.41 42.66
CA GLY G 108 21.62 6.87 44.00
C GLY G 108 22.27 8.24 44.00
N LYS G 109 21.99 9.03 45.03
CA LYS G 109 22.55 10.37 45.17
C LYS G 109 23.10 10.52 46.58
N ILE G 110 24.42 10.51 46.70
CA ILE G 110 25.07 10.56 48.01
C ILE G 110 25.04 11.99 48.54
N ILE G 111 25.07 12.12 49.86
CA ILE G 111 24.93 13.40 50.54
C ILE G 111 26.20 13.67 51.36
N PHE G 112 27.01 14.61 50.88
CA PHE G 112 28.11 15.13 51.69
C PHE G 112 27.61 15.87 52.92
N ARG G 113 28.39 15.79 53.99
CA ARG G 113 28.12 16.50 55.23
C ARG G 113 29.40 17.10 55.77
N ARG G 128 27.01 19.42 47.42
CA ARG G 128 27.18 18.36 48.41
C ARG G 128 26.64 17.04 47.89
N GLN G 129 26.37 16.99 46.58
CA GLN G 129 25.77 15.82 45.94
C GLN G 129 26.67 15.27 44.86
N ILE G 130 26.78 13.95 44.83
CA ILE G 130 27.49 13.22 43.78
C ILE G 130 26.64 12.02 43.37
N PHE G 131 26.38 11.90 42.07
CA PHE G 131 25.41 10.94 41.57
C PHE G 131 26.07 9.61 41.24
N LEU G 132 25.44 8.52 41.67
CA LEU G 132 25.96 7.18 41.42
C LEU G 132 24.97 6.45 40.52
N TYR G 133 25.49 5.66 39.60
CA TYR G 133 24.66 4.92 38.66
C TYR G 133 25.20 3.51 38.48
N GLY G 134 24.28 2.59 38.19
CA GLY G 134 24.65 1.19 38.02
C GLY G 134 23.54 0.44 37.33
N TYR G 135 23.87 -0.79 36.91
CA TYR G 135 22.92 -1.65 36.22
C TYR G 135 23.33 -3.09 36.47
N GLY G 136 22.37 -3.93 36.82
CA GLY G 136 22.64 -5.28 37.28
C GLY G 136 22.13 -6.31 36.27
N GLY G 137 22.77 -7.47 36.27
CA GLY G 137 22.52 -8.49 35.28
C GLY G 137 23.74 -8.78 34.43
N TYR G 138 23.61 -9.82 33.61
CA TYR G 138 24.69 -10.24 32.74
C TYR G 138 24.11 -10.89 31.50
N SER G 139 24.95 -11.07 30.48
CA SER G 139 24.56 -11.78 29.26
C SER G 139 25.73 -12.67 28.85
N LYS G 140 25.61 -13.96 29.10
CA LYS G 140 26.62 -14.93 28.70
C LYS G 140 26.14 -15.59 27.41
N VAL G 141 26.69 -15.14 26.29
CA VAL G 141 26.38 -15.70 24.98
C VAL G 141 27.48 -16.70 24.62
N GLU G 142 27.10 -17.97 24.52
CA GLU G 142 28.03 -19.06 24.26
C GLU G 142 27.98 -19.42 22.77
N ILE G 143 29.16 -19.55 22.18
CA ILE G 143 29.31 -19.99 20.80
C ILE G 143 29.59 -21.50 20.83
N SER G 144 28.81 -22.26 20.07
CA SER G 144 28.87 -23.71 20.09
C SER G 144 28.85 -24.22 18.66
N GLU G 145 29.15 -25.52 18.52
CA GLU G 145 29.33 -26.18 17.22
C GLU G 145 30.51 -25.57 16.48
N VAL G 146 31.49 -25.09 17.25
CA VAL G 146 32.76 -24.59 16.73
C VAL G 146 33.84 -25.14 17.65
N PHE G 147 34.99 -25.45 17.08
CA PHE G 147 36.04 -26.09 17.86
C PHE G 147 36.83 -25.06 18.66
N LYS G 148 37.06 -25.34 19.93
CA LYS G 148 37.80 -24.49 20.82
C LYS G 148 39.17 -25.10 21.09
N ASP G 149 40.14 -24.23 21.40
CA ASP G 149 41.52 -24.65 21.62
C ASP G 149 41.87 -24.57 23.09
N THR G 150 42.82 -25.41 23.52
CA THR G 150 43.35 -25.30 24.86
C THR G 150 43.98 -23.93 25.09
N ASN G 151 44.61 -23.36 24.06
CA ASN G 151 45.17 -22.02 24.16
C ASN G 151 44.07 -20.96 24.20
N GLY G 152 42.91 -21.26 23.62
CA GLY G 152 41.77 -20.35 23.65
C GLY G 152 41.27 -19.90 22.30
N LYS G 153 41.86 -20.33 21.19
CA LYS G 153 41.47 -19.88 19.87
C LYS G 153 40.34 -20.75 19.33
N TRP G 155 37.98 -22.35 16.31
CA TRP G 155 38.29 -22.89 14.99
C TRP G 155 37.04 -23.47 14.34
N LEU G 156 36.74 -23.00 13.13
CA LEU G 156 35.65 -23.53 12.32
C LEU G 156 36.20 -24.02 10.99
N SER G 157 35.76 -25.21 10.57
CA SER G 157 36.21 -25.83 9.34
C SER G 157 35.06 -25.98 8.36
N PHE G 158 35.30 -25.62 7.10
CA PHE G 158 34.31 -25.82 6.04
C PHE G 158 34.34 -27.24 5.46
N GLY G 159 35.34 -28.04 5.79
CA GLY G 159 35.48 -29.35 5.18
C GLY G 159 36.39 -29.38 3.98
N LEU G 161 36.87 -29.11 -0.40
CA LEU G 161 36.33 -28.54 -1.64
C LEU G 161 35.95 -29.64 -2.61
N ASN G 162 34.67 -29.98 -2.64
CA ASN G 162 34.17 -30.86 -3.69
C ASN G 162 34.07 -30.07 -5.00
N SER G 163 34.47 -30.71 -6.09
CA SER G 163 34.40 -30.07 -7.40
C SER G 163 32.95 -29.73 -7.74
N GLU G 164 32.77 -28.58 -8.39
CA GLU G 164 31.48 -28.03 -8.84
C GLU G 164 30.59 -27.64 -7.67
N ASN G 165 31.03 -27.83 -6.43
CA ASN G 165 30.24 -27.48 -5.26
C ASN G 165 30.90 -26.36 -4.49
N SER G 166 30.11 -25.76 -3.59
CA SER G 166 30.57 -24.74 -2.67
C SER G 166 30.44 -25.27 -1.25
N LEU G 167 31.14 -24.64 -0.32
CA LEU G 167 31.25 -25.18 1.01
C LEU G 167 30.34 -24.42 1.96
N ASN G 168 29.92 -25.08 3.04
CA ASN G 168 28.95 -24.49 3.93
C ASN G 168 29.23 -24.95 5.36
N ALA G 169 28.96 -24.07 6.31
CA ALA G 169 29.09 -24.40 7.72
C ALA G 169 28.13 -23.55 8.52
N LYS G 170 28.05 -23.83 9.82
CA LYS G 170 27.14 -23.11 10.69
C LYS G 170 27.68 -23.15 12.12
N ILE G 171 27.35 -22.11 12.88
CA ILE G 171 27.68 -22.04 14.29
C ILE G 171 26.42 -21.69 15.07
N LYS G 172 26.34 -22.18 16.30
CA LYS G 172 25.20 -21.89 17.16
C LYS G 172 25.61 -20.86 18.21
N LEU G 173 24.72 -19.93 18.50
CA LEU G 173 24.97 -18.92 19.52
C LEU G 173 23.77 -18.85 20.44
N GLN G 174 23.99 -19.13 21.72
CA GLN G 174 22.91 -19.25 22.71
C GLN G 174 23.20 -18.33 23.88
N ASN G 175 22.20 -17.55 24.29
CA ASN G 175 22.36 -16.60 25.39
C ASN G 175 22.00 -17.31 26.69
N THR G 176 23.01 -17.78 27.42
CA THR G 176 22.78 -18.41 28.71
C THR G 176 22.89 -17.40 29.85
N GLY G 177 22.23 -16.26 29.67
CA GLY G 177 22.23 -15.22 30.68
C GLY G 177 20.83 -14.80 31.09
N ASP G 178 20.73 -13.69 31.81
CA ASP G 178 19.45 -13.18 32.27
C ASP G 178 19.05 -11.87 31.60
N LEU G 179 19.98 -11.19 30.93
CA LEU G 179 19.69 -9.97 30.20
C LEU G 179 19.82 -10.20 28.70
N CYS G 180 19.27 -9.26 27.93
CA CYS G 180 19.32 -9.36 26.48
C CYS G 180 20.76 -9.23 26.00
N SER G 181 21.05 -9.91 24.89
CA SER G 181 22.39 -9.91 24.31
C SER G 181 22.33 -9.38 22.90
N TYR G 182 23.41 -8.75 22.48
CA TYR G 182 23.52 -8.15 21.15
C TYR G 182 24.75 -8.72 20.46
N VAL G 183 24.58 -9.09 19.18
CA VAL G 183 25.58 -9.82 18.41
C VAL G 183 25.66 -9.21 17.01
N LYS G 184 26.82 -8.64 16.67
CA LYS G 184 27.11 -8.18 15.32
C LYS G 184 28.27 -9.02 14.79
N ILE G 185 28.13 -9.52 13.57
CA ILE G 185 29.11 -10.42 12.98
C ILE G 185 29.71 -9.74 11.75
N LYS G 186 31.02 -9.88 11.59
CA LYS G 186 31.75 -9.31 10.46
C LYS G 186 32.74 -10.35 9.94
N LEU G 187 32.80 -10.50 8.62
CA LEU G 187 33.65 -11.49 8.00
C LEU G 187 34.76 -10.79 7.22
N THR G 188 35.98 -11.30 7.33
CA THR G 188 37.12 -10.79 6.58
C THR G 188 37.79 -11.95 5.86
N PRO G 189 37.76 -11.99 4.54
CA PRO G 189 38.40 -13.10 3.82
C PRO G 189 39.92 -12.92 3.77
N LYS G 190 40.60 -14.03 3.52
CA LYS G 190 42.05 -13.99 3.42
C LYS G 190 42.52 -13.66 2.01
N ALA G 191 41.60 -13.63 1.04
CA ALA G 191 41.90 -13.26 -0.34
C ALA G 191 41.25 -11.92 -0.64
N VAL G 192 42.02 -11.00 -1.22
CA VAL G 192 41.57 -9.65 -1.50
C VAL G 192 41.49 -9.48 -3.01
N TYR G 193 40.28 -9.31 -3.54
CA TYR G 193 40.17 -9.08 -4.98
C TYR G 193 38.84 -8.47 -5.35
N PRO G 194 38.79 -7.58 -6.35
CA PRO G 194 37.57 -6.85 -6.77
C PRO G 194 36.66 -7.66 -7.68
N THR G 195 35.79 -8.50 -7.09
CA THR G 195 34.88 -9.30 -7.90
C THR G 195 33.46 -8.75 -7.99
N ILE G 197 30.87 -9.55 -6.82
CA ILE G 197 29.92 -10.59 -6.45
C ILE G 197 30.59 -11.40 -5.35
N SER G 198 30.21 -11.15 -4.10
CA SER G 198 30.93 -11.70 -2.96
C SER G 198 30.76 -13.21 -2.88
N SER G 199 31.88 -13.93 -2.75
CA SER G 199 31.85 -15.37 -2.60
C SER G 199 31.31 -15.79 -1.23
N TRP G 200 31.25 -14.86 -0.29
CA TRP G 200 30.80 -15.14 1.07
C TRP G 200 29.36 -14.64 1.23
N GLN G 201 28.52 -15.48 1.83
CA GLN G 201 27.14 -15.13 2.14
C GLN G 201 26.85 -15.55 3.57
N VAL G 202 26.64 -14.59 4.46
CA VAL G 202 26.45 -14.84 5.88
C VAL G 202 25.11 -14.27 6.31
N ASN G 203 24.38 -15.05 7.11
CA ASN G 203 23.10 -14.65 7.64
C ASN G 203 22.96 -15.30 9.01
N PRO G 204 22.57 -14.56 10.06
CA PRO G 204 22.34 -13.12 10.11
C PRO G 204 23.60 -12.32 10.42
N THR G 205 23.78 -11.19 9.74
CA THR G 205 24.93 -10.33 9.99
C THR G 205 24.81 -9.62 11.34
N GLU G 206 23.59 -9.30 11.76
CA GLU G 206 23.34 -8.60 13.02
C GLU G 206 22.07 -9.13 13.65
N LEU G 207 22.06 -9.27 14.96
CA LEU G 207 20.85 -9.70 15.65
C LEU G 207 20.99 -9.48 17.15
N LEU G 208 19.87 -9.66 17.84
CA LEU G 208 19.79 -9.58 19.29
C LEU G 208 19.05 -10.80 19.80
N LEU G 209 19.39 -11.21 21.02
CA LEU G 209 18.87 -12.42 21.63
C LEU G 209 18.22 -12.09 22.95
N ASN G 210 16.98 -12.52 23.12
CA ASN G 210 16.33 -12.45 24.42
C ASN G 210 16.96 -13.52 25.31
N PRO G 211 16.73 -13.45 26.62
CA PRO G 211 17.34 -14.46 27.52
C PRO G 211 16.96 -15.87 27.10
N LYS G 212 17.97 -16.72 26.95
CA LYS G 212 17.86 -18.13 26.57
C LYS G 212 17.42 -18.29 25.12
N GLU G 213 17.51 -17.24 24.30
CA GLU G 213 17.24 -17.37 22.87
C GLU G 213 18.47 -17.90 22.15
N VAL G 214 18.24 -18.87 21.27
CA VAL G 214 19.30 -19.57 20.54
C VAL G 214 19.12 -19.29 19.04
N GLN G 215 20.21 -18.93 18.36
CA GLN G 215 20.17 -18.69 16.93
C GLN G 215 21.35 -19.33 16.22
N TRP G 216 21.11 -19.74 14.98
CA TRP G 216 22.11 -20.39 14.13
C TRP G 216 22.58 -19.43 13.05
N VAL G 217 23.89 -19.31 12.89
CA VAL G 217 24.52 -18.48 11.87
C VAL G 217 25.07 -19.41 10.80
N THR G 218 24.63 -19.20 9.55
CA THR G 218 25.05 -19.99 8.40
C THR G 218 26.10 -19.22 7.59
N LEU G 219 27.04 -19.98 7.02
CA LEU G 219 28.16 -19.40 6.27
C LEU G 219 28.38 -20.23 5.01
N GLU G 220 28.34 -19.58 3.86
CA GLU G 220 28.54 -20.23 2.57
C GLU G 220 29.69 -19.60 1.83
N PHE G 221 30.53 -20.45 1.21
CA PHE G 221 31.73 -20.01 0.52
C PHE G 221 31.76 -20.61 -0.88
N HIS G 222 31.74 -19.74 -1.90
CA HIS G 222 31.86 -20.13 -3.31
C HIS G 222 33.28 -19.84 -3.78
N PRO G 223 34.17 -20.83 -3.82
CA PRO G 223 35.58 -20.54 -4.14
C PRO G 223 35.86 -20.19 -5.59
N ARG G 224 36.10 -18.92 -5.88
CA ARG G 224 36.56 -18.50 -7.20
C ARG G 224 38.08 -18.65 -7.29
N LYS G 225 38.60 -18.61 -8.52
CA LYS G 225 40.01 -18.89 -8.76
C LYS G 225 40.93 -17.92 -8.00
N GLU G 226 40.48 -16.69 -7.75
CA GLU G 226 41.31 -15.77 -6.97
C GLU G 226 41.46 -16.26 -5.53
N ASP G 227 40.43 -16.95 -5.01
CA ASP G 227 40.52 -17.46 -3.65
C ASP G 227 41.52 -18.61 -3.58
N LEU G 228 41.40 -19.56 -4.51
CA LEU G 228 42.21 -20.76 -4.50
C LEU G 228 43.63 -20.54 -4.99
N ALA G 229 43.90 -19.40 -5.66
CA ALA G 229 45.24 -19.18 -6.19
C ALA G 229 46.27 -19.04 -5.09
N LEU G 230 45.87 -18.52 -3.92
CA LEU G 230 46.78 -18.40 -2.79
C LEU G 230 46.71 -19.59 -1.85
N LEU G 231 45.57 -20.29 -1.80
CA LEU G 231 45.36 -21.40 -0.88
C LEU G 231 45.97 -22.70 -1.37
N GLN G 232 46.85 -22.65 -2.37
CA GLN G 232 47.33 -23.86 -3.02
C GLN G 232 48.39 -24.59 -2.20
N LYS G 233 49.27 -23.85 -1.53
CA LYS G 233 50.53 -24.41 -1.05
C LYS G 233 50.31 -25.53 -0.04
N SER G 234 49.68 -25.21 1.09
CA SER G 234 49.53 -26.17 2.17
C SER G 234 48.29 -27.04 1.96
N ASP G 235 48.11 -28.01 2.86
CA ASP G 235 46.94 -28.88 2.82
C ASP G 235 45.76 -28.33 3.60
N VAL G 236 46.02 -27.58 4.67
CA VAL G 236 44.97 -26.93 5.45
C VAL G 236 45.13 -25.43 5.25
N SER G 237 44.12 -24.80 4.65
CA SER G 237 44.21 -23.41 4.20
C SER G 237 43.31 -22.53 5.03
N HIS G 238 43.84 -21.38 5.44
CA HIS G 238 43.04 -20.35 6.11
C HIS G 238 42.29 -19.53 5.07
N VAL G 239 40.97 -19.52 5.15
CA VAL G 239 40.14 -18.89 4.13
C VAL G 239 39.45 -17.62 4.62
N GLY G 240 39.28 -17.44 5.93
CA GLY G 240 38.59 -16.26 6.41
C GLY G 240 38.67 -16.16 7.91
N THR G 241 38.15 -15.04 8.42
CA THR G 241 38.11 -14.75 9.83
C THR G 241 36.74 -14.18 10.18
N LEU G 242 36.08 -14.76 11.19
CA LEU G 242 34.72 -14.39 11.56
C LEU G 242 34.78 -13.71 12.92
N LEU G 243 34.52 -12.41 12.94
CA LEU G 243 34.54 -11.62 14.17
C LEU G 243 33.13 -11.49 14.70
N ILE G 244 32.93 -11.89 15.95
CA ILE G 244 31.63 -11.79 16.63
C ILE G 244 31.79 -10.81 17.78
N THR G 245 31.12 -9.66 17.67
CA THR G 245 31.07 -8.68 18.75
C THR G 245 29.74 -8.86 19.46
N HIS G 246 29.80 -9.29 20.72
CA HIS G 246 28.62 -9.67 21.46
C HIS G 246 28.71 -9.12 22.87
N GLY G 247 27.55 -9.13 23.55
CA GLY G 247 27.48 -8.64 24.91
C GLY G 247 26.04 -8.36 25.30
N ASP G 248 25.88 -7.47 26.27
CA ASP G 248 24.58 -7.10 26.80
C ASP G 248 24.02 -5.85 26.12
N GLU G 249 22.74 -5.91 25.76
CA GLU G 249 22.07 -4.79 25.10
C GLU G 249 22.09 -3.48 25.89
N PRO G 250 21.81 -3.45 27.20
CA PRO G 250 21.77 -2.15 27.89
C PRO G 250 23.07 -1.38 27.82
N THR G 251 24.21 -2.05 27.95
CA THR G 251 25.47 -1.34 27.80
C THR G 251 25.65 -0.82 26.37
N ARG G 252 25.04 -1.49 25.38
CA ARG G 252 25.10 -0.96 24.02
C ARG G 252 24.31 0.33 23.92
N LEU G 253 23.14 0.37 24.57
CA LEU G 253 22.37 1.61 24.56
C LEU G 253 23.12 2.73 25.29
N ARG G 254 23.78 2.40 26.39
CA ARG G 254 24.55 3.39 27.13
C ARG G 254 25.70 3.95 26.30
N ILE G 255 26.47 3.05 25.66
CA ILE G 255 27.61 3.50 24.87
C ILE G 255 27.15 4.31 23.66
N ARG G 256 26.06 3.88 23.01
CA ARG G 256 25.54 4.64 21.88
C ARG G 256 25.08 6.03 22.31
N ARG G 257 24.35 6.09 23.43
CA ARG G 257 23.84 7.36 23.93
C ARG G 257 24.97 8.34 24.19
N LEU G 258 26.04 7.88 24.84
CA LEU G 258 27.13 8.82 25.09
C LEU G 258 27.93 9.09 23.82
N TYR G 259 28.06 8.09 22.94
CA TYR G 259 28.84 8.22 21.70
C TYR G 259 28.24 9.27 20.79
N LYS G 260 26.92 9.43 20.79
CA LYS G 260 26.33 10.51 20.00
C LYS G 260 26.88 11.86 20.44
N LYS G 261 26.94 12.09 21.75
CA LYS G 261 27.52 13.33 22.26
C LYS G 261 29.02 13.44 21.99
N LYS G 263 30.46 12.87 19.25
CA LYS G 263 30.54 13.47 17.94
C LYS G 263 30.13 14.94 17.93
N GLU G 264 29.38 15.40 18.94
CA GLU G 264 28.98 16.81 18.95
C GLU G 264 30.18 17.74 19.13
N THR G 265 31.25 17.26 19.77
CA THR G 265 32.48 18.04 19.85
C THR G 265 33.56 17.56 18.87
N GLY G 266 33.43 16.35 18.33
CA GLY G 266 34.47 15.89 17.42
C GLY G 266 35.78 15.73 18.15
N GLU G 267 35.74 15.22 19.39
CA GLU G 267 36.90 15.26 20.27
C GLU G 267 38.09 14.49 19.71
N LEU G 268 37.87 13.27 19.20
CA LEU G 268 38.98 12.46 18.70
C LEU G 268 38.67 11.98 17.27
N ASN G 269 38.82 12.87 16.30
CA ASN G 269 38.65 12.55 14.89
C ASN G 269 39.96 12.45 14.12
N GLY G 270 41.10 12.75 14.75
CA GLY G 270 42.34 12.80 14.00
C GLY G 270 42.90 11.45 13.58
N ASN G 271 43.43 10.67 14.52
CA ASN G 271 43.95 9.35 14.22
C ASN G 271 43.16 8.24 14.89
N GLU G 272 42.49 8.53 16.01
CA GLU G 272 41.59 7.57 16.64
C GLU G 272 40.49 7.12 15.70
N ASN G 273 40.12 7.99 14.75
CA ASN G 273 39.06 7.75 13.79
C ASN G 273 39.26 6.47 12.97
N GLU G 274 40.42 5.82 13.07
CA GLU G 274 40.68 4.66 12.23
C GLU G 274 40.68 3.33 12.96
N THR G 275 41.05 3.29 14.24
CA THR G 275 40.97 2.07 15.03
C THR G 275 39.84 2.03 16.04
N PHE G 276 39.41 3.17 16.56
CA PHE G 276 38.33 3.17 17.54
C PHE G 276 36.96 3.15 16.86
N ARG G 277 36.74 4.09 15.95
CA ARG G 277 35.45 4.18 15.28
C ARG G 277 35.14 2.88 14.53
N ASN G 278 36.15 2.28 13.90
CA ASN G 278 35.95 1.02 13.18
C ASN G 278 35.43 -0.08 14.10
N ILE G 279 35.74 -0.03 15.40
CA ILE G 279 35.30 -1.06 16.32
C ILE G 279 33.97 -0.73 17.00
N VAL G 280 33.66 0.55 17.20
CA VAL G 280 32.54 0.96 18.04
C VAL G 280 31.42 1.64 17.25
N HIS G 281 31.63 1.94 15.98
CA HIS G 281 30.61 2.59 15.17
C HIS G 281 29.53 1.62 14.69
N PRO G 282 29.88 0.46 14.11
CA PRO G 282 28.82 -0.45 13.63
C PRO G 282 27.95 -1.01 14.75
N ILE G 283 28.28 -0.67 15.99
CA ILE G 283 27.51 -1.11 17.15
C ILE G 283 26.50 -0.06 17.57
N CYS G 284 26.67 1.20 17.17
CA CYS G 284 25.78 2.29 17.52
C CYS G 284 24.66 2.50 16.50
N LYS G 285 24.50 1.58 15.56
CA LYS G 285 23.41 1.67 14.61
C LYS G 285 22.17 0.96 15.15
N VAL G 286 21.01 1.34 14.62
CA VAL G 286 19.74 0.78 15.06
C VAL G 286 19.64 -0.64 14.52
N PHE G 287 19.64 -1.62 15.41
CA PHE G 287 19.52 -3.01 14.99
C PHE G 287 18.11 -3.31 14.53
N SER G 288 17.97 -4.44 13.84
CA SER G 288 16.66 -4.93 13.45
C SER G 288 16.09 -5.78 14.58
N GLY G 289 14.82 -5.53 14.91
CA GLY G 289 14.24 -6.14 16.08
C GLY G 289 14.48 -5.39 17.37
N GLU G 290 15.20 -4.27 17.32
CA GLU G 290 15.51 -3.49 18.51
C GLU G 290 14.22 -2.90 19.09
N GLN G 291 13.75 -3.46 20.19
CA GLN G 291 12.60 -2.94 20.91
C GLN G 291 13.12 -1.98 21.98
N LEU G 292 12.88 -0.69 21.79
CA LEU G 292 13.47 0.35 22.63
C LEU G 292 13.05 0.20 24.09
N VAL G 293 13.99 -0.19 24.94
CA VAL G 293 13.75 -0.27 26.38
C VAL G 293 14.08 1.08 27.00
N SER G 294 13.21 1.54 27.89
CA SER G 294 13.34 2.86 28.49
C SER G 294 13.99 2.82 29.87
N ASP G 295 14.67 1.72 30.20
CA ASP G 295 15.33 1.61 31.50
C ASP G 295 16.69 2.32 31.53
N VAL G 296 17.24 2.66 30.37
CA VAL G 296 18.58 3.26 30.30
C VAL G 296 18.54 4.77 30.14
N ILE G 297 17.36 5.37 30.03
CA ILE G 297 17.24 6.82 29.89
C ILE G 297 17.54 7.52 31.23
N PRO G 298 17.18 6.97 32.43
CA PRO G 298 17.48 7.74 33.65
C PRO G 298 18.92 7.59 34.09
N ILE G 299 19.78 7.12 33.19
CA ILE G 299 21.17 6.81 33.50
C ILE G 299 22.04 7.94 32.97
N ARG G 300 23.01 8.36 33.79
CA ARG G 300 23.81 9.56 33.52
C ARG G 300 25.29 9.21 33.55
N ASP G 301 25.69 8.25 32.73
CA ASP G 301 27.11 7.98 32.61
C ASP G 301 27.70 8.90 31.55
N SER G 302 28.97 9.23 31.73
CA SER G 302 29.59 10.32 30.99
C SER G 302 30.87 9.94 30.26
N VAL G 303 31.59 10.95 29.78
CA VAL G 303 32.78 10.71 28.95
C VAL G 303 33.85 9.97 29.75
N GLN G 304 34.07 10.38 31.01
CA GLN G 304 35.25 9.91 31.74
C GLN G 304 35.19 8.41 32.01
N ASN G 305 34.02 7.89 32.36
CA ASN G 305 33.88 6.45 32.60
C ASN G 305 33.66 5.65 31.32
N PHE G 306 33.58 6.33 30.16
CA PHE G 306 33.37 5.63 28.90
C PHE G 306 34.45 4.59 28.65
N GLY G 307 35.71 4.93 28.94
CA GLY G 307 36.78 3.94 28.80
C GLY G 307 36.44 2.66 29.55
N ASP G 308 35.96 2.78 30.77
CA ASP G 308 35.52 1.61 31.51
C ASP G 308 34.26 1.01 30.90
N LEU G 309 33.32 1.87 30.48
CA LEU G 309 32.03 1.36 29.98
C LEU G 309 32.20 0.59 28.68
N CYS G 310 33.08 1.06 27.80
CA CYS G 310 33.35 0.35 26.58
C CYS G 310 34.20 -0.90 26.80
N ARG G 311 34.52 -1.25 28.05
CA ARG G 311 35.24 -2.48 28.30
C ARG G 311 34.34 -3.72 28.19
N GLU G 312 33.02 -3.56 28.36
CA GLU G 312 32.10 -4.69 28.34
C GLU G 312 31.58 -4.99 26.93
N ILE G 313 32.38 -4.68 25.92
CA ILE G 313 32.09 -5.06 24.54
C ILE G 313 32.91 -6.33 24.28
N ARG G 314 32.28 -7.49 24.37
CA ARG G 314 33.04 -8.73 24.22
C ARG G 314 33.23 -8.99 22.74
N GLN G 315 34.46 -9.34 22.35
CA GLN G 315 34.78 -9.50 20.94
C GLN G 315 35.58 -10.79 20.78
N HIS G 316 35.04 -11.75 20.03
CA HIS G 316 35.69 -13.02 19.81
C HIS G 316 35.97 -13.23 18.33
N GLU G 317 37.00 -14.03 18.06
CA GLU G 317 37.45 -14.31 16.71
C GLU G 317 37.40 -15.81 16.45
N ILE G 318 36.78 -16.19 15.33
CA ILE G 318 36.69 -17.57 14.89
C ILE G 318 37.49 -17.72 13.61
N LEU G 320 38.40 -19.59 10.02
CA LEU G 320 37.68 -20.26 8.95
C LEU G 320 38.70 -21.01 8.10
N THR G 321 38.56 -22.34 8.05
CA THR G 321 39.54 -23.19 7.42
C THR G 321 38.89 -24.04 6.34
N GLU G 323 40.15 -27.62 3.83
CA GLU G 323 41.15 -28.58 3.36
C GLU G 323 41.10 -28.68 1.83
N VAL G 324 42.27 -28.76 1.23
CA VAL G 324 42.43 -28.84 -0.22
C VAL G 324 42.33 -30.30 -0.66
N CYS G 325 41.88 -30.50 -1.91
CA CYS G 325 41.78 -31.84 -2.47
C CYS G 325 43.11 -32.56 -2.43
N ALA G 326 43.09 -33.82 -1.99
CA ALA G 326 44.28 -34.66 -1.92
C ALA G 326 45.40 -33.98 -1.11
N ILE H 22 -63.34 11.23 -36.54
CA ILE H 22 -64.03 9.96 -36.50
C ILE H 22 -63.91 9.33 -35.11
N PRO H 23 -65.05 8.99 -34.50
CA PRO H 23 -65.08 8.46 -33.14
C PRO H 23 -64.65 7.00 -33.00
N ILE H 24 -63.46 6.70 -33.53
CA ILE H 24 -62.89 5.36 -33.45
C ILE H 24 -61.64 5.41 -32.59
N LYS H 25 -61.35 4.29 -31.94
CA LYS H 25 -60.10 4.12 -31.21
C LYS H 25 -59.41 2.85 -31.71
N THR H 26 -58.09 2.89 -31.74
CA THR H 26 -57.28 1.77 -32.18
C THR H 26 -56.42 1.27 -31.03
N THR H 27 -56.24 -0.05 -30.95
CA THR H 27 -55.33 -0.62 -29.97
C THR H 27 -53.88 -0.50 -30.44
N HIS H 28 -53.62 -0.89 -31.67
CA HIS H 28 -52.29 -0.75 -32.27
C HIS H 28 -52.16 0.63 -32.89
N ALA H 29 -51.20 1.42 -32.41
CA ALA H 29 -50.95 2.71 -33.03
C ALA H 29 -50.36 2.53 -34.43
N ALA H 30 -49.62 1.45 -34.63
CA ALA H 30 -49.07 1.10 -35.93
C ALA H 30 -48.91 -0.41 -36.00
N LEU H 31 -48.77 -0.92 -37.22
CA LEU H 31 -48.56 -2.35 -37.44
C LEU H 31 -47.23 -2.53 -38.16
N SER H 32 -46.35 -3.33 -37.57
CA SER H 32 -45.05 -3.60 -38.15
C SER H 32 -44.87 -5.10 -38.28
N TRP H 33 -44.49 -5.56 -39.46
CA TRP H 33 -44.20 -6.95 -39.74
C TRP H 33 -42.71 -7.21 -39.62
N ASN H 34 -42.37 -8.48 -39.43
CA ASN H 34 -40.97 -8.89 -39.36
C ASN H 34 -40.41 -8.96 -40.78
N SER H 35 -39.39 -9.78 -40.99
CA SER H 35 -38.80 -9.90 -42.31
C SER H 35 -39.27 -11.22 -42.91
N LEU H 36 -39.84 -11.15 -44.10
CA LEU H 36 -40.54 -12.25 -44.73
C LEU H 36 -39.94 -12.52 -46.09
N LYS H 37 -39.84 -13.80 -46.45
CA LYS H 37 -39.27 -14.18 -47.73
C LYS H 37 -40.08 -13.59 -48.89
N ILE H 38 -39.38 -13.39 -50.02
CA ILE H 38 -40.05 -12.95 -51.24
C ILE H 38 -41.07 -14.00 -51.65
N GLY H 39 -42.28 -13.55 -51.97
CA GLY H 39 -43.34 -14.47 -52.34
C GLY H 39 -44.03 -15.13 -51.16
N LYS H 40 -44.00 -14.52 -50.00
CA LYS H 40 -44.70 -15.01 -48.81
C LYS H 40 -45.45 -13.87 -48.14
N SER H 41 -46.60 -14.19 -47.56
CA SER H 41 -47.50 -13.19 -47.01
C SER H 41 -47.82 -13.53 -45.56
N GLU H 42 -47.73 -12.53 -44.69
CA GLU H 42 -48.08 -12.67 -43.28
C GLU H 42 -49.26 -11.77 -42.95
N ILE H 43 -50.16 -12.26 -42.10
CA ILE H 43 -51.36 -11.53 -41.72
C ILE H 43 -51.19 -11.00 -40.30
N LYS H 44 -51.76 -9.84 -40.04
CA LYS H 44 -51.82 -9.30 -38.68
C LYS H 44 -53.15 -8.60 -38.45
N GLU H 45 -53.65 -8.73 -37.22
CA GLU H 45 -54.98 -8.26 -36.84
C GLU H 45 -54.88 -7.05 -35.90
N PHE H 46 -55.93 -6.24 -35.92
CA PHE H 46 -56.07 -5.13 -34.98
C PHE H 46 -57.55 -4.90 -34.75
N THR H 47 -57.91 -4.56 -33.52
CA THR H 47 -59.30 -4.34 -33.16
C THR H 47 -59.60 -2.84 -33.21
N ILE H 48 -60.86 -2.52 -33.47
CA ILE H 48 -61.31 -1.14 -33.58
C ILE H 48 -62.68 -1.02 -32.94
N ARG H 49 -62.87 0.04 -32.15
CA ARG H 49 -64.11 0.29 -31.44
C ARG H 49 -64.64 1.67 -31.81
N ASN H 50 -65.91 1.90 -31.49
CA ASN H 50 -66.55 3.20 -31.71
C ASN H 50 -66.64 3.91 -30.37
N THR H 51 -65.91 5.01 -30.22
CA THR H 51 -65.88 5.74 -28.97
C THR H 51 -67.15 6.55 -28.71
N SER H 52 -68.03 6.67 -29.71
CA SER H 52 -69.30 7.34 -29.55
C SER H 52 -70.43 6.35 -29.76
N ASN H 53 -71.58 6.66 -29.20
CA ASN H 53 -72.79 5.87 -29.41
C ASN H 53 -73.60 6.37 -30.59
N ASN H 54 -73.21 7.50 -31.18
CA ASN H 54 -73.79 7.97 -32.43
C ASN H 54 -73.11 7.23 -33.58
N LYS H 55 -73.91 6.54 -34.41
CA LYS H 55 -73.38 5.59 -35.37
C LYS H 55 -73.26 6.20 -36.75
N ILE H 56 -72.25 5.73 -37.49
CA ILE H 56 -71.99 6.19 -38.86
C ILE H 56 -71.13 5.13 -39.54
N LYS H 57 -71.25 5.05 -40.86
CA LYS H 57 -70.51 4.06 -41.63
C LYS H 57 -69.13 4.60 -41.98
N ILE H 58 -68.10 3.77 -41.77
CA ILE H 58 -66.71 4.20 -41.87
C ILE H 58 -66.06 3.52 -43.07
N GLN H 59 -65.02 4.15 -43.60
CA GLN H 59 -64.24 3.63 -44.72
C GLN H 59 -62.82 3.31 -44.26
N ALA H 60 -62.19 2.36 -44.95
CA ALA H 60 -60.79 2.03 -44.74
C ALA H 60 -60.10 1.92 -46.09
N THR H 61 -58.93 2.57 -46.21
CA THR H 61 -58.21 2.61 -47.48
C THR H 61 -56.74 2.37 -47.22
N ILE H 62 -56.15 1.45 -47.97
CA ILE H 62 -54.72 1.17 -47.89
C ILE H 62 -53.99 2.01 -48.93
N SER H 63 -53.18 2.97 -48.46
CA SER H 63 -52.36 3.76 -49.37
C SER H 63 -51.06 3.01 -49.64
N ASP H 64 -51.20 1.95 -50.44
CA ASP H 64 -50.07 1.09 -50.77
C ASP H 64 -49.37 1.58 -52.02
N SER H 65 -48.07 1.80 -51.93
CA SER H 65 -47.33 2.30 -53.08
C SER H 65 -46.83 1.17 -53.97
N GLU H 66 -46.41 0.06 -53.37
CA GLU H 66 -45.81 -1.06 -54.07
C GLU H 66 -46.68 -2.33 -54.01
N LYS H 67 -47.96 -2.19 -53.63
CA LYS H 67 -48.87 -3.34 -53.49
C LYS H 67 -48.34 -4.29 -52.41
N ASN H 68 -47.88 -3.72 -51.31
CA ASN H 68 -47.35 -4.49 -50.20
C ASN H 68 -48.42 -4.93 -49.19
N PHE H 69 -49.46 -4.13 -48.99
CA PHE H 69 -50.46 -4.44 -47.97
C PHE H 69 -51.84 -4.53 -48.61
N ARG H 70 -52.62 -5.53 -48.18
CA ARG H 70 -53.98 -5.72 -48.65
C ARG H 70 -54.89 -6.09 -47.49
N PHE H 71 -56.18 -6.21 -47.80
CA PHE H 71 -57.19 -6.73 -46.90
C PHE H 71 -57.59 -8.12 -47.38
N LEU H 72 -58.27 -8.86 -46.51
CA LEU H 72 -58.76 -10.18 -46.89
C LEU H 72 -59.95 -10.08 -47.83
N THR H 80 -58.29 -3.26 -51.68
CA THR H 80 -57.44 -2.16 -51.22
C THR H 80 -58.27 -1.07 -50.57
N THR H 81 -59.59 -1.23 -50.59
CA THR H 81 -60.51 -0.26 -50.00
C THR H 81 -61.77 -0.98 -49.57
N ILE H 82 -62.17 -0.79 -48.31
CA ILE H 82 -63.36 -1.42 -47.76
C ILE H 82 -64.21 -0.36 -47.07
N VAL H 83 -65.48 -0.71 -46.86
CA VAL H 83 -66.41 0.12 -46.10
C VAL H 83 -67.12 -0.77 -45.10
N LEU H 84 -67.26 -0.30 -43.87
CA LEU H 84 -67.74 -1.12 -42.78
C LEU H 84 -68.69 -0.33 -41.89
N ALA H 85 -69.71 -1.02 -41.38
CA ALA H 85 -70.69 -0.42 -40.48
C ALA H 85 -70.34 -0.79 -39.04
N LEU H 86 -70.57 0.16 -38.13
CA LEU H 86 -70.26 -0.02 -36.72
C LEU H 86 -71.52 0.19 -35.89
N GLN H 87 -71.80 -0.75 -35.00
CA GLN H 87 -72.95 -0.66 -34.11
C GLN H 87 -72.50 -0.12 -32.75
N GLY H 88 -73.49 0.26 -31.93
CA GLY H 88 -73.23 0.97 -30.68
C GLY H 88 -72.33 0.24 -29.71
N SER H 89 -71.09 0.72 -29.59
CA SER H 89 -70.02 0.15 -28.76
C SER H 89 -69.58 -1.23 -29.22
N GLU H 90 -70.02 -1.69 -30.39
CA GLU H 90 -69.46 -2.90 -30.98
C GLU H 90 -68.09 -2.61 -31.58
N SER H 91 -67.19 -3.58 -31.46
CA SER H 91 -65.81 -3.47 -31.93
C SER H 91 -65.53 -4.57 -32.94
N ARG H 92 -64.99 -4.19 -34.10
CA ARG H 92 -64.68 -5.12 -35.17
C ARG H 92 -63.17 -5.39 -35.21
N THR H 93 -62.82 -6.60 -35.62
CA THR H 93 -61.42 -6.98 -35.76
C THR H 93 -61.07 -7.00 -37.23
N LEU H 94 -60.22 -6.07 -37.66
CA LEU H 94 -59.78 -6.02 -39.04
C LEU H 94 -58.39 -6.64 -39.15
N SER H 95 -58.14 -7.31 -40.27
CA SER H 95 -56.88 -8.01 -40.47
C SER H 95 -56.33 -7.64 -41.83
N VAL H 96 -55.04 -7.31 -41.87
CA VAL H 96 -54.37 -6.91 -43.10
C VAL H 96 -53.21 -7.86 -43.36
N VAL H 97 -53.00 -8.16 -44.65
CA VAL H 97 -51.96 -9.07 -45.08
C VAL H 97 -50.85 -8.28 -45.75
N PHE H 98 -49.63 -8.80 -45.64
CA PHE H 98 -48.44 -8.17 -46.18
C PHE H 98 -47.64 -9.20 -46.97
N SER H 99 -47.38 -8.89 -48.24
CA SER H 99 -46.58 -9.76 -49.10
C SER H 99 -45.59 -8.89 -49.86
N PRO H 100 -44.34 -8.82 -49.40
CA PRO H 100 -43.34 -8.00 -50.11
C PRO H 100 -42.99 -8.63 -51.44
N HIS H 101 -43.32 -7.96 -52.55
CA HIS H 101 -43.06 -8.58 -53.84
C HIS H 101 -41.56 -8.54 -54.17
N HIS H 102 -40.90 -7.44 -53.87
CA HIS H 102 -39.45 -7.34 -54.03
C HIS H 102 -38.82 -7.17 -52.65
N ILE H 103 -37.64 -7.75 -52.47
CA ILE H 103 -36.87 -7.51 -51.25
C ILE H 103 -36.62 -6.03 -51.08
N GLY H 104 -36.86 -5.53 -49.87
CA GLY H 104 -36.80 -4.09 -49.61
C GLY H 104 -37.89 -3.56 -48.71
N ALA H 105 -37.83 -2.28 -48.37
CA ALA H 105 -38.72 -1.69 -47.39
C ALA H 105 -40.14 -1.55 -47.92
N ALA H 106 -41.08 -1.41 -46.98
CA ALA H 106 -42.49 -1.24 -47.30
C ALA H 106 -43.11 -0.37 -46.23
N SER H 107 -43.63 0.79 -46.63
CA SER H 107 -44.26 1.73 -45.73
C SER H 107 -45.62 2.09 -46.30
N GLY H 108 -46.65 2.04 -45.46
CA GLY H 108 -48.00 2.27 -45.93
C GLY H 108 -48.81 3.03 -44.89
N LYS H 109 -49.89 3.63 -45.38
CA LYS H 109 -50.82 4.38 -44.56
C LYS H 109 -52.22 3.85 -44.80
N ILE H 110 -52.96 3.66 -43.72
CA ILE H 110 -54.37 3.30 -43.83
C ILE H 110 -55.19 4.54 -43.55
N ILE H 111 -56.29 4.70 -44.29
CA ILE H 111 -57.14 5.87 -44.18
C ILE H 111 -58.46 5.44 -43.56
N PHE H 112 -58.95 6.23 -42.62
CA PHE H 112 -60.28 6.05 -42.05
C PHE H 112 -61.14 7.23 -42.46
N ARG H 113 -62.26 6.94 -43.11
CA ARG H 113 -63.12 7.95 -43.72
C ARG H 113 -64.57 7.73 -43.32
N HIS H 114 -65.24 8.81 -42.97
CA HIS H 114 -66.69 8.81 -43.08
C HIS H 114 -67.04 8.52 -44.54
N TYR H 115 -68.10 7.76 -44.75
CA TYR H 115 -68.49 7.44 -46.12
C TYR H 115 -68.93 8.74 -46.77
N GLN H 116 -68.02 9.38 -47.51
CA GLN H 116 -68.25 10.71 -48.07
C GLN H 116 -67.69 10.82 -49.47
N PRO H 126 -61.13 15.30 -41.13
CA PRO H 126 -60.83 14.59 -39.89
C PRO H 126 -60.12 13.26 -40.14
N SER H 127 -58.90 13.33 -40.67
CA SER H 127 -58.18 12.12 -41.06
C SER H 127 -57.69 11.36 -39.83
N ARG H 128 -58.00 10.07 -39.77
CA ARG H 128 -57.51 9.18 -38.72
C ARG H 128 -56.68 8.10 -39.38
N GLN H 129 -55.42 7.97 -38.96
CA GLN H 129 -54.48 7.11 -39.64
C GLN H 129 -53.65 6.31 -38.65
N ILE H 130 -53.39 5.05 -38.98
CA ILE H 130 -52.37 4.23 -38.35
C ILE H 130 -51.42 3.76 -39.44
N PHE H 131 -50.15 3.60 -39.08
CA PHE H 131 -49.08 3.35 -40.04
C PHE H 131 -48.78 1.86 -40.14
N LEU H 132 -48.31 1.45 -41.31
CA LEU H 132 -48.04 0.05 -41.61
C LEU H 132 -46.59 -0.04 -42.04
N TYR H 133 -45.87 -1.01 -41.50
CA TYR H 133 -44.43 -1.13 -41.71
C TYR H 133 -44.08 -2.58 -42.00
N GLY H 134 -43.22 -2.78 -42.98
CA GLY H 134 -42.78 -4.12 -43.33
C GLY H 134 -41.47 -4.03 -44.08
N TYR H 135 -40.80 -5.16 -44.20
CA TYR H 135 -39.53 -5.18 -44.89
C TYR H 135 -39.28 -6.59 -45.39
N GLY H 136 -39.00 -6.72 -46.69
CA GLY H 136 -39.03 -8.00 -47.36
C GLY H 136 -37.64 -8.50 -47.72
N GLY H 137 -37.53 -9.82 -47.81
CA GLY H 137 -36.26 -10.51 -47.83
C GLY H 137 -36.11 -11.41 -46.60
N TYR H 138 -35.04 -12.19 -46.62
CA TYR H 138 -34.80 -13.09 -45.50
C TYR H 138 -33.31 -13.40 -45.43
N SER H 139 -32.95 -14.10 -44.36
CA SER H 139 -31.60 -14.59 -44.19
C SER H 139 -31.68 -15.93 -43.48
N LYS H 140 -30.96 -16.92 -44.00
CA LYS H 140 -30.94 -18.27 -43.42
C LYS H 140 -29.49 -18.67 -43.24
N VAL H 141 -28.96 -18.40 -42.04
CA VAL H 141 -27.61 -18.85 -41.73
C VAL H 141 -27.65 -20.35 -41.51
N GLU H 142 -26.99 -21.09 -42.37
CA GLU H 142 -26.94 -22.54 -42.32
C GLU H 142 -25.62 -22.96 -41.72
N ILE H 143 -25.70 -23.72 -40.64
CA ILE H 143 -24.54 -24.32 -40.00
C ILE H 143 -24.26 -25.65 -40.69
N SER H 144 -23.00 -25.88 -41.03
CA SER H 144 -22.61 -27.06 -41.79
C SER H 144 -21.31 -27.60 -41.21
N GLU H 145 -21.02 -28.85 -41.54
CA GLU H 145 -19.92 -29.63 -41.00
C GLU H 145 -20.13 -29.94 -39.53
N VAL H 146 -21.37 -29.83 -39.07
CA VAL H 146 -21.76 -30.23 -37.72
C VAL H 146 -22.70 -31.43 -37.87
N PHE H 147 -22.84 -32.19 -36.78
CA PHE H 147 -23.68 -33.37 -36.78
C PHE H 147 -25.06 -33.04 -36.23
N LYS H 148 -26.09 -33.50 -36.93
CA LYS H 148 -27.48 -33.22 -36.60
C LYS H 148 -28.24 -34.52 -36.37
N ASP H 149 -29.07 -34.54 -35.33
CA ASP H 149 -29.83 -35.72 -34.97
C ASP H 149 -31.18 -35.70 -35.67
N THR H 150 -31.82 -36.88 -35.72
CA THR H 150 -33.20 -36.94 -36.18
C THR H 150 -34.10 -36.06 -35.35
N ASN H 151 -33.80 -35.93 -34.06
CA ASN H 151 -34.55 -35.00 -33.21
C ASN H 151 -34.35 -33.57 -33.67
N GLY H 152 -33.09 -33.18 -33.91
CA GLY H 152 -32.80 -31.89 -34.49
C GLY H 152 -31.61 -31.14 -33.91
N LYS H 153 -31.25 -31.40 -32.67
CA LYS H 153 -30.17 -30.66 -32.04
C LYS H 153 -28.82 -31.07 -32.62
N TRP H 155 -24.43 -31.31 -32.97
CA TRP H 155 -23.39 -32.00 -32.20
C TRP H 155 -22.05 -31.81 -32.88
N LEU H 156 -21.04 -31.40 -32.12
CA LEU H 156 -19.68 -31.22 -32.62
C LEU H 156 -18.72 -32.00 -31.74
N SER H 157 -17.96 -32.90 -32.34
CA SER H 157 -16.99 -33.72 -31.63
C SER H 157 -15.59 -33.23 -31.93
N PHE H 158 -14.76 -33.10 -30.88
CA PHE H 158 -13.37 -32.71 -31.08
C PHE H 158 -12.47 -33.87 -31.45
N GLY H 159 -12.78 -35.07 -30.96
CA GLY H 159 -11.94 -36.22 -31.20
C GLY H 159 -11.42 -36.85 -29.92
N LEU H 161 -8.15 -36.88 -26.90
CA LEU H 161 -7.03 -36.15 -26.31
C LEU H 161 -5.73 -36.93 -26.49
N ASN H 162 -4.89 -36.48 -27.41
CA ASN H 162 -3.53 -36.99 -27.52
C ASN H 162 -2.63 -36.27 -26.52
N SER H 163 -1.70 -37.02 -25.94
CA SER H 163 -0.80 -36.45 -24.93
C SER H 163 0.00 -35.29 -25.51
N GLU H 164 0.21 -34.26 -24.69
CA GLU H 164 1.01 -33.08 -25.03
C GLU H 164 0.39 -32.28 -26.18
N ASN H 165 -0.80 -32.66 -26.64
CA ASN H 165 -1.50 -31.96 -27.69
C ASN H 165 -2.82 -31.39 -27.17
N SER H 166 -3.40 -30.52 -27.98
CA SER H 166 -4.70 -29.90 -27.72
C SER H 166 -5.63 -30.20 -28.89
N LEU H 167 -6.91 -29.93 -28.70
CA LEU H 167 -7.90 -30.34 -29.69
C LEU H 167 -8.43 -29.13 -30.44
N ASN H 168 -9.02 -29.39 -31.61
CA ASN H 168 -9.48 -28.30 -32.47
C ASN H 168 -10.50 -28.83 -33.46
N ALA H 169 -11.44 -27.96 -33.82
CA ALA H 169 -12.49 -28.29 -34.78
C ALA H 169 -12.93 -27.01 -35.48
N LYS H 170 -13.80 -27.17 -36.48
CA LYS H 170 -14.25 -26.04 -37.29
C LYS H 170 -15.71 -26.25 -37.69
N ILE H 171 -16.39 -25.13 -37.94
CA ILE H 171 -17.80 -25.10 -38.32
C ILE H 171 -17.94 -24.17 -39.52
N LYS H 172 -18.88 -24.50 -40.41
CA LYS H 172 -19.14 -23.70 -41.61
C LYS H 172 -20.44 -22.94 -41.45
N LEU H 173 -20.42 -21.65 -41.78
CA LEU H 173 -21.61 -20.81 -41.72
C LEU H 173 -21.85 -20.19 -43.09
N GLN H 174 -23.00 -20.50 -43.70
CA GLN H 174 -23.32 -19.97 -45.03
C GLN H 174 -24.66 -19.28 -45.01
N ASN H 175 -24.72 -18.06 -45.53
CA ASN H 175 -25.98 -17.33 -45.65
C ASN H 175 -26.56 -17.60 -47.04
N THR H 176 -27.62 -18.40 -47.08
CA THR H 176 -28.29 -18.72 -48.35
C THR H 176 -29.54 -17.90 -48.57
N GLY H 177 -29.68 -16.78 -47.87
CA GLY H 177 -30.84 -15.94 -47.93
C GLY H 177 -30.71 -14.80 -48.92
N ASP H 178 -31.60 -13.81 -48.78
CA ASP H 178 -31.60 -12.65 -49.65
C ASP H 178 -31.14 -11.37 -48.95
N LEU H 179 -31.16 -11.33 -47.62
CA LEU H 179 -30.72 -10.18 -46.86
C LEU H 179 -29.39 -10.48 -46.18
N CYS H 180 -28.76 -9.43 -45.68
CA CYS H 180 -27.55 -9.60 -44.90
C CYS H 180 -27.87 -10.31 -43.58
N SER H 181 -26.92 -11.09 -43.09
CA SER H 181 -27.11 -11.88 -41.89
C SER H 181 -26.09 -11.49 -40.84
N TYR H 182 -26.46 -11.63 -39.57
CA TYR H 182 -25.61 -11.27 -38.46
C TYR H 182 -25.48 -12.49 -37.55
N VAL H 183 -24.25 -12.71 -37.05
CA VAL H 183 -23.93 -13.91 -36.27
C VAL H 183 -23.02 -13.51 -35.10
N LYS H 184 -23.51 -13.70 -33.88
CA LYS H 184 -22.72 -13.57 -32.66
C LYS H 184 -22.73 -14.92 -31.94
N ILE H 185 -21.54 -15.47 -31.68
CA ILE H 185 -21.41 -16.77 -31.03
C ILE H 185 -20.81 -16.59 -29.65
N LYS H 186 -21.32 -17.37 -28.70
CA LYS H 186 -20.90 -17.32 -27.30
C LYS H 186 -20.69 -18.75 -26.81
N LEU H 187 -19.53 -19.00 -26.22
CA LEU H 187 -19.15 -20.34 -25.79
C LEU H 187 -19.27 -20.45 -24.27
N THR H 188 -19.85 -21.56 -23.81
CA THR H 188 -20.05 -21.82 -22.38
C THR H 188 -19.45 -23.17 -22.04
N PRO H 189 -18.34 -23.20 -21.29
CA PRO H 189 -17.78 -24.49 -20.88
C PRO H 189 -18.64 -25.18 -19.84
N LYS H 190 -18.43 -26.50 -19.72
CA LYS H 190 -19.19 -27.28 -18.77
C LYS H 190 -18.61 -27.18 -17.36
N ALA H 191 -17.29 -27.15 -17.23
CA ALA H 191 -16.65 -26.99 -15.94
C ALA H 191 -16.64 -25.52 -15.52
N VAL H 192 -16.45 -25.29 -14.22
CA VAL H 192 -16.56 -23.96 -13.62
C VAL H 192 -15.30 -23.70 -12.80
N TYR H 193 -14.26 -23.17 -13.44
CA TYR H 193 -13.06 -22.69 -12.80
C TYR H 193 -12.73 -21.30 -13.30
N PRO H 194 -11.94 -20.51 -12.55
CA PRO H 194 -11.80 -19.08 -12.89
C PRO H 194 -11.26 -18.79 -14.27
N THR H 195 -10.31 -19.57 -14.78
CA THR H 195 -9.71 -19.34 -16.09
C THR H 195 -10.33 -20.22 -17.17
N ILE H 197 -12.22 -19.57 -19.60
CA ILE H 197 -12.39 -18.98 -20.93
C ILE H 197 -11.03 -18.94 -21.61
N SER H 198 -9.96 -18.87 -20.81
CA SER H 198 -8.61 -18.83 -21.38
C SER H 198 -8.22 -20.15 -22.03
N SER H 199 -8.85 -21.25 -21.63
CA SER H 199 -8.56 -22.56 -22.23
C SER H 199 -9.22 -22.74 -23.58
N TRP H 200 -10.24 -21.94 -23.89
CA TRP H 200 -10.94 -21.99 -25.16
C TRP H 200 -10.50 -20.82 -26.04
N GLN H 201 -10.32 -21.09 -27.33
CA GLN H 201 -10.05 -20.03 -28.30
C GLN H 201 -10.96 -20.22 -29.51
N VAL H 202 -11.89 -19.28 -29.69
CA VAL H 202 -12.90 -19.35 -30.74
C VAL H 202 -12.80 -18.11 -31.61
N ASN H 203 -12.78 -18.30 -32.93
CA ASN H 203 -12.71 -17.17 -33.86
C ASN H 203 -13.37 -17.48 -35.20
N PRO H 204 -14.14 -16.54 -35.78
CA PRO H 204 -14.52 -15.22 -35.26
C PRO H 204 -15.68 -15.27 -34.27
N THR H 205 -15.61 -14.48 -33.20
CA THR H 205 -16.66 -14.49 -32.19
C THR H 205 -17.94 -13.81 -32.66
N GLU H 206 -17.83 -12.74 -33.46
CA GLU H 206 -19.02 -12.06 -33.94
C GLU H 206 -18.71 -11.35 -35.25
N LEU H 207 -19.66 -11.35 -36.18
CA LEU H 207 -19.45 -10.76 -37.49
C LEU H 207 -20.78 -10.72 -38.25
N LEU H 208 -20.71 -10.15 -39.46
CA LEU H 208 -21.81 -10.14 -40.41
C LEU H 208 -21.42 -10.97 -41.62
N LEU H 209 -22.43 -11.56 -42.26
CA LEU H 209 -22.25 -12.45 -43.39
C LEU H 209 -23.16 -11.99 -44.51
N ASN H 210 -22.59 -11.70 -45.66
CA ASN H 210 -23.36 -11.34 -46.84
C ASN H 210 -24.04 -12.60 -47.40
N PRO H 211 -25.08 -12.43 -48.23
CA PRO H 211 -25.72 -13.61 -48.82
C PRO H 211 -24.75 -14.41 -49.68
N LYS H 212 -24.77 -15.73 -49.47
CA LYS H 212 -23.91 -16.70 -50.14
C LYS H 212 -22.43 -16.50 -49.82
N GLU H 213 -22.14 -15.83 -48.70
CA GLU H 213 -20.78 -15.72 -48.21
C GLU H 213 -20.52 -16.81 -47.19
N VAL H 214 -19.29 -17.30 -47.16
CA VAL H 214 -18.90 -18.40 -46.28
C VAL H 214 -17.87 -17.89 -45.27
N GLN H 215 -18.06 -18.25 -44.01
CA GLN H 215 -17.09 -17.96 -42.95
C GLN H 215 -16.94 -19.21 -42.10
N TRP H 216 -15.69 -19.54 -41.78
CA TRP H 216 -15.38 -20.71 -40.95
C TRP H 216 -15.07 -20.27 -39.53
N VAL H 217 -15.72 -20.93 -38.57
CA VAL H 217 -15.48 -20.68 -37.15
C VAL H 217 -14.59 -21.79 -36.61
N THR H 218 -13.44 -21.41 -36.06
CA THR H 218 -12.48 -22.36 -35.52
C THR H 218 -12.53 -22.33 -34.00
N LEU H 219 -12.53 -23.53 -33.41
CA LEU H 219 -12.63 -23.73 -31.97
C LEU H 219 -11.48 -24.62 -31.53
N GLU H 220 -10.59 -24.09 -30.70
CA GLU H 220 -9.53 -24.90 -30.11
C GLU H 220 -9.72 -24.99 -28.61
N PHE H 221 -9.48 -26.17 -28.07
CA PHE H 221 -9.70 -26.48 -26.66
C PHE H 221 -8.45 -27.14 -26.08
N HIS H 222 -7.87 -26.46 -25.07
CA HIS H 222 -6.73 -26.92 -24.29
C HIS H 222 -7.25 -27.45 -22.95
N PRO H 223 -7.49 -28.75 -22.80
CA PRO H 223 -8.10 -29.23 -21.56
C PRO H 223 -7.16 -29.08 -20.38
N ARG H 224 -7.66 -28.46 -19.32
CA ARG H 224 -6.98 -28.37 -18.04
C ARG H 224 -7.48 -29.44 -17.08
N LYS H 225 -6.74 -29.63 -15.99
CA LYS H 225 -7.09 -30.66 -15.02
C LYS H 225 -8.49 -30.47 -14.48
N GLU H 226 -8.98 -29.23 -14.40
CA GLU H 226 -10.32 -29.02 -13.88
C GLU H 226 -11.38 -29.47 -14.88
N ASP H 227 -11.09 -29.37 -16.18
CA ASP H 227 -12.02 -29.86 -17.19
C ASP H 227 -12.06 -31.39 -17.21
N LEU H 228 -10.88 -32.02 -17.24
CA LEU H 228 -10.81 -33.47 -17.34
C LEU H 228 -11.20 -34.17 -16.04
N ALA H 229 -11.08 -33.47 -14.89
CA ALA H 229 -11.41 -34.09 -13.61
C ALA H 229 -12.86 -34.54 -13.55
N LEU H 230 -13.75 -33.85 -14.26
CA LEU H 230 -15.15 -34.26 -14.31
C LEU H 230 -15.45 -35.16 -15.51
N LEU H 231 -14.77 -34.96 -16.63
CA LEU H 231 -15.00 -35.76 -17.83
C LEU H 231 -14.49 -37.19 -17.68
N GLN H 232 -13.75 -37.47 -16.60
CA GLN H 232 -13.18 -38.79 -16.36
C GLN H 232 -14.19 -39.92 -16.54
N LYS H 233 -15.35 -39.80 -15.88
CA LYS H 233 -16.15 -40.98 -15.54
C LYS H 233 -16.60 -41.74 -16.79
N SER H 234 -17.07 -41.04 -17.81
CA SER H 234 -17.62 -41.69 -18.99
C SER H 234 -16.59 -41.74 -20.12
N ASP H 235 -16.97 -42.42 -21.21
CA ASP H 235 -16.10 -42.51 -22.38
C ASP H 235 -16.35 -41.39 -23.38
N VAL H 236 -17.59 -40.92 -23.51
CA VAL H 236 -17.92 -39.78 -24.35
C VAL H 236 -18.48 -38.71 -23.43
N SER H 237 -17.76 -37.60 -23.30
CA SER H 237 -18.02 -36.60 -22.28
C SER H 237 -18.44 -35.27 -22.90
N HIS H 238 -19.55 -34.72 -22.42
CA HIS H 238 -19.96 -33.38 -22.79
C HIS H 238 -19.00 -32.36 -22.16
N VAL H 239 -18.32 -31.59 -23.00
CA VAL H 239 -17.28 -30.68 -22.53
C VAL H 239 -17.71 -29.22 -22.59
N GLY H 240 -18.64 -28.85 -23.48
CA GLY H 240 -19.06 -27.46 -23.56
C GLY H 240 -20.24 -27.32 -24.50
N THR H 241 -20.77 -26.09 -24.55
CA THR H 241 -21.91 -25.78 -25.41
C THR H 241 -21.70 -24.43 -26.06
N LEU H 242 -21.93 -24.36 -27.37
CA LEU H 242 -21.74 -23.13 -28.13
C LEU H 242 -23.09 -22.61 -28.59
N LEU H 243 -23.48 -21.44 -28.07
CA LEU H 243 -24.72 -20.80 -28.46
C LEU H 243 -24.42 -19.85 -29.61
N ILE H 244 -25.14 -20.01 -30.70
CA ILE H 244 -24.97 -19.17 -31.88
C ILE H 244 -26.27 -18.40 -32.10
N THR H 245 -26.20 -17.08 -31.93
CA THR H 245 -27.32 -16.19 -32.22
C THR H 245 -27.11 -15.60 -33.60
N HIS H 246 -28.08 -15.80 -34.49
CA HIS H 246 -27.95 -15.35 -35.86
C HIS H 246 -29.33 -14.94 -36.36
N GLY H 247 -29.30 -14.23 -37.49
CA GLY H 247 -30.54 -13.78 -38.10
C GLY H 247 -30.25 -12.72 -39.15
N ASP H 248 -31.28 -11.92 -39.43
CA ASP H 248 -31.18 -10.85 -40.41
C ASP H 248 -30.69 -9.55 -39.78
N GLU H 249 -29.80 -8.85 -40.51
CA GLU H 249 -29.23 -7.61 -40.00
C GLU H 249 -30.26 -6.50 -39.81
N PRO H 250 -31.16 -6.24 -40.77
CA PRO H 250 -32.08 -5.10 -40.59
C PRO H 250 -32.98 -5.22 -39.38
N THR H 251 -33.51 -6.42 -39.12
CA THR H 251 -34.29 -6.60 -37.90
C THR H 251 -33.43 -6.31 -36.68
N ARG H 252 -32.12 -6.53 -36.78
CA ARG H 252 -31.24 -6.17 -35.67
C ARG H 252 -31.14 -4.65 -35.52
N LEU H 253 -31.05 -3.91 -36.63
CA LEU H 253 -31.03 -2.45 -36.51
C LEU H 253 -32.33 -1.93 -35.90
N ARG H 254 -33.47 -2.48 -36.33
CA ARG H 254 -34.76 -2.04 -35.79
C ARG H 254 -34.89 -2.36 -34.30
N ILE H 255 -34.54 -3.59 -33.91
CA ILE H 255 -34.58 -3.96 -32.49
C ILE H 255 -33.59 -3.13 -31.70
N ARG H 256 -32.46 -2.78 -32.30
CA ARG H 256 -31.46 -1.96 -31.62
C ARG H 256 -32.01 -0.58 -31.31
N ARG H 257 -32.58 0.09 -32.31
CA ARG H 257 -33.15 1.41 -32.07
C ARG H 257 -34.27 1.35 -31.05
N LEU H 258 -35.16 0.36 -31.15
CA LEU H 258 -36.30 0.32 -30.23
C LEU H 258 -35.85 -0.02 -28.81
N TYR H 259 -34.86 -0.91 -28.68
CA TYR H 259 -34.35 -1.27 -27.36
C TYR H 259 -33.63 -0.09 -26.70
N LYS H 260 -32.84 0.65 -27.47
CA LYS H 260 -32.20 1.84 -26.90
C LYS H 260 -33.22 2.88 -26.50
N LYS H 261 -34.28 3.07 -27.30
CA LYS H 261 -35.33 4.00 -26.91
C LYS H 261 -36.01 3.57 -25.62
N LYS H 263 -34.77 1.73 -23.32
CA LYS H 263 -33.80 1.95 -22.25
C LYS H 263 -33.78 3.41 -21.81
N GLU H 264 -33.88 4.33 -22.77
CA GLU H 264 -33.93 5.75 -22.44
C GLU H 264 -35.22 6.11 -21.70
N THR H 265 -36.30 5.38 -21.96
CA THR H 265 -37.56 5.64 -21.28
C THR H 265 -37.58 5.09 -19.86
N GLY H 266 -36.63 4.23 -19.49
CA GLY H 266 -36.57 3.71 -18.14
C GLY H 266 -37.58 2.65 -17.82
N GLU H 267 -38.24 2.07 -18.83
CA GLU H 267 -39.23 1.04 -18.60
C GLU H 267 -38.60 -0.24 -18.07
N LEU H 268 -37.41 -0.59 -18.56
CA LEU H 268 -36.74 -1.83 -18.21
C LEU H 268 -35.56 -1.56 -17.28
N ASN H 269 -35.84 -1.56 -15.98
CA ASN H 269 -34.80 -1.37 -14.95
C ASN H 269 -35.18 -2.18 -13.72
N GLY H 270 -34.73 -3.45 -13.67
CA GLY H 270 -34.83 -4.22 -12.44
C GLY H 270 -34.84 -5.72 -12.64
N ASN H 271 -35.93 -6.37 -12.22
CA ASN H 271 -36.02 -7.82 -12.22
C ASN H 271 -36.77 -8.36 -13.44
N GLU H 272 -37.89 -7.75 -13.80
CA GLU H 272 -38.68 -8.21 -14.93
C GLU H 272 -37.95 -8.07 -16.26
N ASN H 273 -36.78 -7.41 -16.28
CA ASN H 273 -36.11 -7.16 -17.54
C ASN H 273 -34.61 -7.47 -17.53
N GLU H 274 -34.05 -7.91 -16.40
CA GLU H 274 -32.61 -8.21 -16.36
C GLU H 274 -32.25 -9.28 -17.39
N THR H 275 -33.01 -10.37 -17.43
CA THR H 275 -32.70 -11.46 -18.34
C THR H 275 -33.06 -11.10 -19.77
N PHE H 276 -34.12 -10.31 -19.97
CA PHE H 276 -34.47 -9.91 -21.32
C PHE H 276 -33.38 -9.03 -21.90
N ARG H 277 -32.88 -8.07 -21.11
CA ARG H 277 -31.73 -7.29 -21.51
C ARG H 277 -30.52 -8.18 -21.77
N ASN H 278 -30.26 -9.15 -20.88
CA ASN H 278 -29.11 -10.01 -21.06
C ASN H 278 -29.21 -10.83 -22.35
N ILE H 279 -30.42 -11.05 -22.86
CA ILE H 279 -30.57 -11.78 -24.11
C ILE H 279 -30.52 -10.84 -25.34
N VAL H 280 -31.05 -9.62 -25.23
CA VAL H 280 -31.17 -8.79 -26.43
C VAL H 280 -30.13 -7.67 -26.51
N HIS H 281 -29.43 -7.35 -25.42
CA HIS H 281 -28.43 -6.29 -25.45
C HIS H 281 -27.17 -6.69 -26.21
N PRO H 282 -26.52 -7.85 -25.93
CA PRO H 282 -25.23 -8.13 -26.57
C PRO H 282 -25.35 -8.26 -28.08
N ILE H 283 -26.57 -8.19 -28.58
CA ILE H 283 -26.81 -8.27 -30.01
C ILE H 283 -27.02 -6.89 -30.62
N CYS H 284 -27.35 -5.88 -29.81
CA CYS H 284 -27.53 -4.49 -30.24
C CYS H 284 -26.21 -3.73 -30.32
N LYS H 285 -25.08 -4.41 -30.12
CA LYS H 285 -23.80 -3.75 -30.19
C LYS H 285 -23.37 -3.55 -31.63
N VAL H 286 -22.49 -2.57 -31.84
CA VAL H 286 -21.93 -2.34 -33.17
C VAL H 286 -20.96 -3.47 -33.49
N PHE H 287 -21.32 -4.29 -34.48
CA PHE H 287 -20.47 -5.39 -34.91
C PHE H 287 -19.32 -4.87 -35.77
N SER H 288 -18.32 -5.73 -35.96
CA SER H 288 -17.20 -5.41 -36.84
C SER H 288 -17.61 -5.68 -38.29
N GLY H 289 -17.47 -4.67 -39.13
CA GLY H 289 -17.93 -4.75 -40.50
C GLY H 289 -19.34 -4.25 -40.74
N GLU H 290 -19.99 -3.71 -39.71
CA GLU H 290 -21.36 -3.23 -39.85
C GLU H 290 -21.39 -2.01 -40.77
N GLN H 291 -21.89 -2.21 -41.98
CA GLN H 291 -22.10 -1.11 -42.92
C GLN H 291 -23.51 -0.57 -42.68
N LEU H 292 -23.60 0.64 -42.12
CA LEU H 292 -24.89 1.18 -41.71
C LEU H 292 -25.82 1.34 -42.90
N VAL H 293 -26.86 0.51 -42.95
CA VAL H 293 -27.88 0.61 -43.99
C VAL H 293 -28.97 1.57 -43.52
N SER H 294 -29.36 2.49 -44.39
CA SER H 294 -30.35 3.52 -44.07
C SER H 294 -31.74 3.14 -44.56
N ASP H 295 -31.96 1.87 -44.90
CA ASP H 295 -33.26 1.41 -45.37
C ASP H 295 -34.24 1.15 -44.24
N VAL H 296 -33.76 1.05 -43.00
CA VAL H 296 -34.61 0.70 -41.86
C VAL H 296 -34.99 1.90 -41.02
N ILE H 297 -34.53 3.10 -41.38
CA ILE H 297 -34.87 4.30 -40.62
C ILE H 297 -36.32 4.78 -40.82
N PRO H 298 -36.97 4.60 -41.99
CA PRO H 298 -38.34 5.14 -42.10
C PRO H 298 -39.41 4.27 -41.45
N ILE H 299 -39.07 3.13 -40.88
CA ILE H 299 -40.05 2.25 -40.23
C ILE H 299 -39.85 2.35 -38.73
N ARG H 300 -40.79 3.02 -38.04
CA ARG H 300 -40.74 3.18 -36.60
C ARG H 300 -41.83 2.32 -35.96
N ASP H 301 -41.41 1.20 -35.35
CA ASP H 301 -42.31 0.38 -34.56
C ASP H 301 -42.12 0.66 -33.07
N SER H 302 -43.08 0.22 -32.27
CA SER H 302 -43.19 0.57 -30.86
C SER H 302 -43.14 -0.70 -30.01
N VAL H 303 -43.42 -0.52 -28.71
CA VAL H 303 -43.32 -1.61 -27.74
C VAL H 303 -44.27 -2.74 -28.11
N GLN H 304 -45.44 -2.41 -28.66
CA GLN H 304 -46.45 -3.44 -28.88
C GLN H 304 -45.97 -4.47 -29.89
N ASN H 305 -45.10 -4.08 -30.82
CA ASN H 305 -44.55 -4.99 -31.81
C ASN H 305 -43.15 -5.47 -31.45
N PHE H 306 -42.64 -5.12 -30.27
CA PHE H 306 -41.25 -5.45 -29.96
C PHE H 306 -41.07 -6.93 -29.67
N GLY H 307 -42.05 -7.57 -29.02
CA GLY H 307 -41.97 -9.01 -28.81
C GLY H 307 -42.03 -9.77 -30.11
N ASP H 308 -42.99 -9.42 -30.97
CA ASP H 308 -43.11 -10.07 -32.27
C ASP H 308 -41.91 -9.77 -33.15
N LEU H 309 -41.20 -8.67 -32.88
CA LEU H 309 -39.97 -8.35 -33.60
C LEU H 309 -38.80 -9.19 -33.09
N CYS H 310 -38.73 -9.40 -31.77
CA CYS H 310 -37.71 -10.25 -31.18
C CYS H 310 -37.99 -11.73 -31.43
N ARG H 311 -39.17 -12.04 -31.99
CA ARG H 311 -39.51 -13.43 -32.26
C ARG H 311 -38.55 -14.08 -33.26
N GLU H 312 -37.95 -13.28 -34.15
CA GLU H 312 -37.04 -13.81 -35.17
C GLU H 312 -35.56 -13.74 -34.77
N ILE H 313 -35.26 -13.80 -33.48
CA ILE H 313 -33.88 -13.87 -33.02
C ILE H 313 -33.51 -15.35 -32.97
N ARG H 314 -32.68 -15.80 -33.92
CA ARG H 314 -32.42 -17.22 -34.08
C ARG H 314 -31.28 -17.64 -33.15
N GLN H 315 -31.48 -18.74 -32.44
CA GLN H 315 -30.50 -19.21 -31.46
C GLN H 315 -30.38 -20.71 -31.56
N HIS H 316 -29.14 -21.20 -31.65
CA HIS H 316 -28.86 -22.63 -31.73
C HIS H 316 -27.82 -23.04 -30.69
N GLU H 317 -27.87 -24.31 -30.31
CA GLU H 317 -27.16 -24.87 -29.17
C GLU H 317 -26.25 -26.03 -29.57
N ILE H 318 -25.32 -25.79 -30.50
CA ILE H 318 -24.39 -26.84 -30.91
C ILE H 318 -23.67 -27.41 -29.71
N LEU H 320 -20.75 -29.50 -27.79
CA LEU H 320 -19.32 -29.77 -27.92
C LEU H 320 -18.99 -30.99 -27.07
N THR H 321 -18.54 -32.06 -27.72
CA THR H 321 -18.26 -33.33 -27.06
C THR H 321 -16.83 -33.76 -27.30
N GLU H 323 -14.42 -37.50 -26.60
CA GLU H 323 -14.52 -38.92 -26.23
C GLU H 323 -13.22 -39.36 -25.56
N VAL H 324 -13.31 -39.64 -24.26
CA VAL H 324 -12.18 -40.09 -23.45
C VAL H 324 -11.13 -39.00 -23.33
#